data_6HFY
#
_entry.id   6HFY
#
_cell.length_a   105.995
_cell.length_b   75.763
_cell.length_c   105.976
_cell.angle_alpha   90.00
_cell.angle_beta   90.50
_cell.angle_gamma   90.00
#
_symmetry.space_group_name_H-M   'P 1 21 1'
#
loop_
_entity.id
_entity.type
_entity.pdbx_description
1 polymer Neuraminidase
2 branched 2-acetamido-2-deoxy-beta-D-glucopyranose-(1-4)-2-acetamido-2-deoxy-beta-D-glucopyranose
3 branched alpha-D-mannopyranose-(1-3)-[alpha-D-mannopyranose-(1-6)]alpha-D-mannopyranose-(1-6)-[alpha-D-mannopyranose-(1-3)]beta-D-mannopyranose-(1-4)-2-acetamido-2-deoxy-beta-D-glucopyranose-(1-4)-2-acetamido-2-deoxy-beta-D-glucopyranose
4 branched alpha-D-mannopyranose-(1-3)-[alpha-D-mannopyranose-(1-6)]alpha-D-mannopyranose-(1-6)-beta-D-mannopyranose-(1-4)-2-acetamido-2-deoxy-beta-D-glucopyranose-(1-4)-2-acetamido-2-deoxy-beta-D-glucopyranose
5 non-polymer 2-acetamido-2-deoxy-beta-D-glucopyranose
6 non-polymer '2-DEOXY-2,3-DEHYDRO-N-ACETYL-NEURAMINIC ACID'
7 non-polymer GLYCEROL
8 non-polymer 'CALCIUM ION'
9 water water
#
_entity_poly.entity_id   1
_entity_poly.type   'polypeptide(L)'
_entity_poly.pdbx_seq_one_letter_code
;RTFLNLTKPLCEVNSWHILSKDNAIRIGEDAHILVTREPYLSCDPQGCRMFALSQGTTLRGRHANGTIHDRSPFRALISW
EMGQAPSPYNTRVECIGWSSTSCHDGMSRMSICMSGPNNNASAVVWYGGRPITEIPSWAGNILRTQESECVCHKGVCPVV
MTDGPANNRAATKIIYFKEGKIQKIEELAGNAQHIEECSCYGAGGVIKCICRDNWKGANRPVITIDPEMMTHTSKYLCSK
VLTDTSRPNDPTNGNCDAPITGGSPDPGVKGFAFLDGENSWLGRTISKDSRSGYEMLKVPNAETDIQSGPISNQVIVNNQ
NWSGYSGAFIDYWANKECFNPCFYVELIRGRPKESSVLWTSNSIVALCGSKKRLGSWSWHDGAEIIYFE
;
_entity_poly.pdbx_strand_id   A,B,C,D
#
# COMPACT_ATOMS: atom_id res chain seq x y z
N ARG A 1 -0.47 8.78 -26.84
CA ARG A 1 0.33 7.51 -26.58
C ARG A 1 0.67 6.76 -27.87
N THR A 2 1.96 6.56 -28.11
CA THR A 2 2.46 5.98 -29.35
C THR A 2 3.66 5.06 -29.09
N PHE A 3 4.03 4.29 -30.11
CA PHE A 3 5.26 3.54 -29.99
C PHE A 3 6.44 4.53 -29.92
N LEU A 4 7.38 4.25 -29.03
CA LEU A 4 8.60 4.99 -28.93
C LEU A 4 9.40 4.77 -30.21
N ASN A 5 10.04 5.84 -30.71
CA ASN A 5 11.07 5.67 -31.71
C ASN A 5 12.36 6.27 -31.15
N LEU A 6 13.50 5.83 -31.66
CA LEU A 6 14.78 6.12 -31.04
C LEU A 6 15.55 7.16 -31.88
N THR A 7 14.86 8.09 -32.55
CA THR A 7 15.54 8.98 -33.49
C THR A 7 16.46 10.00 -32.77
N LYS A 8 16.18 10.36 -31.54
CA LYS A 8 16.92 11.46 -30.86
C LYS A 8 18.37 11.05 -30.59
N PRO A 9 19.29 12.02 -30.57
CA PRO A 9 20.68 11.74 -30.22
C PRO A 9 20.86 11.63 -28.71
N LEU A 10 22.00 11.05 -28.28
CA LEU A 10 22.36 11.02 -26.92
C LEU A 10 22.69 12.45 -26.47
N CYS A 11 22.33 12.78 -25.23
CA CYS A 11 22.71 14.01 -24.66
C CYS A 11 24.23 14.03 -24.38
N GLU A 12 24.78 15.24 -24.42
CA GLU A 12 26.12 15.48 -23.95
C GLU A 12 26.20 15.14 -22.46
N VAL A 13 27.23 14.42 -22.02
CA VAL A 13 27.37 14.10 -20.61
C VAL A 13 28.77 14.50 -20.16
N ASN A 14 28.85 15.41 -19.17
CA ASN A 14 30.15 15.84 -18.59
C ASN A 14 30.31 15.32 -17.16
N SER A 15 29.21 14.96 -16.50
CA SER A 15 29.26 14.47 -15.15
C SER A 15 27.93 13.75 -14.90
N TRP A 16 27.81 13.12 -13.73
CA TRP A 16 26.65 12.31 -13.43
C TRP A 16 25.97 12.80 -12.15
N HIS A 17 24.64 12.98 -12.23
CA HIS A 17 23.80 13.47 -11.11
C HIS A 17 23.04 12.27 -10.52
N ILE A 18 22.75 12.36 -9.24
CA ILE A 18 22.03 11.30 -8.55
C ILE A 18 20.57 11.29 -8.98
N LEU A 19 20.09 10.11 -9.38
CA LEU A 19 18.70 9.91 -9.75
C LEU A 19 17.94 9.26 -8.59
N SER A 20 18.47 8.13 -8.09
CA SER A 20 17.77 7.35 -7.06
C SER A 20 18.79 6.53 -6.27
N LYS A 21 18.35 6.15 -5.06
CA LYS A 21 19.05 5.21 -4.22
C LYS A 21 18.03 4.66 -3.24
N ASP A 22 17.99 3.35 -3.05
CA ASP A 22 16.92 2.79 -2.29
C ASP A 22 17.37 2.35 -0.89
N ASN A 23 18.68 2.32 -0.61
CA ASN A 23 19.12 2.04 0.76
C ASN A 23 18.48 0.75 1.31
N ALA A 24 18.36 -0.27 0.46
CA ALA A 24 17.50 -1.39 0.74
C ALA A 24 18.09 -2.22 1.88
N ILE A 25 19.41 -2.32 1.94
CA ILE A 25 19.98 -3.22 3.00
C ILE A 25 19.90 -2.51 4.36
N ARG A 26 20.16 -1.18 4.42
CA ARG A 26 20.04 -0.44 5.66
C ARG A 26 18.60 -0.58 6.20
N ILE A 27 17.64 -0.35 5.31
CA ILE A 27 16.23 -0.41 5.69
C ILE A 27 15.80 -1.84 6.05
N GLY A 28 16.27 -2.80 5.27
CA GLY A 28 15.91 -4.19 5.42
C GLY A 28 16.56 -4.86 6.61
N GLU A 29 17.44 -4.15 7.28
CA GLU A 29 17.95 -4.69 8.54
C GLU A 29 16.82 -4.87 9.56
N ASP A 30 15.75 -4.10 9.40
CA ASP A 30 14.64 -4.10 10.41
C ASP A 30 13.28 -4.23 9.71
N ALA A 31 13.13 -3.71 8.52
CA ALA A 31 11.87 -3.70 7.84
C ALA A 31 11.81 -4.95 6.93
N HIS A 32 10.65 -5.20 6.35
CA HIS A 32 10.47 -6.44 5.61
C HIS A 32 10.87 -6.16 4.17
N ILE A 33 12.14 -6.39 3.86
CA ILE A 33 12.65 -6.09 2.56
C ILE A 33 13.06 -7.42 1.90
N LEU A 34 12.66 -7.59 0.65
CA LEU A 34 12.97 -8.83 -0.07
C LEU A 34 14.46 -8.90 -0.41
N VAL A 35 15.02 -10.09 -0.29
CA VAL A 35 16.35 -10.38 -0.82
C VAL A 35 16.26 -10.34 -2.35
N THR A 36 17.24 -9.65 -2.99
CA THR A 36 17.27 -9.52 -4.42
C THR A 36 18.72 -9.73 -4.90
N ARG A 37 18.83 -9.66 -6.21
CA ARG A 37 20.09 -9.44 -6.94
C ARG A 37 19.66 -9.16 -8.37
N GLU A 38 20.64 -8.78 -9.19
CA GLU A 38 20.43 -8.48 -10.62
C GLU A 38 19.35 -7.42 -10.78
N PRO A 39 19.51 -6.25 -10.13
CA PRO A 39 18.59 -5.13 -10.31
C PRO A 39 18.79 -4.36 -11.59
N TYR A 40 17.82 -3.51 -11.86
CA TYR A 40 17.96 -2.52 -12.93
C TYR A 40 16.88 -1.47 -12.79
N LEU A 41 16.84 -0.50 -13.72
CA LEU A 41 15.74 0.40 -13.81
C LEU A 41 15.25 0.36 -15.25
N SER A 42 13.98 0.71 -15.41
CA SER A 42 13.42 0.89 -16.69
C SER A 42 12.28 1.90 -16.56
N CYS A 43 12.04 2.67 -17.63
CA CYS A 43 11.13 3.77 -17.61
C CYS A 43 9.99 3.52 -18.60
N ASP A 44 9.00 4.41 -18.57
CA ASP A 44 7.85 4.37 -19.44
C ASP A 44 7.28 5.78 -19.46
N PRO A 45 6.20 6.08 -20.21
CA PRO A 45 5.73 7.44 -20.32
C PRO A 45 5.47 8.16 -18.96
N GLN A 46 5.21 7.39 -17.90
CA GLN A 46 4.79 7.87 -16.59
C GLN A 46 6.00 8.14 -15.67
N GLY A 47 7.16 7.55 -15.96
CA GLY A 47 8.29 7.67 -14.98
C GLY A 47 9.19 6.45 -15.09
N CYS A 48 9.91 6.18 -14.02
CA CYS A 48 10.83 5.11 -14.03
C CYS A 48 10.58 4.21 -12.83
N ARG A 49 10.92 2.94 -12.97
CA ARG A 49 10.73 1.97 -11.88
C ARG A 49 12.03 1.21 -11.67
N MET A 50 12.16 0.71 -10.44
CA MET A 50 13.18 -0.25 -10.15
C MET A 50 12.66 -1.70 -10.39
N PHE A 51 13.60 -2.58 -10.76
CA PHE A 51 13.41 -3.95 -11.08
C PHE A 51 14.52 -4.77 -10.43
N ALA A 52 14.27 -6.04 -10.13
CA ALA A 52 15.29 -6.96 -9.63
C ALA A 52 14.70 -8.38 -9.57
N LEU A 53 15.55 -9.39 -9.42
CA LEU A 53 15.13 -10.76 -9.20
C LEU A 53 15.08 -11.02 -7.70
N SER A 54 13.85 -11.15 -7.19
CA SER A 54 13.66 -11.51 -5.85
C SER A 54 14.21 -12.92 -5.62
N GLN A 55 14.60 -13.24 -4.37
CA GLN A 55 14.87 -14.59 -3.93
C GLN A 55 13.71 -15.24 -3.14
N GLY A 56 12.55 -14.55 -3.09
CA GLY A 56 11.37 -15.02 -2.44
C GLY A 56 11.57 -15.30 -0.96
N THR A 57 12.22 -14.34 -0.28
CA THR A 57 12.37 -14.30 1.12
C THR A 57 12.71 -12.87 1.50
N THR A 58 12.38 -12.48 2.72
CA THR A 58 13.00 -11.25 3.27
C THR A 58 14.45 -11.43 3.69
N LEU A 59 15.12 -10.27 3.83
CA LEU A 59 16.53 -10.19 4.16
C LEU A 59 16.78 -10.72 5.54
N ARG A 60 15.92 -10.35 6.49
CA ARG A 60 16.07 -10.82 7.88
C ARG A 60 15.47 -12.21 8.10
N GLY A 61 14.76 -12.74 7.12
CA GLY A 61 14.15 -14.06 7.25
C GLY A 61 15.21 -15.19 7.27
N ARG A 62 14.81 -16.29 7.85
CA ARG A 62 15.67 -17.48 7.92
C ARG A 62 15.91 -17.99 6.51
N HIS A 63 14.97 -17.75 5.57
CA HIS A 63 15.16 -18.23 4.21
C HIS A 63 16.19 -17.40 3.48
N ALA A 64 16.73 -16.30 4.06
CA ALA A 64 17.80 -15.59 3.39
C ALA A 64 19.07 -16.45 3.35
N ASN A 65 19.14 -17.44 4.24
CA ASN A 65 20.29 -18.38 4.27
C ASN A 65 20.37 -19.14 2.96
N GLY A 66 21.48 -18.95 2.21
CA GLY A 66 21.69 -19.68 0.99
C GLY A 66 21.36 -18.88 -0.24
N THR A 67 21.07 -17.57 -0.10
CA THR A 67 20.68 -16.75 -1.23
C THR A 67 21.87 -16.36 -2.13
N ILE A 68 23.09 -16.83 -1.84
CA ILE A 68 24.18 -16.71 -2.85
C ILE A 68 23.76 -17.43 -4.14
N HIS A 69 22.88 -18.44 -4.06
CA HIS A 69 22.58 -19.29 -5.19
C HIS A 69 21.81 -18.46 -6.20
N ASP A 70 22.10 -18.63 -7.48
CA ASP A 70 21.54 -17.78 -8.52
C ASP A 70 20.13 -18.20 -8.98
N ARG A 71 19.85 -19.52 -8.96
CA ARG A 71 18.69 -20.05 -9.65
C ARG A 71 17.91 -20.97 -8.71
N SER A 72 16.65 -20.64 -8.52
CA SER A 72 15.74 -21.48 -7.77
C SER A 72 14.33 -21.27 -8.28
N PRO A 73 13.40 -22.14 -7.86
CA PRO A 73 11.98 -21.94 -8.22
C PRO A 73 11.33 -20.80 -7.43
N PHE A 74 12.09 -20.11 -6.55
CA PHE A 74 11.48 -19.12 -5.65
C PHE A 74 11.82 -17.71 -6.10
N ARG A 75 12.53 -17.56 -7.22
CA ARG A 75 12.90 -16.26 -7.75
C ARG A 75 11.83 -15.78 -8.70
N ALA A 76 11.76 -14.47 -8.82
CA ALA A 76 10.85 -13.79 -9.71
C ALA A 76 11.39 -12.39 -10.02
N LEU A 77 11.00 -11.87 -11.17
CA LEU A 77 11.23 -10.49 -11.49
C LEU A 77 10.14 -9.65 -10.83
N ILE A 78 10.60 -8.68 -10.03
CA ILE A 78 9.75 -7.75 -9.36
C ILE A 78 10.11 -6.35 -9.78
N SER A 79 9.10 -5.49 -9.78
CA SER A 79 9.25 -4.08 -10.04
C SER A 79 8.57 -3.28 -8.93
N TRP A 80 9.11 -2.07 -8.72
CA TRP A 80 8.56 -1.17 -7.66
C TRP A 80 8.86 0.28 -8.01
N GLU A 81 8.17 1.15 -7.32
CA GLU A 81 8.33 2.61 -7.52
C GLU A 81 9.75 3.01 -7.19
N MET A 82 10.34 3.81 -8.09
CA MET A 82 11.76 4.13 -8.03
C MET A 82 12.06 4.80 -6.70
N GLY A 83 13.06 4.29 -5.97
CA GLY A 83 13.50 4.92 -4.77
C GLY A 83 13.07 4.21 -3.48
N GLN A 84 11.90 3.59 -3.53
CA GLN A 84 11.47 2.74 -2.48
C GLN A 84 12.40 1.53 -2.44
N ALA A 85 12.50 0.91 -1.27
CA ALA A 85 13.08 -0.40 -1.20
C ALA A 85 12.02 -1.48 -1.50
N PRO A 86 12.47 -2.66 -1.98
CA PRO A 86 11.56 -3.73 -2.40
C PRO A 86 11.07 -4.53 -1.21
N SER A 87 9.79 -4.34 -0.83
CA SER A 87 9.21 -5.13 0.18
C SER A 87 8.17 -6.09 -0.43
N PRO A 88 7.57 -7.01 0.36
CA PRO A 88 6.49 -7.85 -0.10
C PRO A 88 5.23 -7.05 -0.33
N TYR A 89 5.20 -5.79 0.06
CA TYR A 89 3.98 -5.00 0.08
C TYR A 89 3.93 -4.00 -1.07
N ASN A 90 5.06 -3.69 -1.71
CA ASN A 90 5.08 -2.59 -2.68
C ASN A 90 5.68 -3.07 -4.02
N THR A 91 5.80 -4.39 -4.21
CA THR A 91 6.45 -4.96 -5.38
C THR A 91 5.44 -5.70 -6.27
N ARG A 92 5.57 -5.47 -7.56
CA ARG A 92 4.79 -6.13 -8.61
C ARG A 92 5.60 -7.29 -9.19
N VAL A 93 5.01 -8.51 -9.22
CA VAL A 93 5.64 -9.64 -9.86
C VAL A 93 5.40 -9.52 -11.37
N GLU A 94 6.50 -9.29 -12.09
CA GLU A 94 6.52 -9.13 -13.56
C GLU A 94 6.45 -10.51 -14.26
N CYS A 95 7.20 -11.48 -13.77
CA CYS A 95 7.22 -12.81 -14.32
C CYS A 95 8.00 -13.66 -13.29
N ILE A 96 8.00 -14.98 -13.51
CA ILE A 96 8.66 -15.90 -12.55
C ILE A 96 9.94 -16.45 -13.20
N GLY A 97 11.02 -16.40 -12.44
CA GLY A 97 12.28 -16.90 -13.01
C GLY A 97 13.48 -16.30 -12.38
N TRP A 98 14.66 -16.63 -12.94
CA TRP A 98 15.92 -16.33 -12.41
C TRP A 98 16.83 -15.65 -13.43
N SER A 99 16.27 -15.13 -14.56
CA SER A 99 16.97 -14.28 -15.47
C SER A 99 15.92 -13.44 -16.17
N SER A 100 16.16 -12.14 -16.37
CA SER A 100 15.09 -11.30 -16.91
C SER A 100 15.58 -10.17 -17.79
N THR A 101 14.63 -9.60 -18.52
CA THR A 101 14.74 -8.32 -19.05
C THR A 101 13.33 -7.70 -19.10
N SER A 102 13.26 -6.38 -19.32
CA SER A 102 11.99 -5.69 -19.43
C SER A 102 12.21 -4.40 -20.22
N CYS A 103 11.18 -3.96 -20.90
CA CYS A 103 11.19 -2.67 -21.56
C CYS A 103 9.79 -2.26 -21.97
N HIS A 104 9.60 -0.97 -22.12
CA HIS A 104 8.35 -0.39 -22.53
C HIS A 104 8.50 0.12 -23.95
N ASP A 105 7.46 -0.12 -24.78
CA ASP A 105 7.57 0.21 -26.17
C ASP A 105 6.86 1.51 -26.45
N GLY A 106 6.40 2.16 -25.37
CA GLY A 106 5.62 3.41 -25.46
C GLY A 106 4.14 3.16 -25.23
N MET A 107 3.69 1.92 -25.52
CA MET A 107 2.29 1.50 -25.31
C MET A 107 2.18 0.64 -24.05
N SER A 108 2.93 -0.45 -24.01
CA SER A 108 2.94 -1.34 -22.86
C SER A 108 4.34 -1.86 -22.59
N ARG A 109 4.44 -2.51 -21.43
CA ARG A 109 5.65 -3.08 -21.03
C ARG A 109 5.72 -4.59 -21.37
N MET A 110 6.88 -4.98 -21.93
CA MET A 110 7.27 -6.36 -22.16
C MET A 110 8.22 -6.78 -21.04
N SER A 111 7.99 -7.90 -20.37
CA SER A 111 8.92 -8.44 -19.39
C SER A 111 9.13 -9.93 -19.69
N ILE A 112 10.39 -10.42 -19.62
CA ILE A 112 10.71 -11.73 -20.00
C ILE A 112 11.45 -12.34 -18.82
N CYS A 113 11.07 -13.55 -18.41
CA CYS A 113 11.82 -14.27 -17.38
C CYS A 113 12.09 -15.70 -17.84
N MET A 114 13.30 -16.20 -17.53
CA MET A 114 13.63 -17.57 -17.75
C MET A 114 13.55 -18.31 -16.42
N SER A 115 13.01 -19.52 -16.48
CA SER A 115 12.99 -20.40 -15.35
C SER A 115 13.21 -21.84 -15.79
N GLY A 116 13.35 -22.70 -14.79
CA GLY A 116 13.46 -24.10 -14.99
C GLY A 116 14.86 -24.62 -14.67
N PRO A 117 15.10 -25.93 -14.91
CA PRO A 117 16.36 -26.56 -14.58
C PRO A 117 17.38 -26.10 -15.65
N ASN A 118 18.65 -26.31 -15.34
CA ASN A 118 19.74 -25.87 -16.15
C ASN A 118 19.58 -26.46 -17.57
N ASN A 119 19.19 -27.74 -17.64
CA ASN A 119 19.23 -28.41 -18.91
C ASN A 119 17.92 -28.23 -19.67
N ASN A 120 17.00 -27.38 -19.18
CA ASN A 120 15.64 -27.40 -19.78
C ASN A 120 14.83 -26.15 -19.39
N ALA A 121 15.53 -25.01 -19.41
CA ALA A 121 14.95 -23.74 -19.06
C ALA A 121 14.06 -23.23 -20.20
N SER A 122 13.13 -22.33 -19.89
N SER A 122 13.19 -22.28 -19.86
CA SER A 122 12.32 -21.70 -20.90
CA SER A 122 12.10 -21.73 -20.69
C SER A 122 12.13 -20.25 -20.49
C SER A 122 12.00 -20.23 -20.44
N ALA A 123 11.81 -19.42 -21.49
CA ALA A 123 11.48 -18.04 -21.28
C ALA A 123 9.97 -17.93 -21.39
N VAL A 124 9.36 -17.11 -20.56
CA VAL A 124 8.02 -16.65 -20.80
C VAL A 124 8.08 -15.17 -21.07
N VAL A 125 7.42 -14.75 -22.14
CA VAL A 125 7.41 -13.37 -22.57
C VAL A 125 6.03 -12.76 -22.29
N TRP A 126 6.01 -11.70 -21.47
CA TRP A 126 4.80 -11.01 -21.05
C TRP A 126 4.71 -9.64 -21.73
N TYR A 127 3.52 -9.23 -22.06
CA TYR A 127 3.29 -7.91 -22.59
C TYR A 127 2.00 -7.36 -21.97
N GLY A 128 2.07 -6.15 -21.41
CA GLY A 128 0.93 -5.53 -20.80
C GLY A 128 0.40 -6.35 -19.64
N GLY A 129 1.26 -7.12 -18.99
CA GLY A 129 0.87 -7.88 -17.79
C GLY A 129 0.31 -9.26 -18.10
N ARG A 130 0.37 -9.69 -19.36
CA ARG A 130 -0.19 -11.00 -19.77
C ARG A 130 0.87 -11.82 -20.50
N PRO A 131 0.89 -13.14 -20.31
CA PRO A 131 1.83 -13.98 -21.01
C PRO A 131 1.43 -14.12 -22.48
N ILE A 132 2.41 -13.89 -23.36
CA ILE A 132 2.22 -13.90 -24.78
C ILE A 132 2.90 -15.08 -25.50
N THR A 133 4.17 -15.30 -25.18
CA THR A 133 5.02 -16.24 -25.94
C THR A 133 5.85 -17.05 -24.95
N GLU A 134 6.18 -18.31 -25.31
CA GLU A 134 7.13 -19.12 -24.53
C GLU A 134 8.27 -19.53 -25.48
N ILE A 135 9.47 -19.64 -24.94
CA ILE A 135 10.62 -19.97 -25.74
C ILE A 135 11.43 -21.02 -25.00
N PRO A 136 11.51 -22.23 -25.56
CA PRO A 136 12.27 -23.29 -24.90
C PRO A 136 13.77 -23.09 -25.13
N SER A 137 14.56 -23.56 -24.19
CA SER A 137 16.00 -23.64 -24.33
C SER A 137 16.36 -24.29 -25.66
N TRP A 138 17.37 -23.72 -26.33
CA TRP A 138 17.83 -24.30 -27.58
C TRP A 138 19.18 -25.01 -27.43
N ALA A 139 19.90 -24.80 -26.33
CA ALA A 139 21.23 -25.39 -26.17
C ALA A 139 21.30 -26.20 -24.88
N GLY A 140 20.23 -26.23 -24.08
CA GLY A 140 20.22 -27.12 -22.96
C GLY A 140 21.20 -26.75 -21.87
N ASN A 141 21.45 -25.44 -21.73
CA ASN A 141 22.39 -24.96 -20.72
C ASN A 141 22.12 -23.51 -20.31
N ILE A 142 21.14 -23.32 -19.41
CA ILE A 142 20.86 -22.08 -18.70
C ILE A 142 20.58 -20.97 -19.68
N LEU A 143 19.49 -21.16 -20.43
CA LEU A 143 18.94 -20.10 -21.26
C LEU A 143 18.75 -18.86 -20.37
N ARG A 144 19.26 -17.71 -20.85
CA ARG A 144 19.43 -16.55 -19.95
C ARG A 144 19.45 -15.29 -20.81
N THR A 145 19.35 -14.12 -20.11
CA THR A 145 19.24 -12.85 -20.83
C THR A 145 19.92 -11.71 -20.06
N GLN A 146 19.51 -10.49 -20.37
CA GLN A 146 20.31 -9.28 -20.14
C GLN A 146 20.55 -8.95 -18.66
N GLU A 147 19.50 -9.13 -17.81
CA GLU A 147 19.44 -8.58 -16.48
C GLU A 147 19.48 -7.04 -16.47
N SER A 148 19.05 -6.38 -17.56
CA SER A 148 18.77 -4.92 -17.50
C SER A 148 17.83 -4.69 -18.65
N GLU A 149 17.40 -3.46 -18.89
CA GLU A 149 16.30 -3.26 -19.79
C GLU A 149 16.68 -3.54 -21.24
N CYS A 150 15.64 -3.91 -21.99
CA CYS A 150 15.67 -3.94 -23.45
C CYS A 150 15.29 -2.53 -23.91
N VAL A 151 15.23 -2.37 -25.22
CA VAL A 151 14.98 -1.08 -25.88
C VAL A 151 14.05 -1.35 -27.07
N CYS A 152 13.17 -0.43 -27.36
CA CYS A 152 12.15 -0.63 -28.38
C CYS A 152 12.17 0.53 -29.39
N HIS A 153 11.86 0.21 -30.65
CA HIS A 153 11.74 1.22 -31.70
C HIS A 153 10.58 0.88 -32.64
N LYS A 154 9.57 1.75 -32.71
CA LYS A 154 8.46 1.58 -33.63
C LYS A 154 7.83 0.20 -33.41
N GLY A 155 7.88 -0.25 -32.16
CA GLY A 155 7.14 -1.42 -31.71
C GLY A 155 8.05 -2.62 -31.54
N VAL A 156 9.27 -2.53 -32.08
CA VAL A 156 10.10 -3.64 -32.16
C VAL A 156 11.12 -3.56 -31.04
N CYS A 157 11.16 -4.60 -30.21
CA CYS A 157 12.04 -4.59 -29.05
C CYS A 157 12.99 -5.76 -29.15
N PRO A 158 14.25 -5.56 -29.55
CA PRO A 158 15.23 -6.64 -29.58
C PRO A 158 15.67 -7.03 -28.17
N VAL A 159 15.97 -8.31 -28.01
CA VAL A 159 16.48 -8.81 -26.77
C VAL A 159 17.61 -9.79 -27.08
N VAL A 160 18.68 -9.73 -26.28
CA VAL A 160 19.76 -10.62 -26.49
C VAL A 160 19.67 -11.73 -25.45
N MET A 161 19.70 -12.97 -25.94
CA MET A 161 19.67 -14.14 -25.07
C MET A 161 20.81 -15.09 -25.39
N THR A 162 21.26 -15.79 -24.35
CA THR A 162 22.32 -16.77 -24.51
C THR A 162 21.85 -18.09 -23.94
N ASP A 163 22.23 -19.18 -24.60
CA ASP A 163 22.06 -20.52 -24.07
C ASP A 163 23.33 -21.31 -24.42
N GLY A 164 23.92 -21.95 -23.42
CA GLY A 164 25.15 -22.58 -23.60
C GLY A 164 26.12 -22.30 -22.46
N PRO A 165 27.36 -22.82 -22.58
CA PRO A 165 28.35 -22.76 -21.50
C PRO A 165 28.70 -21.33 -21.05
N ALA A 166 29.09 -21.22 -19.77
CA ALA A 166 29.54 -19.95 -19.20
C ALA A 166 31.01 -19.73 -19.57
N ASN A 167 31.70 -20.83 -19.87
CA ASN A 167 33.15 -20.88 -19.94
C ASN A 167 33.60 -21.36 -21.33
N ASN A 168 32.77 -21.22 -22.36
CA ASN A 168 33.13 -21.79 -23.66
C ASN A 168 32.14 -21.16 -24.63
N ARG A 169 32.35 -21.35 -25.93
N ARG A 169 32.30 -21.41 -25.93
CA ARG A 169 31.42 -20.90 -26.92
CA ARG A 169 31.40 -20.90 -26.97
C ARG A 169 30.00 -21.26 -26.44
C ARG A 169 29.95 -21.34 -26.66
N ALA A 170 29.05 -20.34 -26.70
CA ALA A 170 27.65 -20.52 -26.38
C ALA A 170 26.83 -20.12 -27.60
N ALA A 171 25.50 -20.31 -27.52
CA ALA A 171 24.60 -20.00 -28.64
C ALA A 171 23.77 -18.77 -28.27
N THR A 172 24.18 -17.60 -28.76
CA THR A 172 23.51 -16.40 -28.52
C THR A 172 22.56 -16.10 -29.67
N LYS A 173 21.38 -15.56 -29.32
CA LYS A 173 20.43 -15.13 -30.29
C LYS A 173 19.92 -13.75 -29.93
N ILE A 174 19.55 -13.03 -30.98
CA ILE A 174 18.83 -11.78 -30.89
C ILE A 174 17.40 -12.02 -31.36
N ILE A 175 16.45 -11.81 -30.46
CA ILE A 175 15.08 -12.08 -30.77
C ILE A 175 14.36 -10.73 -30.77
N TYR A 176 13.63 -10.50 -31.84
CA TYR A 176 12.97 -9.27 -32.05
C TYR A 176 11.47 -9.42 -31.79
N PHE A 177 10.98 -8.70 -30.78
CA PHE A 177 9.59 -8.81 -30.33
C PHE A 177 8.77 -7.60 -30.77
N LYS A 178 7.48 -7.83 -30.99
CA LYS A 178 6.52 -6.79 -31.07
C LYS A 178 5.25 -7.29 -30.34
N GLU A 179 4.79 -6.51 -29.35
CA GLU A 179 3.65 -6.85 -28.54
C GLU A 179 3.85 -8.27 -28.00
N GLY A 180 5.11 -8.59 -27.59
CA GLY A 180 5.46 -9.86 -27.01
C GLY A 180 5.53 -11.06 -27.98
N LYS A 181 5.29 -10.82 -29.28
N LYS A 181 5.38 -10.83 -29.29
CA LYS A 181 5.34 -11.85 -30.34
CA LYS A 181 5.36 -11.93 -30.27
C LYS A 181 6.72 -11.80 -31.03
C LYS A 181 6.61 -11.82 -31.17
N ILE A 182 7.23 -12.97 -31.43
CA ILE A 182 8.50 -13.06 -32.17
C ILE A 182 8.31 -12.61 -33.60
N GLN A 183 9.06 -11.59 -34.00
CA GLN A 183 9.07 -11.10 -35.38
C GLN A 183 10.19 -11.78 -36.18
N LYS A 184 11.29 -12.11 -35.47
CA LYS A 184 12.56 -12.61 -36.11
C LYS A 184 13.52 -13.09 -34.99
N ILE A 185 14.23 -14.19 -35.28
CA ILE A 185 15.29 -14.72 -34.44
C ILE A 185 16.55 -14.71 -35.31
N GLU A 186 17.65 -14.19 -34.77
CA GLU A 186 18.96 -14.19 -35.43
C GLU A 186 19.98 -14.85 -34.49
N GLU A 187 20.83 -15.70 -35.06
CA GLU A 187 22.02 -16.14 -34.43
C GLU A 187 22.98 -14.94 -34.34
N LEU A 188 23.72 -14.88 -33.23
CA LEU A 188 24.79 -13.89 -33.02
C LEU A 188 25.74 -13.95 -34.22
N ALA A 189 25.95 -12.79 -34.86
CA ALA A 189 26.94 -12.59 -35.92
C ALA A 189 28.09 -11.73 -35.41
N GLY A 190 29.18 -11.64 -36.22
CA GLY A 190 30.34 -10.75 -35.94
C GLY A 190 31.49 -11.38 -35.13
N ASN A 191 32.20 -10.49 -34.44
CA ASN A 191 33.46 -10.84 -33.86
C ASN A 191 33.38 -11.03 -32.34
N ALA A 192 32.22 -10.74 -31.69
CA ALA A 192 32.13 -11.04 -30.29
C ALA A 192 32.18 -12.58 -30.07
N GLN A 193 32.99 -13.06 -29.13
CA GLN A 193 33.19 -14.53 -29.03
C GLN A 193 32.26 -15.16 -27.99
N HIS A 194 31.73 -14.37 -27.08
CA HIS A 194 30.90 -14.86 -26.01
C HIS A 194 30.06 -13.66 -25.58
N ILE A 195 28.75 -13.88 -25.33
CA ILE A 195 27.87 -12.78 -25.00
C ILE A 195 27.02 -13.16 -23.79
N GLU A 196 27.10 -12.39 -22.73
CA GLU A 196 26.09 -12.46 -21.65
C GLU A 196 25.64 -11.07 -21.24
N GLU A 197 24.42 -11.01 -20.64
CA GLU A 197 24.01 -9.91 -19.76
C GLU A 197 24.21 -8.56 -20.44
N CYS A 198 23.67 -8.43 -21.64
CA CYS A 198 23.83 -7.19 -22.38
C CYS A 198 23.20 -6.00 -21.66
N SER A 199 23.91 -4.87 -21.63
CA SER A 199 23.35 -3.56 -21.23
C SER A 199 23.11 -2.72 -22.46
N CYS A 200 21.86 -2.36 -22.74
CA CYS A 200 21.51 -1.83 -24.08
C CYS A 200 20.85 -0.46 -23.96
N TYR A 201 21.08 0.40 -24.97
CA TYR A 201 20.44 1.69 -25.03
C TYR A 201 20.32 2.06 -26.51
N GLY A 202 19.35 2.95 -26.77
CA GLY A 202 19.08 3.46 -28.10
C GLY A 202 19.36 4.93 -28.26
N ALA A 203 19.81 5.30 -29.49
CA ALA A 203 20.05 6.69 -29.89
C ALA A 203 20.31 6.73 -31.40
N GLY A 204 19.75 7.74 -32.07
CA GLY A 204 19.94 7.90 -33.49
C GLY A 204 19.54 6.67 -34.29
N GLY A 205 18.49 5.96 -33.86
CA GLY A 205 17.88 4.82 -34.57
C GLY A 205 18.68 3.53 -34.40
N VAL A 206 19.65 3.50 -33.48
CA VAL A 206 20.61 2.43 -33.28
C VAL A 206 20.58 1.95 -31.84
N ILE A 207 20.55 0.62 -31.63
CA ILE A 207 20.64 0.07 -30.29
C ILE A 207 22.02 -0.51 -30.10
N LYS A 208 22.70 -0.08 -29.04
CA LYS A 208 24.00 -0.60 -28.72
C LYS A 208 23.86 -1.35 -27.42
N CYS A 209 24.41 -2.57 -27.40
CA CYS A 209 24.39 -3.50 -26.30
C CYS A 209 25.83 -3.78 -25.95
N ILE A 210 26.16 -3.44 -24.72
CA ILE A 210 27.53 -3.62 -24.17
C ILE A 210 27.41 -4.78 -23.20
N CYS A 211 28.18 -5.85 -23.41
CA CYS A 211 27.88 -7.16 -22.81
C CYS A 211 29.07 -7.64 -21.97
N ARG A 212 28.97 -8.88 -21.52
CA ARG A 212 29.95 -9.57 -20.72
C ARG A 212 30.40 -10.78 -21.52
N ASP A 213 31.71 -10.86 -21.82
CA ASP A 213 32.33 -11.99 -22.39
C ASP A 213 32.83 -12.78 -21.18
N ASN A 214 32.17 -13.88 -20.83
CA ASN A 214 32.53 -14.64 -19.64
C ASN A 214 33.59 -15.68 -19.96
N TRP A 215 33.86 -15.85 -21.25
CA TRP A 215 34.72 -16.90 -21.71
C TRP A 215 36.18 -16.43 -21.65
N LYS A 216 36.51 -15.40 -22.44
CA LYS A 216 37.92 -15.01 -22.62
C LYS A 216 38.19 -13.54 -22.28
N GLY A 217 37.34 -12.63 -22.78
CA GLY A 217 37.68 -11.22 -22.87
C GLY A 217 37.48 -10.44 -21.58
N ALA A 218 38.45 -9.57 -21.24
CA ALA A 218 38.33 -8.55 -20.17
C ALA A 218 37.89 -7.20 -20.81
N ASN A 219 37.95 -7.11 -22.13
CA ASN A 219 37.24 -6.09 -22.88
C ASN A 219 35.81 -6.57 -23.08
N ARG A 220 34.89 -5.62 -23.24
CA ARG A 220 33.48 -5.94 -23.35
C ARG A 220 33.05 -6.02 -24.79
N PRO A 221 32.27 -7.05 -25.14
CA PRO A 221 31.65 -7.13 -26.46
C PRO A 221 30.64 -6.01 -26.64
N VAL A 222 30.47 -5.59 -27.86
CA VAL A 222 29.48 -4.62 -28.25
C VAL A 222 28.71 -5.17 -29.45
N ILE A 223 27.39 -5.30 -29.28
CA ILE A 223 26.51 -5.64 -30.29
C ILE A 223 25.78 -4.36 -30.72
N THR A 224 25.67 -4.14 -32.01
CA THR A 224 24.98 -2.98 -32.57
C THR A 224 23.78 -3.46 -33.37
N ILE A 225 22.60 -3.03 -32.95
CA ILE A 225 21.34 -3.56 -33.53
C ILE A 225 20.63 -2.45 -34.29
N ASP A 226 20.15 -2.80 -35.47
CA ASP A 226 19.30 -1.98 -36.21
C ASP A 226 17.88 -2.53 -36.09
N PRO A 227 17.00 -1.87 -35.32
CA PRO A 227 15.69 -2.40 -35.01
C PRO A 227 14.67 -2.23 -36.15
N GLU A 228 15.00 -1.40 -37.16
CA GLU A 228 14.11 -1.28 -38.33
C GLU A 228 14.37 -2.44 -39.33
N MET A 229 15.65 -2.73 -39.61
N MET A 229 15.65 -2.75 -39.56
CA MET A 229 16.11 -3.87 -40.46
CA MET A 229 16.03 -3.81 -40.47
C MET A 229 15.99 -5.19 -39.72
C MET A 229 16.07 -5.16 -39.74
N MET A 230 16.07 -5.11 -38.40
CA MET A 230 16.18 -6.29 -37.57
C MET A 230 17.40 -7.11 -37.99
N THR A 231 18.56 -6.42 -37.95
CA THR A 231 19.86 -7.01 -38.14
C THR A 231 20.83 -6.46 -37.11
N HIS A 232 21.95 -7.17 -36.92
CA HIS A 232 22.99 -6.72 -36.02
C HIS A 232 24.40 -7.04 -36.53
N THR A 233 25.37 -6.51 -35.82
CA THR A 233 26.82 -6.78 -35.95
C THR A 233 27.38 -6.82 -34.52
N SER A 234 28.56 -7.39 -34.36
CA SER A 234 29.18 -7.50 -33.03
C SER A 234 30.70 -7.39 -33.17
N LYS A 235 31.34 -6.92 -32.12
CA LYS A 235 32.81 -6.82 -32.02
C LYS A 235 33.08 -6.57 -30.54
N TYR A 236 34.25 -6.01 -30.20
CA TYR A 236 34.59 -5.61 -28.83
C TYR A 236 34.81 -4.08 -28.76
N LEU A 237 34.62 -3.53 -27.56
CA LEU A 237 35.07 -2.16 -27.26
C LEU A 237 36.54 -2.06 -27.66
N CYS A 238 36.86 -1.04 -28.45
CA CYS A 238 38.25 -0.86 -28.95
C CYS A 238 39.18 -0.39 -27.84
N SER A 239 38.66 0.40 -26.88
CA SER A 239 39.55 1.10 -25.96
C SER A 239 40.45 0.14 -25.20
N LYS A 240 41.64 0.65 -24.87
CA LYS A 240 42.54 -0.01 -23.96
C LYS A 240 42.07 0.01 -22.52
N VAL A 241 41.05 0.85 -22.22
CA VAL A 241 40.48 0.89 -20.89
C VAL A 241 39.56 -0.34 -20.76
N LEU A 242 40.03 -1.39 -20.07
CA LEU A 242 39.30 -2.63 -19.98
C LEU A 242 38.22 -2.50 -18.89
N THR A 243 37.02 -2.97 -19.19
CA THR A 243 35.92 -2.67 -18.25
C THR A 243 35.17 -3.88 -17.70
N ASP A 244 35.63 -5.11 -17.93
CA ASP A 244 35.08 -6.30 -17.24
C ASP A 244 35.81 -6.48 -15.91
N THR A 245 35.34 -7.39 -15.08
CA THR A 245 36.00 -7.80 -13.86
C THR A 245 35.85 -9.32 -13.75
N SER A 246 36.94 -10.09 -13.54
CA SER A 246 38.29 -9.60 -13.33
C SER A 246 38.93 -9.25 -14.66
N ARG A 247 39.92 -8.38 -14.59
CA ARG A 247 40.66 -7.92 -15.76
C ARG A 247 42.11 -7.72 -15.39
N PRO A 248 43.00 -7.76 -16.41
CA PRO A 248 44.38 -7.38 -16.20
C PRO A 248 44.51 -5.85 -16.11
N ASN A 249 45.73 -5.37 -15.84
CA ASN A 249 46.08 -3.95 -16.04
C ASN A 249 45.70 -3.56 -17.49
N ASP A 250 45.26 -2.31 -17.67
CA ASP A 250 44.96 -1.83 -18.99
C ASP A 250 46.26 -1.90 -19.82
N PRO A 251 46.20 -2.50 -21.03
CA PRO A 251 47.37 -2.61 -21.90
C PRO A 251 47.56 -1.30 -22.67
N THR A 252 48.57 -1.25 -23.55
CA THR A 252 48.87 -0.03 -24.26
C THR A 252 47.69 0.25 -25.25
N ASN A 253 47.20 -0.87 -25.85
CA ASN A 253 46.26 -0.83 -26.92
C ASN A 253 45.17 -1.86 -26.60
N GLY A 254 43.93 -1.44 -26.87
CA GLY A 254 42.77 -2.32 -26.86
C GLY A 254 42.76 -3.19 -28.13
N ASN A 255 41.63 -3.87 -28.30
CA ASN A 255 41.42 -4.78 -29.40
C ASN A 255 39.94 -4.80 -29.74
N CYS A 256 39.63 -4.19 -30.88
CA CYS A 256 38.26 -4.03 -31.42
C CYS A 256 37.62 -5.39 -31.80
N ASP A 257 38.45 -6.38 -32.20
CA ASP A 257 37.88 -7.55 -32.90
C ASP A 257 38.35 -8.89 -32.31
N ALA A 258 38.84 -8.84 -31.05
CA ALA A 258 39.19 -10.07 -30.31
C ALA A 258 39.24 -9.81 -28.79
N PRO A 259 38.97 -10.87 -28.00
CA PRO A 259 39.02 -10.75 -26.56
C PRO A 259 40.46 -10.56 -26.11
N ILE A 260 40.64 -9.63 -25.16
CA ILE A 260 41.86 -9.52 -24.43
C ILE A 260 41.74 -10.36 -23.16
N THR A 261 42.59 -11.37 -23.03
CA THR A 261 42.50 -12.36 -21.93
C THR A 261 43.31 -11.84 -20.73
N GLY A 262 43.10 -12.51 -19.59
CA GLY A 262 43.82 -12.20 -18.35
C GLY A 262 42.86 -11.77 -17.26
N GLY A 263 43.44 -11.52 -16.10
CA GLY A 263 42.65 -11.14 -14.91
C GLY A 263 42.36 -12.37 -14.09
N SER A 264 42.14 -12.17 -12.80
CA SER A 264 41.92 -13.21 -11.85
C SER A 264 41.17 -12.58 -10.69
N PRO A 265 40.28 -13.30 -10.01
CA PRO A 265 39.97 -14.71 -10.22
C PRO A 265 38.65 -14.94 -10.98
N ASP A 266 37.94 -13.89 -11.40
CA ASP A 266 36.57 -14.09 -11.86
C ASP A 266 36.43 -13.77 -13.34
N PRO A 267 35.59 -14.52 -14.06
CA PRO A 267 35.53 -14.40 -15.51
C PRO A 267 34.69 -13.24 -16.04
N GLY A 268 33.86 -12.60 -15.22
CA GLY A 268 33.13 -11.49 -15.69
C GLY A 268 32.12 -10.95 -14.72
N VAL A 269 31.58 -9.79 -15.10
CA VAL A 269 30.51 -9.13 -14.41
C VAL A 269 29.70 -8.38 -15.47
N LYS A 270 28.40 -8.21 -15.23
CA LYS A 270 27.61 -7.39 -16.10
C LYS A 270 28.01 -5.92 -15.93
N GLY A 271 28.12 -5.21 -17.08
CA GLY A 271 28.49 -3.80 -17.11
C GLY A 271 27.87 -3.11 -18.30
N PHE A 272 28.42 -1.95 -18.60
CA PHE A 272 27.75 -1.05 -19.61
C PHE A 272 28.76 0.00 -20.06
N ALA A 273 28.40 0.68 -21.16
CA ALA A 273 29.01 1.86 -21.60
C ALA A 273 28.02 2.64 -22.45
N PHE A 274 28.26 3.92 -22.60
CA PHE A 274 27.59 4.76 -23.59
C PHE A 274 28.64 5.19 -24.58
N LEU A 275 28.33 4.96 -25.86
CA LEU A 275 29.34 5.06 -26.92
C LEU A 275 28.80 6.04 -27.94
N ASP A 276 29.39 7.22 -27.95
CA ASP A 276 28.90 8.32 -28.79
C ASP A 276 30.07 9.21 -29.17
N GLY A 277 31.05 8.67 -29.92
CA GLY A 277 32.18 9.48 -30.34
C GLY A 277 32.93 10.09 -29.15
N GLU A 278 33.13 11.41 -29.16
CA GLU A 278 33.82 12.11 -28.08
C GLU A 278 33.04 11.96 -26.76
N ASN A 279 31.72 11.78 -26.91
CA ASN A 279 30.74 11.71 -25.83
C ASN A 279 30.58 10.27 -25.34
N SER A 280 31.67 9.61 -24.92
CA SER A 280 31.61 8.18 -24.61
C SER A 280 32.05 8.00 -23.17
N TRP A 281 31.27 7.24 -22.41
CA TRP A 281 31.57 6.94 -21.04
C TRP A 281 31.56 5.43 -20.77
N LEU A 282 32.61 4.99 -20.08
CA LEU A 282 32.74 3.60 -19.70
C LEU A 282 32.58 3.51 -18.18
N GLY A 283 31.72 2.60 -17.70
CA GLY A 283 31.78 2.24 -16.29
C GLY A 283 32.65 1.02 -16.07
N ARG A 284 33.14 0.89 -14.84
CA ARG A 284 33.77 -0.37 -14.41
C ARG A 284 33.96 -0.36 -12.89
N THR A 285 34.20 -1.53 -12.29
CA THR A 285 34.63 -1.59 -10.90
C THR A 285 35.99 -0.93 -10.81
N ILE A 286 36.28 -0.38 -9.63
CA ILE A 286 37.56 0.23 -9.46
C ILE A 286 38.62 -0.85 -9.31
N SER A 287 38.31 -1.87 -8.51
CA SER A 287 39.16 -3.05 -8.44
C SER A 287 39.20 -3.75 -9.78
N LYS A 288 40.41 -4.15 -10.23
CA LYS A 288 40.51 -4.97 -11.44
C LYS A 288 40.18 -6.44 -11.12
N ASP A 289 40.19 -6.80 -9.83
CA ASP A 289 40.09 -8.22 -9.38
C ASP A 289 38.64 -8.52 -8.93
N SER A 290 38.06 -7.60 -8.16
CA SER A 290 36.85 -7.88 -7.40
C SER A 290 35.79 -6.85 -7.75
N ARG A 291 34.58 -7.16 -7.30
CA ARG A 291 33.43 -6.27 -7.52
C ARG A 291 33.42 -5.26 -6.38
N SER A 292 34.42 -4.40 -6.43
N SER A 292 34.46 -4.43 -6.33
CA SER A 292 34.73 -3.36 -5.46
CA SER A 292 34.57 -3.35 -5.35
C SER A 292 34.81 -2.02 -6.18
C SER A 292 34.85 -2.04 -6.09
N GLY A 293 34.16 -1.00 -5.64
CA GLY A 293 34.19 0.31 -6.20
C GLY A 293 33.44 0.40 -7.50
N TYR A 294 33.28 1.64 -7.98
CA TYR A 294 32.63 1.85 -9.29
C TYR A 294 32.99 3.23 -9.76
N GLU A 295 33.51 3.29 -11.00
CA GLU A 295 33.94 4.52 -11.57
C GLU A 295 33.37 4.69 -12.97
N MET A 296 33.09 5.94 -13.32
CA MET A 296 32.76 6.31 -14.63
C MET A 296 33.98 7.02 -15.20
N LEU A 297 34.34 6.61 -16.43
CA LEU A 297 35.49 7.18 -17.17
C LEU A 297 35.00 7.72 -18.50
N LYS A 298 35.30 9.00 -18.77
CA LYS A 298 34.99 9.54 -20.09
C LYS A 298 36.16 9.18 -20.98
N VAL A 299 35.88 8.36 -22.00
CA VAL A 299 36.90 7.81 -22.88
C VAL A 299 36.47 8.13 -24.32
N PRO A 300 36.82 9.33 -24.83
CA PRO A 300 36.45 9.73 -26.18
C PRO A 300 36.89 8.63 -27.17
N ASN A 301 35.95 8.25 -28.03
CA ASN A 301 36.16 7.30 -29.12
C ASN A 301 36.55 5.91 -28.61
N ALA A 302 36.06 5.54 -27.44
CA ALA A 302 36.26 4.20 -26.91
C ALA A 302 35.80 3.12 -27.89
N GLU A 303 34.83 3.44 -28.73
CA GLU A 303 34.22 2.43 -29.59
C GLU A 303 35.11 2.14 -30.80
N THR A 304 36.00 3.08 -31.13
CA THR A 304 36.70 3.02 -32.41
C THR A 304 38.24 3.09 -32.29
N ASP A 305 38.79 3.47 -31.14
CA ASP A 305 40.22 3.80 -31.09
C ASP A 305 40.87 2.95 -29.98
N ILE A 306 41.84 2.09 -30.38
CA ILE A 306 42.38 1.14 -29.42
C ILE A 306 43.22 1.90 -28.37
N GLN A 307 43.64 3.12 -28.73
CA GLN A 307 44.56 3.90 -27.87
C GLN A 307 43.77 4.83 -26.93
N SER A 308 42.43 4.86 -27.04
CA SER A 308 41.60 5.85 -26.29
C SER A 308 41.75 5.59 -24.78
N GLY A 309 42.02 6.69 -24.06
CA GLY A 309 42.04 6.64 -22.62
C GLY A 309 41.12 7.69 -21.98
N PRO A 310 41.04 7.70 -20.63
CA PRO A 310 40.14 8.60 -19.92
C PRO A 310 40.59 10.06 -19.96
N ILE A 311 39.63 10.98 -20.15
CA ILE A 311 39.91 12.41 -19.98
C ILE A 311 39.27 12.98 -18.70
N SER A 312 38.37 12.19 -18.10
N SER A 312 38.38 12.18 -18.10
CA SER A 312 37.72 12.58 -16.85
CA SER A 312 37.58 12.60 -16.96
C SER A 312 37.15 11.34 -16.21
C SER A 312 36.99 11.37 -16.26
N ASN A 313 36.88 11.47 -14.91
CA ASN A 313 36.44 10.37 -14.09
C ASN A 313 35.46 10.92 -13.06
N GLN A 314 34.59 10.04 -12.61
CA GLN A 314 33.73 10.27 -11.45
C GLN A 314 33.62 8.97 -10.68
N VAL A 315 34.04 9.00 -9.42
CA VAL A 315 33.86 7.87 -8.60
C VAL A 315 32.39 7.82 -8.18
N ILE A 316 31.74 6.68 -8.40
CA ILE A 316 30.36 6.44 -8.05
C ILE A 316 30.27 5.71 -6.71
N VAL A 317 31.18 4.77 -6.51
CA VAL A 317 31.25 4.00 -5.29
C VAL A 317 32.72 3.87 -4.97
N ASN A 318 33.12 4.32 -3.77
CA ASN A 318 34.58 4.22 -3.45
C ASN A 318 35.06 2.76 -3.30
N ASN A 319 36.38 2.58 -3.46
CA ASN A 319 36.92 1.25 -3.59
C ASN A 319 37.02 0.59 -2.21
N GLN A 320 36.44 1.20 -1.16
CA GLN A 320 36.35 0.59 0.16
C GLN A 320 34.96 -0.07 0.30
N ASN A 321 34.12 0.01 -0.75
CA ASN A 321 32.77 -0.51 -0.71
C ASN A 321 32.51 -1.44 -1.90
N TRP A 322 31.57 -2.38 -1.68
CA TRP A 322 31.22 -3.38 -2.64
C TRP A 322 30.31 -2.81 -3.72
N SER A 323 30.56 -3.23 -4.96
CA SER A 323 29.66 -2.89 -6.05
C SER A 323 29.02 -4.20 -6.54
N GLY A 324 29.00 -4.40 -7.84
CA GLY A 324 28.21 -5.48 -8.47
C GLY A 324 27.94 -5.16 -9.90
N TYR A 325 26.84 -5.67 -10.43
CA TYR A 325 26.37 -5.41 -11.73
C TYR A 325 26.15 -3.93 -11.93
N SER A 326 26.22 -3.54 -13.20
CA SER A 326 25.86 -2.20 -13.62
C SER A 326 25.21 -2.29 -14.98
N GLY A 327 24.35 -1.35 -15.28
CA GLY A 327 23.59 -1.48 -16.50
C GLY A 327 23.11 -0.12 -16.93
N ALA A 328 22.68 -0.05 -18.16
CA ALA A 328 22.17 1.15 -18.81
C ALA A 328 20.65 1.19 -18.79
N PHE A 329 20.13 2.41 -18.70
CA PHE A 329 18.74 2.64 -19.04
C PHE A 329 18.66 4.10 -19.40
N ILE A 330 17.56 4.45 -20.05
CA ILE A 330 17.29 5.86 -20.39
C ILE A 330 15.79 6.12 -20.20
N ASP A 331 15.45 7.33 -19.76
CA ASP A 331 14.11 7.75 -19.74
C ASP A 331 13.80 8.32 -21.13
N TYR A 332 13.41 7.44 -22.04
CA TYR A 332 13.14 7.80 -23.41
C TYR A 332 11.96 8.77 -23.53
N TRP A 333 11.16 8.98 -22.46
CA TRP A 333 9.97 9.82 -22.52
C TRP A 333 10.18 11.14 -21.81
N ALA A 334 11.42 11.47 -21.51
CA ALA A 334 11.72 12.77 -20.97
C ALA A 334 11.42 13.89 -21.98
N ASN A 335 11.21 15.07 -21.43
CA ASN A 335 10.87 16.24 -22.16
C ASN A 335 12.21 16.93 -22.53
N LYS A 336 12.99 16.27 -23.39
CA LYS A 336 14.26 16.78 -23.88
C LYS A 336 14.38 16.48 -25.37
N GLU A 337 15.27 17.20 -26.05
CA GLU A 337 15.50 16.92 -27.43
C GLU A 337 16.53 15.81 -27.62
N CYS A 338 17.15 15.32 -26.55
CA CYS A 338 18.11 14.27 -26.60
C CYS A 338 17.73 13.25 -25.52
N PHE A 339 18.23 12.04 -25.71
CA PHE A 339 18.12 10.95 -24.77
C PHE A 339 19.29 11.05 -23.80
N ASN A 340 18.99 11.19 -22.50
CA ASN A 340 20.00 11.36 -21.51
C ASN A 340 20.41 10.01 -20.93
N PRO A 341 21.68 9.60 -21.06
CA PRO A 341 22.15 8.38 -20.39
C PRO A 341 21.87 8.34 -18.90
N CYS A 342 21.45 7.14 -18.45
CA CYS A 342 21.44 6.80 -17.04
C CYS A 342 22.06 5.41 -16.86
N PHE A 343 22.44 5.10 -15.64
CA PHE A 343 22.93 3.82 -15.28
C PHE A 343 22.60 3.54 -13.84
N TYR A 344 22.71 2.26 -13.49
CA TYR A 344 22.68 1.90 -12.14
C TYR A 344 23.88 1.06 -11.81
N VAL A 345 24.16 0.99 -10.51
CA VAL A 345 25.07 0.07 -9.89
C VAL A 345 24.32 -0.74 -8.83
N GLU A 346 24.47 -2.06 -8.92
CA GLU A 346 24.06 -3.04 -7.90
C GLU A 346 25.13 -3.06 -6.80
N LEU A 347 24.72 -2.79 -5.56
CA LEU A 347 25.63 -2.75 -4.41
C LEU A 347 25.40 -4.06 -3.67
N ILE A 348 26.21 -5.07 -3.95
CA ILE A 348 26.03 -6.37 -3.40
C ILE A 348 26.58 -6.45 -1.98
N ARG A 349 25.72 -6.91 -1.07
CA ARG A 349 26.13 -7.17 0.29
C ARG A 349 26.00 -8.65 0.62
N GLY A 350 26.83 -9.07 1.57
CA GLY A 350 26.79 -10.43 2.01
C GLY A 350 27.72 -11.32 1.20
N ARG A 351 27.33 -12.57 0.97
CA ARG A 351 28.31 -13.58 0.46
C ARG A 351 28.55 -13.31 -1.01
N PRO A 352 29.75 -13.68 -1.54
CA PRO A 352 30.78 -14.36 -0.77
C PRO A 352 31.77 -13.41 -0.10
N LYS A 353 31.70 -12.10 -0.42
CA LYS A 353 32.70 -11.18 0.10
C LYS A 353 32.56 -10.88 1.58
N GLU A 354 31.34 -10.91 2.10
CA GLU A 354 31.05 -10.68 3.50
C GLU A 354 30.43 -11.97 4.02
N SER A 355 31.27 -12.86 4.56
CA SER A 355 30.85 -14.23 4.83
C SER A 355 30.42 -14.41 6.29
N SER A 356 30.34 -13.30 7.06
CA SER A 356 29.82 -13.30 8.42
C SER A 356 28.28 -13.39 8.42
N VAL A 357 27.62 -13.26 7.26
CA VAL A 357 26.21 -13.49 7.13
C VAL A 357 25.98 -14.70 6.18
N LEU A 358 24.74 -15.19 6.15
CA LEU A 358 24.41 -16.40 5.41
C LEU A 358 23.77 -16.07 4.06
N TRP A 359 23.55 -14.78 3.79
CA TRP A 359 22.74 -14.31 2.66
C TRP A 359 23.59 -13.52 1.71
N THR A 360 22.99 -13.24 0.54
CA THR A 360 23.47 -12.36 -0.44
C THR A 360 22.28 -11.53 -0.89
N SER A 361 22.44 -10.19 -0.92
CA SER A 361 21.46 -9.29 -1.48
C SER A 361 22.18 -8.05 -2.00
N ASN A 362 21.41 -6.98 -2.27
CA ASN A 362 21.95 -5.83 -2.86
C ASN A 362 21.04 -4.65 -2.52
N SER A 363 21.59 -3.48 -2.72
CA SER A 363 20.80 -2.28 -2.85
C SER A 363 21.10 -1.66 -4.18
N ILE A 364 20.44 -0.55 -4.48
CA ILE A 364 20.59 0.09 -5.77
C ILE A 364 21.01 1.56 -5.63
N VAL A 365 21.85 2.01 -6.59
CA VAL A 365 22.01 3.47 -6.84
C VAL A 365 21.90 3.70 -8.35
N ALA A 366 21.29 4.80 -8.76
CA ALA A 366 21.17 5.12 -10.16
C ALA A 366 21.51 6.60 -10.33
N LEU A 367 22.20 6.91 -11.44
CA LEU A 367 22.61 8.30 -11.83
C LEU A 367 22.35 8.52 -13.34
N CYS A 368 22.16 9.77 -13.73
CA CYS A 368 22.00 10.13 -15.09
C CYS A 368 22.97 11.25 -15.43
N GLY A 369 23.11 11.50 -16.74
CA GLY A 369 24.05 12.47 -17.16
C GLY A 369 23.65 13.90 -16.84
N SER A 370 24.66 14.72 -16.74
CA SER A 370 24.56 16.18 -16.68
C SER A 370 25.57 16.76 -17.66
N LYS A 371 25.18 17.83 -18.34
CA LYS A 371 26.14 18.64 -19.06
C LYS A 371 26.98 19.55 -18.18
N LYS A 372 26.53 19.77 -16.93
CA LYS A 372 27.25 20.58 -15.98
C LYS A 372 28.40 19.74 -15.43
N ARG A 373 29.25 20.40 -14.65
CA ARG A 373 30.38 19.81 -13.98
C ARG A 373 30.01 19.73 -12.49
N LEU A 374 29.35 18.63 -12.10
CA LEU A 374 28.84 18.46 -10.78
C LEU A 374 29.91 17.76 -9.93
N GLY A 375 29.95 18.11 -8.65
CA GLY A 375 30.70 17.43 -7.69
C GLY A 375 30.13 16.07 -7.42
N SER A 376 30.91 15.24 -6.74
CA SER A 376 30.46 13.88 -6.55
C SER A 376 30.92 13.37 -5.21
N TRP A 377 30.21 12.35 -4.69
CA TRP A 377 30.70 11.56 -3.53
C TRP A 377 30.23 10.12 -3.78
N SER A 378 30.75 9.23 -2.94
CA SER A 378 30.46 7.86 -3.04
C SER A 378 29.02 7.57 -2.59
N TRP A 379 28.27 6.76 -3.37
CA TRP A 379 26.94 6.28 -3.08
C TRP A 379 26.96 4.79 -2.75
N HIS A 380 27.76 4.42 -1.76
CA HIS A 380 27.86 3.05 -1.35
C HIS A 380 26.59 2.63 -0.61
N ASP A 381 26.50 1.33 -0.41
CA ASP A 381 25.31 0.78 0.14
C ASP A 381 24.92 1.45 1.47
N GLY A 382 25.86 1.52 2.43
CA GLY A 382 25.65 2.21 3.70
C GLY A 382 25.21 1.35 4.87
N ALA A 383 25.03 0.03 4.68
CA ALA A 383 24.70 -0.83 5.81
C ALA A 383 25.96 -1.28 6.53
N GLU A 384 25.84 -1.55 7.83
N GLU A 384 25.82 -1.54 7.82
CA GLU A 384 26.91 -2.07 8.67
CA GLU A 384 26.83 -2.09 8.67
C GLU A 384 26.66 -3.57 8.89
C GLU A 384 26.58 -3.59 8.77
N ILE A 385 27.54 -4.38 8.27
CA ILE A 385 27.40 -5.79 8.28
C ILE A 385 27.32 -6.31 9.72
N ILE A 386 28.02 -5.65 10.65
N ILE A 386 28.00 -5.65 10.67
CA ILE A 386 28.08 -6.07 12.05
CA ILE A 386 28.04 -6.15 12.05
C ILE A 386 26.64 -6.18 12.60
C ILE A 386 26.63 -6.18 12.66
N TYR A 387 25.76 -5.27 12.12
CA TYR A 387 24.38 -5.24 12.63
C TYR A 387 23.60 -6.52 12.26
N PHE A 388 24.08 -7.26 11.26
CA PHE A 388 23.47 -8.47 10.76
C PHE A 388 24.11 -9.73 11.32
N GLU A 389 25.11 -9.54 12.17
CA GLU A 389 25.76 -10.65 12.86
C GLU A 389 25.04 -10.92 14.16
N ARG B 1 -4.84 21.34 -13.35
CA ARG B 1 -5.35 21.81 -14.63
C ARG B 1 -5.10 23.32 -14.92
N THR B 2 -4.62 24.17 -13.99
CA THR B 2 -4.05 25.51 -14.43
C THR B 2 -2.96 25.96 -13.45
N PHE B 3 -2.07 26.84 -13.91
CA PHE B 3 -1.06 27.39 -12.99
C PHE B 3 -1.72 28.18 -11.87
N LEU B 4 -1.23 27.96 -10.65
CA LEU B 4 -1.71 28.68 -9.47
C LEU B 4 -1.36 30.16 -9.59
N ASN B 5 -2.34 31.06 -9.34
CA ASN B 5 -2.07 32.50 -9.22
C ASN B 5 -2.28 32.91 -7.76
N LEU B 6 -1.39 33.74 -7.22
CA LEU B 6 -1.43 34.12 -5.81
C LEU B 6 -2.32 35.35 -5.66
N THR B 7 -3.51 35.33 -6.22
CA THR B 7 -4.35 36.50 -6.30
C THR B 7 -4.98 36.84 -4.93
N LYS B 8 -5.27 35.82 -4.14
CA LYS B 8 -6.14 36.01 -2.96
C LYS B 8 -5.36 36.61 -1.79
N PRO B 9 -6.05 37.33 -0.89
CA PRO B 9 -5.40 37.85 0.30
C PRO B 9 -5.26 36.74 1.33
N LEU B 10 -4.47 36.98 2.36
CA LEU B 10 -4.43 36.03 3.46
C LEU B 10 -5.75 36.07 4.24
N CYS B 11 -6.16 34.95 4.81
CA CYS B 11 -7.32 34.96 5.73
C CYS B 11 -6.99 35.64 7.05
N GLU B 12 -8.00 36.25 7.69
CA GLU B 12 -7.91 36.70 9.06
C GLU B 12 -7.63 35.49 9.95
N VAL B 13 -6.69 35.61 10.91
CA VAL B 13 -6.39 34.54 11.85
C VAL B 13 -6.47 35.08 13.29
N ASN B 14 -7.34 34.47 14.12
CA ASN B 14 -7.45 34.79 15.53
C ASN B 14 -6.97 33.63 16.43
N SER B 15 -6.95 32.39 15.92
CA SER B 15 -6.45 31.24 16.66
C SER B 15 -6.05 30.19 15.64
N TRP B 16 -5.54 29.05 16.14
CA TRP B 16 -5.07 28.01 15.27
C TRP B 16 -5.76 26.69 15.57
N HIS B 17 -6.27 26.04 14.49
CA HIS B 17 -6.92 24.73 14.64
C HIS B 17 -5.98 23.62 14.19
N ILE B 18 -6.20 22.44 14.73
CA ILE B 18 -5.36 21.27 14.40
C ILE B 18 -5.68 20.83 12.97
N LEU B 19 -4.66 20.61 12.14
CA LEU B 19 -4.83 20.10 10.81
C LEU B 19 -4.37 18.64 10.74
N SER B 20 -3.17 18.33 11.22
CA SER B 20 -2.68 16.97 11.14
C SER B 20 -1.65 16.73 12.23
N LYS B 21 -1.43 15.48 12.56
CA LYS B 21 -0.38 15.07 13.51
C LYS B 21 -0.09 13.60 13.18
N ASP B 22 1.18 13.23 13.00
CA ASP B 22 1.41 11.88 12.50
C ASP B 22 1.86 10.91 13.61
N ASN B 23 2.19 11.40 14.80
CA ASN B 23 2.54 10.53 15.90
C ASN B 23 3.60 9.49 15.50
N ALA B 24 4.59 9.92 14.71
CA ALA B 24 5.52 9.01 14.03
C ALA B 24 6.39 8.23 15.03
N ILE B 25 6.84 8.92 16.10
CA ILE B 25 7.76 8.29 17.04
C ILE B 25 7.02 7.28 17.90
N ARG B 26 5.79 7.64 18.35
CA ARG B 26 4.94 6.68 19.05
C ARG B 26 4.72 5.40 18.22
N ILE B 27 4.30 5.60 16.97
CA ILE B 27 4.00 4.48 16.09
C ILE B 27 5.27 3.69 15.80
N GLY B 28 6.34 4.41 15.46
CA GLY B 28 7.65 3.87 15.04
C GLY B 28 8.39 3.14 16.16
N GLU B 29 7.90 3.19 17.41
CA GLU B 29 8.44 2.34 18.48
C GLU B 29 8.26 0.87 18.10
N ASP B 30 7.25 0.57 17.27
CA ASP B 30 6.96 -0.87 16.96
C ASP B 30 6.84 -1.08 15.45
N ALA B 31 6.34 -0.12 14.71
CA ALA B 31 6.06 -0.31 13.32
C ALA B 31 7.31 0.17 12.58
N HIS B 32 7.31 -0.04 11.30
CA HIS B 32 8.53 0.19 10.51
C HIS B 32 8.43 1.65 10.00
N ILE B 33 8.89 2.56 10.80
CA ILE B 33 8.78 3.97 10.50
C ILE B 33 10.19 4.49 10.27
N LEU B 34 10.32 5.24 9.19
CA LEU B 34 11.62 5.77 8.85
C LEU B 34 12.03 6.91 9.79
N VAL B 35 13.35 6.94 10.08
CA VAL B 35 14.00 8.08 10.71
C VAL B 35 13.97 9.26 9.73
N THR B 36 13.54 10.42 10.23
CA THR B 36 13.52 11.61 9.47
C THR B 36 14.10 12.76 10.31
N ARG B 37 14.09 13.91 9.65
CA ARG B 37 14.22 15.27 10.21
C ARG B 37 13.91 16.25 9.08
N GLU B 38 13.79 17.53 9.41
CA GLU B 38 13.51 18.60 8.45
C GLU B 38 12.19 18.34 7.71
N PRO B 39 11.07 18.16 8.43
CA PRO B 39 9.80 17.84 7.79
C PRO B 39 9.17 19.12 7.28
N TYR B 40 8.12 18.97 6.48
CA TYR B 40 7.25 20.05 6.15
C TYR B 40 5.96 19.50 5.55
N LEU B 41 5.08 20.37 5.07
CA LEU B 41 3.90 19.97 4.35
C LEU B 41 3.86 20.80 3.08
N SER B 42 3.22 20.25 2.06
CA SER B 42 2.96 21.02 0.86
C SER B 42 1.71 20.45 0.22
N CYS B 43 0.89 21.33 -0.37
CA CYS B 43 -0.36 20.93 -0.94
C CYS B 43 -0.33 21.02 -2.45
N ASP B 44 -1.42 20.52 -3.05
CA ASP B 44 -1.63 20.50 -4.51
C ASP B 44 -3.12 20.51 -4.71
N PRO B 45 -3.62 20.50 -5.94
CA PRO B 45 -5.05 20.60 -6.17
C PRO B 45 -5.86 19.49 -5.50
N GLN B 46 -5.24 18.34 -5.25
CA GLN B 46 -5.94 17.17 -4.65
C GLN B 46 -5.91 17.21 -3.13
N GLY B 47 -4.87 17.73 -2.53
CA GLY B 47 -4.76 17.55 -1.07
C GLY B 47 -3.46 18.11 -0.55
N CYS B 48 -3.04 17.61 0.64
CA CYS B 48 -1.80 18.05 1.20
C CYS B 48 -1.05 16.79 1.61
N ARG B 49 0.28 16.88 1.52
CA ARG B 49 1.16 15.78 1.81
C ARG B 49 2.19 16.24 2.81
N MET B 50 2.70 15.29 3.58
CA MET B 50 3.81 15.50 4.43
C MET B 50 5.10 15.12 3.68
N PHE B 51 6.17 15.80 4.05
CA PHE B 51 7.48 15.71 3.44
C PHE B 51 8.52 15.68 4.55
N ALA B 52 9.63 15.03 4.28
CA ALA B 52 10.77 15.11 5.22
C ALA B 52 12.02 14.52 4.57
N LEU B 53 13.17 14.73 5.20
CA LEU B 53 14.39 14.05 4.80
C LEU B 53 14.55 12.76 5.60
N SER B 54 14.30 11.64 4.93
CA SER B 54 14.64 10.32 5.48
C SER B 54 16.13 10.23 5.77
N GLN B 55 16.50 9.39 6.75
CA GLN B 55 17.90 8.96 7.02
C GLN B 55 18.17 7.54 6.48
N GLY B 56 17.22 6.95 5.76
CA GLY B 56 17.46 5.69 5.06
C GLY B 56 17.65 4.58 6.06
N THR B 57 16.78 4.56 7.06
CA THR B 57 16.75 3.54 8.07
C THR B 57 15.43 3.71 8.79
N THR B 58 14.97 2.64 9.39
CA THR B 58 13.85 2.76 10.35
C THR B 58 14.35 3.20 11.73
N LEU B 59 13.39 3.60 12.56
CA LEU B 59 13.67 4.17 13.89
C LEU B 59 14.14 3.09 14.87
N ARG B 60 13.56 1.88 14.79
CA ARG B 60 13.96 0.74 15.62
C ARG B 60 15.15 -0.03 15.04
N GLY B 61 15.50 0.28 13.80
CA GLY B 61 16.63 -0.32 13.10
C GLY B 61 17.96 0.00 13.77
N ARG B 62 18.91 -0.95 13.70
CA ARG B 62 20.26 -0.66 14.19
C ARG B 62 20.88 0.54 13.45
N HIS B 63 20.50 0.84 12.21
CA HIS B 63 21.09 1.97 11.50
C HIS B 63 20.53 3.32 11.96
N ALA B 64 19.56 3.33 12.86
CA ALA B 64 19.15 4.56 13.47
C ALA B 64 20.29 5.20 14.29
N ASN B 65 21.23 4.37 14.72
CA ASN B 65 22.41 4.80 15.48
C ASN B 65 23.24 5.76 14.65
N GLY B 66 23.40 7.00 15.13
CA GLY B 66 24.21 7.98 14.42
C GLY B 66 23.37 8.92 13.56
N THR B 67 22.04 8.89 13.68
CA THR B 67 21.18 9.74 12.81
C THR B 67 21.10 11.21 13.28
N ILE B 68 21.84 11.57 14.34
CA ILE B 68 22.01 12.98 14.60
C ILE B 68 22.66 13.69 13.38
N HIS B 69 23.51 12.98 12.63
N HIS B 69 23.55 12.98 12.66
CA HIS B 69 24.31 13.62 11.59
CA HIS B 69 24.31 13.50 11.53
C HIS B 69 23.37 14.08 10.46
C HIS B 69 23.32 14.11 10.51
N ASP B 70 23.62 15.27 9.96
CA ASP B 70 22.71 15.94 9.05
C ASP B 70 22.85 15.47 7.60
N ARG B 71 24.05 15.11 7.16
CA ARG B 71 24.27 14.87 5.73
C ARG B 71 24.90 13.51 5.53
N SER B 72 24.30 12.68 4.67
CA SER B 72 24.87 11.42 4.29
C SER B 72 24.34 11.05 2.90
N PRO B 73 24.92 10.01 2.27
CA PRO B 73 24.42 9.51 0.99
C PRO B 73 23.16 8.66 1.12
N PHE B 74 22.59 8.55 2.33
CA PHE B 74 21.47 7.65 2.62
C PHE B 74 20.19 8.45 2.86
N ARG B 75 20.28 9.78 2.76
CA ARG B 75 19.13 10.62 2.96
C ARG B 75 18.44 10.88 1.63
N ALA B 76 17.13 11.13 1.73
CA ALA B 76 16.34 11.50 0.63
C ALA B 76 15.15 12.28 1.08
N LEU B 77 14.62 13.09 0.14
CA LEU B 77 13.29 13.69 0.41
C LEU B 77 12.22 12.65 0.06
N ILE B 78 11.36 12.40 1.05
CA ILE B 78 10.23 11.57 0.89
C ILE B 78 8.96 12.37 1.18
N SER B 79 7.87 11.99 0.53
CA SER B 79 6.56 12.53 0.78
C SER B 79 5.56 11.41 1.06
N TRP B 80 4.48 11.76 1.73
CA TRP B 80 3.49 10.77 2.03
C TRP B 80 2.17 11.44 2.38
N GLU B 81 1.12 10.63 2.36
N GLU B 81 1.10 10.65 2.33
CA GLU B 81 -0.24 11.11 2.66
CA GLU B 81 -0.26 11.15 2.59
C GLU B 81 -0.29 11.78 4.02
C GLU B 81 -0.30 11.77 3.99
N MET B 82 -0.87 13.00 4.06
CA MET B 82 -0.85 13.80 5.28
C MET B 82 -1.53 13.02 6.40
N GLY B 83 -0.83 12.93 7.51
CA GLY B 83 -1.39 12.29 8.73
C GLY B 83 -0.83 10.90 9.01
N GLN B 84 -0.47 10.15 7.96
N GLN B 84 -0.43 10.18 7.95
CA GLN B 84 0.15 8.84 8.16
CA GLN B 84 0.18 8.89 8.16
C GLN B 84 1.54 9.18 8.70
C GLN B 84 1.61 9.16 8.63
N ALA B 85 2.19 8.18 9.32
CA ALA B 85 3.58 8.24 9.64
C ALA B 85 4.38 7.71 8.45
N PRO B 86 5.64 8.16 8.30
CA PRO B 86 6.47 7.79 7.13
C PRO B 86 7.12 6.41 7.32
N SER B 87 6.64 5.44 6.53
CA SER B 87 7.16 4.07 6.54
C SER B 87 7.88 3.82 5.21
N PRO B 88 8.62 2.73 5.07
CA PRO B 88 9.18 2.35 3.78
C PRO B 88 8.10 1.93 2.78
N TYR B 89 6.85 1.81 3.24
CA TYR B 89 5.82 1.24 2.44
C TYR B 89 4.86 2.29 1.85
N ASN B 90 4.84 3.51 2.39
CA ASN B 90 3.80 4.50 2.03
C ASN B 90 4.43 5.81 1.55
N THR B 91 5.73 5.84 1.28
CA THR B 91 6.46 7.06 1.04
C THR B 91 7.00 7.08 -0.40
N ARG B 92 6.84 8.23 -1.04
CA ARG B 92 7.37 8.47 -2.35
C ARG B 92 8.73 9.16 -2.23
N VAL B 93 9.73 8.70 -2.97
CA VAL B 93 11.02 9.37 -2.93
C VAL B 93 10.96 10.48 -3.99
N GLU B 94 11.02 11.73 -3.51
CA GLU B 94 10.93 12.93 -4.38
C GLU B 94 12.27 13.22 -5.06
N CYS B 95 13.39 13.02 -4.36
CA CYS B 95 14.76 13.30 -4.84
C CYS B 95 15.74 12.83 -3.74
N ILE B 96 17.01 12.71 -4.09
CA ILE B 96 17.98 12.13 -3.19
C ILE B 96 18.79 13.32 -2.64
N GLY B 97 19.01 13.34 -1.33
CA GLY B 97 19.88 14.31 -0.75
C GLY B 97 19.49 14.68 0.65
N TRP B 98 20.10 15.78 1.16
CA TRP B 98 20.14 16.12 2.58
C TRP B 98 19.75 17.59 2.84
N SER B 99 19.16 18.25 1.83
CA SER B 99 18.50 19.52 1.95
C SER B 99 17.50 19.65 0.78
N SER B 100 16.28 20.16 1.04
CA SER B 100 15.22 20.11 0.05
C SER B 100 14.28 21.30 0.12
N THR B 101 13.52 21.42 -0.95
CA THR B 101 12.28 22.18 -0.98
C THR B 101 11.36 21.47 -2.00
N SER B 102 10.08 21.80 -1.97
CA SER B 102 9.09 21.24 -2.89
C SER B 102 7.91 22.20 -2.98
N CYS B 103 7.30 22.34 -4.16
CA CYS B 103 6.07 23.07 -4.29
C CYS B 103 5.37 22.61 -5.56
N HIS B 104 4.05 22.76 -5.55
CA HIS B 104 3.21 22.53 -6.73
C HIS B 104 2.84 23.86 -7.37
N ASP B 105 2.87 23.91 -8.70
CA ASP B 105 2.57 25.11 -9.43
C ASP B 105 1.14 25.14 -9.93
N GLY B 106 0.33 24.14 -9.54
CA GLY B 106 -1.03 23.99 -10.07
C GLY B 106 -1.12 22.88 -11.10
N MET B 107 -0.03 22.66 -11.86
CA MET B 107 0.03 21.62 -12.89
C MET B 107 0.79 20.40 -12.33
N SER B 108 2.02 20.59 -11.86
CA SER B 108 2.87 19.52 -11.37
C SER B 108 3.72 20.04 -10.23
N ARG B 109 4.34 19.09 -9.55
CA ARG B 109 5.17 19.37 -8.39
C ARG B 109 6.65 19.47 -8.77
N MET B 110 7.33 20.50 -8.25
CA MET B 110 8.75 20.65 -8.33
C MET B 110 9.34 20.24 -6.99
N SER B 111 10.40 19.41 -7.01
CA SER B 111 11.10 19.02 -5.85
C SER B 111 12.60 19.20 -6.13
N ILE B 112 13.32 19.70 -5.13
CA ILE B 112 14.73 19.99 -5.27
C ILE B 112 15.43 19.37 -4.06
N CYS B 113 16.53 18.68 -4.30
CA CYS B 113 17.35 18.09 -3.25
C CYS B 113 18.82 18.40 -3.56
N MET B 114 19.58 18.81 -2.54
CA MET B 114 21.00 18.94 -2.62
C MET B 114 21.61 17.67 -2.04
N SER B 115 22.73 17.23 -2.65
CA SER B 115 23.48 16.13 -2.10
C SER B 115 24.94 16.33 -2.42
N GLY B 116 25.78 15.45 -1.86
CA GLY B 116 27.17 15.45 -2.18
C GLY B 116 28.00 15.89 -0.99
N PRO B 117 29.31 16.03 -1.19
CA PRO B 117 30.22 16.37 -0.11
C PRO B 117 30.08 17.88 0.15
N ASN B 118 30.55 18.30 1.32
CA ASN B 118 30.41 19.72 1.75
C ASN B 118 31.00 20.66 0.69
N ASN B 119 32.14 20.28 0.11
CA ASN B 119 32.84 21.22 -0.68
C ASN B 119 32.37 21.17 -2.15
N ASN B 120 31.36 20.35 -2.49
CA ASN B 120 31.09 20.08 -3.93
C ASN B 120 29.68 19.52 -4.09
N ALA B 121 28.72 20.07 -3.34
CA ALA B 121 27.35 19.65 -3.40
C ALA B 121 26.71 20.13 -4.70
N SER B 122 25.60 19.50 -5.00
CA SER B 122 24.82 19.91 -6.13
C SER B 122 23.33 19.74 -5.85
N ALA B 123 22.51 20.53 -6.54
CA ALA B 123 21.07 20.39 -6.45
C ALA B 123 20.60 19.65 -7.72
N VAL B 124 19.58 18.80 -7.58
CA VAL B 124 18.83 18.27 -8.72
C VAL B 124 17.38 18.74 -8.56
N VAL B 125 16.88 19.38 -9.63
CA VAL B 125 15.59 19.93 -9.68
C VAL B 125 14.68 19.01 -10.50
N TRP B 126 13.61 18.54 -9.84
CA TRP B 126 12.67 17.59 -10.41
C TRP B 126 11.38 18.36 -10.68
N TYR B 127 10.69 17.97 -11.74
CA TYR B 127 9.35 18.45 -12.03
C TYR B 127 8.51 17.32 -12.60
N GLY B 128 7.33 17.10 -12.00
CA GLY B 128 6.43 16.04 -12.39
C GLY B 128 7.09 14.69 -12.26
N GLY B 129 8.06 14.55 -11.33
CA GLY B 129 8.68 13.30 -11.00
C GLY B 129 9.83 12.94 -11.94
N ARG B 130 10.26 13.90 -12.77
CA ARG B 130 11.42 13.71 -13.64
C ARG B 130 12.50 14.73 -13.34
N PRO B 131 13.80 14.37 -13.41
CA PRO B 131 14.87 15.33 -13.14
C PRO B 131 15.01 16.29 -14.36
N ILE B 132 15.04 17.59 -14.08
CA ILE B 132 15.03 18.66 -15.14
C ILE B 132 16.38 19.37 -15.25
N THR B 133 16.93 19.80 -14.11
CA THR B 133 18.04 20.74 -14.07
C THR B 133 18.98 20.28 -12.95
N GLU B 134 20.27 20.55 -13.07
CA GLU B 134 21.20 20.34 -11.96
C GLU B 134 21.92 21.68 -11.73
N ILE B 135 22.30 21.93 -10.49
CA ILE B 135 22.92 23.19 -10.15
C ILE B 135 24.09 22.89 -9.24
N PRO B 136 25.34 23.12 -9.68
CA PRO B 136 26.50 22.87 -8.83
C PRO B 136 26.67 23.99 -7.78
N SER B 137 27.33 23.61 -6.68
CA SER B 137 27.72 24.51 -5.64
C SER B 137 28.47 25.67 -6.27
N TRP B 138 28.11 26.89 -5.85
CA TRP B 138 28.81 28.10 -6.29
C TRP B 138 29.81 28.61 -5.27
N ALA B 139 29.78 28.15 -4.03
CA ALA B 139 30.69 28.68 -3.02
C ALA B 139 31.38 27.56 -2.25
N GLY B 140 31.17 26.29 -2.63
CA GLY B 140 31.96 25.21 -2.10
C GLY B 140 31.78 24.94 -0.63
N ASN B 141 30.57 25.13 -0.09
CA ASN B 141 30.33 25.00 1.30
C ASN B 141 28.84 24.80 1.58
N ILE B 142 28.43 23.52 1.47
CA ILE B 142 27.11 23.05 1.81
C ILE B 142 26.00 23.87 1.12
N LEU B 143 25.99 23.82 -0.20
CA LEU B 143 24.82 24.30 -0.96
C LEU B 143 23.58 23.70 -0.32
N ARG B 144 22.59 24.56 -0.03
CA ARG B 144 21.44 24.19 0.80
C ARG B 144 20.25 25.13 0.53
N THR B 145 19.07 24.71 1.00
CA THR B 145 17.87 25.40 0.72
C THR B 145 16.88 25.36 1.90
N GLN B 146 15.58 25.51 1.57
CA GLN B 146 14.59 26.03 2.51
C GLN B 146 14.26 25.05 3.63
N GLU B 147 14.12 23.76 3.31
CA GLU B 147 13.57 22.74 4.21
C GLU B 147 12.08 22.98 4.50
N SER B 148 11.42 23.72 3.62
CA SER B 148 9.95 23.73 3.60
C SER B 148 9.52 24.18 2.20
N GLU B 149 8.22 24.34 1.99
CA GLU B 149 7.73 24.43 0.65
C GLU B 149 8.07 25.78 0.05
N CYS B 150 8.29 25.77 -1.27
CA CYS B 150 8.39 26.94 -2.11
C CYS B 150 6.97 27.34 -2.50
N VAL B 151 6.82 28.38 -3.28
CA VAL B 151 5.54 28.94 -3.69
C VAL B 151 5.64 29.30 -5.16
N CYS B 152 4.54 29.17 -5.90
CA CYS B 152 4.55 29.37 -7.29
C CYS B 152 3.44 30.38 -7.65
N HIS B 153 3.68 31.17 -8.70
CA HIS B 153 2.72 32.16 -9.20
C HIS B 153 2.85 32.17 -10.72
N LYS B 154 1.78 31.83 -11.45
CA LYS B 154 1.78 31.81 -12.94
C LYS B 154 2.92 30.91 -13.46
N GLY B 155 3.21 29.83 -12.76
CA GLY B 155 4.18 28.85 -13.18
C GLY B 155 5.59 29.10 -12.66
N VAL B 156 5.84 30.29 -12.11
CA VAL B 156 7.16 30.66 -11.63
C VAL B 156 7.22 30.37 -10.15
N CYS B 157 8.26 29.62 -9.75
CA CYS B 157 8.42 29.18 -8.37
C CYS B 157 9.78 29.62 -7.90
N PRO B 158 9.89 30.74 -7.15
CA PRO B 158 11.16 31.17 -6.59
C PRO B 158 11.58 30.23 -5.48
N VAL B 159 12.88 30.04 -5.39
CA VAL B 159 13.52 29.21 -4.36
C VAL B 159 14.75 29.92 -3.81
N VAL B 160 14.87 29.95 -2.47
CA VAL B 160 15.98 30.57 -1.84
C VAL B 160 16.99 29.49 -1.46
N MET B 161 18.24 29.67 -1.92
CA MET B 161 19.34 28.73 -1.62
C MET B 161 20.52 29.52 -1.09
N THR B 162 21.33 28.85 -0.26
CA THR B 162 22.53 29.42 0.24
C THR B 162 23.67 28.42 0.05
N ASP B 163 24.84 29.00 -0.18
CA ASP B 163 26.09 28.26 -0.23
C ASP B 163 27.12 29.12 0.49
N GLY B 164 27.89 28.52 1.40
CA GLY B 164 28.85 29.27 2.14
C GLY B 164 28.75 28.99 3.63
N PRO B 165 29.56 29.70 4.46
CA PRO B 165 29.61 29.49 5.90
C PRO B 165 28.27 29.56 6.61
N ALA B 166 28.14 28.73 7.65
CA ALA B 166 27.00 28.77 8.56
C ALA B 166 27.19 29.92 9.57
N ASN B 167 28.43 30.35 9.77
CA ASN B 167 28.81 31.23 10.90
C ASN B 167 29.48 32.50 10.39
N ASN B 168 29.24 32.85 9.12
CA ASN B 168 29.82 34.02 8.55
C ASN B 168 29.01 34.35 7.30
N ARG B 169 29.38 35.44 6.65
CA ARG B 169 28.70 35.84 5.46
C ARG B 169 28.71 34.68 4.43
N ALA B 170 27.59 34.46 3.76
CA ALA B 170 27.46 33.39 2.77
C ALA B 170 26.90 33.97 1.45
N ALA B 171 26.73 33.11 0.43
CA ALA B 171 26.29 33.53 -0.90
C ALA B 171 24.90 32.93 -1.17
N THR B 172 23.87 33.75 -0.96
CA THR B 172 22.52 33.35 -1.12
C THR B 172 22.08 33.84 -2.48
N LYS B 173 21.17 33.08 -3.09
N LYS B 173 21.35 32.95 -3.16
CA LYS B 173 20.59 33.40 -4.37
CA LYS B 173 20.75 33.20 -4.40
C LYS B 173 19.10 33.04 -4.35
C LYS B 173 19.28 32.81 -4.28
N ILE B 174 18.34 33.76 -5.17
N ILE B 174 18.45 33.65 -4.92
CA ILE B 174 16.99 33.49 -5.43
CA ILE B 174 17.11 33.29 -5.31
C ILE B 174 16.93 32.95 -6.86
C ILE B 174 17.16 32.83 -6.77
N ILE B 175 16.50 31.69 -7.02
CA ILE B 175 16.42 31.07 -8.34
C ILE B 175 14.95 30.87 -8.68
N TYR B 176 14.55 31.41 -9.81
CA TYR B 176 13.20 31.42 -10.24
C TYR B 176 13.02 30.32 -11.30
N PHE B 177 12.19 29.35 -10.98
CA PHE B 177 11.99 28.18 -11.82
C PHE B 177 10.64 28.23 -12.52
N LYS B 178 10.57 27.59 -13.67
CA LYS B 178 9.31 27.26 -14.32
C LYS B 178 9.48 25.92 -15.00
N GLU B 179 8.61 24.98 -14.61
CA GLU B 179 8.65 23.57 -15.10
C GLU B 179 10.05 23.00 -14.84
N GLY B 180 10.67 23.41 -13.73
CA GLY B 180 11.95 22.91 -13.29
C GLY B 180 13.14 23.52 -14.00
N LYS B 181 12.87 24.50 -14.88
N LYS B 181 12.90 24.41 -14.99
CA LYS B 181 13.89 25.18 -15.67
CA LYS B 181 13.96 25.13 -15.68
C LYS B 181 14.20 26.57 -15.08
C LYS B 181 14.24 26.45 -14.94
N ILE B 182 15.50 26.91 -15.02
CA ILE B 182 15.91 28.21 -14.46
C ILE B 182 15.49 29.34 -15.39
N GLN B 183 14.69 30.26 -14.87
CA GLN B 183 14.25 31.43 -15.59
C GLN B 183 15.18 32.62 -15.32
N LYS B 184 15.68 32.68 -14.11
CA LYS B 184 16.45 33.82 -13.68
C LYS B 184 17.10 33.42 -12.37
N ILE B 185 18.30 33.94 -12.16
CA ILE B 185 19.02 33.80 -10.87
C ILE B 185 19.33 35.22 -10.38
N GLU B 186 19.02 35.53 -9.11
CA GLU B 186 19.43 36.77 -8.46
C GLU B 186 20.32 36.48 -7.26
N GLU B 187 21.37 37.30 -7.11
CA GLU B 187 22.13 37.34 -5.87
C GLU B 187 21.27 38.06 -4.82
N LEU B 188 21.37 37.59 -3.58
CA LEU B 188 20.60 38.22 -2.51
C LEU B 188 21.03 39.68 -2.40
N ALA B 189 20.03 40.56 -2.32
CA ALA B 189 20.24 42.02 -2.07
C ALA B 189 19.52 42.41 -0.77
N GLY B 190 19.75 43.65 -0.33
CA GLY B 190 19.05 44.23 0.82
C GLY B 190 19.83 44.08 2.12
N ASN B 191 19.11 44.15 3.25
CA ASN B 191 19.72 44.32 4.56
C ASN B 191 19.85 43.03 5.36
N ALA B 192 19.28 41.93 4.90
CA ALA B 192 19.52 40.64 5.61
C ALA B 192 20.99 40.29 5.46
N GLN B 193 21.61 39.87 6.57
N GLN B 193 21.61 39.88 6.57
CA GLN B 193 23.06 39.69 6.59
CA GLN B 193 23.06 39.66 6.63
C GLN B 193 23.44 38.19 6.45
C GLN B 193 23.41 38.20 6.36
N HIS B 194 22.47 37.31 6.64
CA HIS B 194 22.64 35.86 6.45
C HIS B 194 21.28 35.23 6.25
N ILE B 195 21.20 34.23 5.35
CA ILE B 195 19.95 33.66 5.01
C ILE B 195 20.05 32.14 4.95
N GLU B 196 19.19 31.48 5.73
CA GLU B 196 19.03 30.05 5.66
C GLU B 196 17.56 29.68 5.80
N GLU B 197 17.17 28.52 5.24
CA GLU B 197 15.96 27.82 5.65
C GLU B 197 14.76 28.72 5.60
N CYS B 198 14.55 29.36 4.46
CA CYS B 198 13.41 30.25 4.37
C CYS B 198 12.09 29.47 4.40
N SER B 199 11.12 30.06 5.12
CA SER B 199 9.74 29.58 5.17
C SER B 199 8.90 30.60 4.44
N CYS B 200 8.30 30.21 3.34
CA CYS B 200 7.73 31.19 2.46
C CYS B 200 6.25 30.92 2.19
N TYR B 201 5.50 32.00 1.92
CA TYR B 201 4.10 31.86 1.53
C TYR B 201 3.74 33.00 0.60
N GLY B 202 2.63 32.84 -0.10
CA GLY B 202 2.14 33.88 -1.04
C GLY B 202 0.75 34.42 -0.67
N ALA B 203 0.53 35.67 -1.00
CA ALA B 203 -0.77 36.32 -0.88
C ALA B 203 -0.74 37.60 -1.70
N GLY B 204 -1.83 37.93 -2.36
CA GLY B 204 -1.88 39.19 -3.13
C GLY B 204 -0.70 39.41 -4.08
N GLY B 205 -0.21 38.38 -4.74
CA GLY B 205 0.86 38.50 -5.76
C GLY B 205 2.25 38.68 -5.15
N VAL B 206 2.39 38.51 -3.83
CA VAL B 206 3.67 38.74 -3.16
C VAL B 206 4.04 37.46 -2.42
N ILE B 207 5.31 37.05 -2.49
CA ILE B 207 5.82 35.93 -1.70
C ILE B 207 6.69 36.52 -0.59
N LYS B 208 6.48 36.10 0.65
CA LYS B 208 7.33 36.53 1.72
C LYS B 208 8.00 35.29 2.27
N CYS B 209 9.30 35.36 2.52
CA CYS B 209 10.10 34.27 3.03
C CYS B 209 10.72 34.75 4.33
N ILE B 210 10.41 34.04 5.41
CA ILE B 210 10.88 34.41 6.72
C ILE B 210 11.94 33.38 7.08
N CYS B 211 13.17 33.82 7.35
CA CYS B 211 14.30 32.90 7.29
C CYS B 211 15.05 32.85 8.63
N ARG B 212 16.20 32.18 8.57
CA ARG B 212 17.11 32.00 9.68
C ARG B 212 18.40 32.72 9.37
N ASP B 213 18.76 33.69 10.22
CA ASP B 213 20.09 34.30 10.20
C ASP B 213 20.94 33.51 11.20
N ASN B 214 21.82 32.63 10.70
CA ASN B 214 22.63 31.74 11.54
C ASN B 214 23.91 32.44 12.02
N TRP B 215 24.15 33.65 11.51
CA TRP B 215 25.39 34.40 11.74
C TRP B 215 25.24 35.38 12.91
N LYS B 216 24.24 36.25 12.84
CA LYS B 216 24.12 37.32 13.83
C LYS B 216 22.75 37.36 14.52
N GLY B 217 21.70 37.56 13.74
CA GLY B 217 20.40 37.98 14.23
C GLY B 217 19.66 36.89 14.95
N ALA B 218 19.04 37.25 16.10
CA ALA B 218 17.96 36.49 16.69
C ALA B 218 16.60 37.00 16.20
N ASN B 219 16.58 38.17 15.60
CA ASN B 219 15.45 38.52 14.73
C ASN B 219 15.59 37.81 13.39
N ARG B 220 14.47 37.54 12.73
CA ARG B 220 14.51 36.75 11.52
C ARG B 220 14.53 37.64 10.30
N PRO B 221 15.35 37.30 9.31
CA PRO B 221 15.27 38.02 8.07
C PRO B 221 13.96 37.76 7.36
N VAL B 222 13.58 38.70 6.50
CA VAL B 222 12.43 38.59 5.66
C VAL B 222 12.84 39.00 4.24
N ILE B 223 12.61 38.06 3.30
CA ILE B 223 12.78 38.31 1.88
C ILE B 223 11.41 38.45 1.25
N THR B 224 11.22 39.51 0.49
CA THR B 224 9.95 39.78 -0.19
C THR B 224 10.17 39.62 -1.69
N ILE B 225 9.44 38.74 -2.36
CA ILE B 225 9.69 38.38 -3.74
C ILE B 225 8.45 38.69 -4.56
N ASP B 226 8.68 39.38 -5.68
CA ASP B 226 7.73 39.57 -6.73
C ASP B 226 7.97 38.49 -7.77
N PRO B 227 7.11 37.45 -7.86
CA PRO B 227 7.39 36.34 -8.77
C PRO B 227 7.04 36.68 -10.23
N GLU B 228 6.44 37.84 -10.49
CA GLU B 228 6.16 38.26 -11.84
C GLU B 228 7.35 39.02 -12.42
N MET B 229 7.84 40.06 -11.72
CA MET B 229 9.08 40.75 -12.12
C MET B 229 10.30 39.87 -11.85
N MET B 230 10.15 38.87 -10.99
CA MET B 230 11.30 38.06 -10.47
C MET B 230 12.41 38.95 -9.91
N THR B 231 11.99 39.73 -8.90
CA THR B 231 12.87 40.62 -8.14
C THR B 231 12.58 40.42 -6.65
N HIS B 232 13.48 40.91 -5.80
CA HIS B 232 13.25 40.78 -4.35
C HIS B 232 13.86 41.95 -3.59
N THR B 233 13.42 42.13 -2.35
CA THR B 233 14.11 42.95 -1.31
C THR B 233 14.30 42.08 -0.07
N SER B 234 15.20 42.50 0.83
CA SER B 234 15.39 41.82 2.09
C SER B 234 15.64 42.81 3.21
N LYS B 235 15.21 42.41 4.41
CA LYS B 235 15.48 43.17 5.63
C LYS B 235 15.25 42.20 6.78
N TYR B 236 14.93 42.73 7.97
CA TYR B 236 14.65 41.93 9.11
C TYR B 236 13.22 42.22 9.55
N LEU B 237 12.57 41.23 10.13
CA LEU B 237 11.36 41.47 10.95
C LEU B 237 11.61 42.64 11.91
N CYS B 238 10.74 43.66 11.87
CA CYS B 238 10.95 44.91 12.68
C CYS B 238 10.74 44.62 14.16
N SER B 239 9.83 43.70 14.47
CA SER B 239 9.32 43.54 15.81
C SER B 239 10.45 43.26 16.84
N LYS B 240 10.26 43.82 18.03
CA LYS B 240 11.05 43.52 19.23
C LYS B 240 10.86 42.08 19.67
N VAL B 241 9.78 41.39 19.21
CA VAL B 241 9.54 40.03 19.54
C VAL B 241 10.48 39.17 18.67
N LEU B 242 11.58 38.72 19.28
CA LEU B 242 12.63 37.92 18.61
C LEU B 242 12.18 36.47 18.52
N THR B 243 12.43 35.85 17.36
CA THR B 243 11.80 34.57 17.10
C THR B 243 12.75 33.51 16.60
N ASP B 244 14.07 33.77 16.61
CA ASP B 244 15.03 32.71 16.42
C ASP B 244 15.35 32.05 17.74
N THR B 245 16.10 30.95 17.68
CA THR B 245 16.60 30.25 18.85
C THR B 245 18.02 29.82 18.53
N SER B 246 19.01 30.17 19.39
CA SER B 246 18.85 30.82 20.66
C SER B 246 18.70 32.33 20.46
N ARG B 247 18.07 33.00 21.41
CA ARG B 247 17.87 34.46 21.36
C ARG B 247 18.05 35.04 22.77
N PRO B 248 18.36 36.35 22.86
CA PRO B 248 18.35 37.04 24.14
C PRO B 248 16.89 37.41 24.49
N ASN B 249 16.70 38.05 25.64
CA ASN B 249 15.40 38.64 25.98
C ASN B 249 15.03 39.65 24.89
N ASP B 250 13.73 39.74 24.63
CA ASP B 250 13.22 40.71 23.71
C ASP B 250 13.61 42.09 24.20
N PRO B 251 14.25 42.90 23.33
CA PRO B 251 14.66 44.27 23.68
C PRO B 251 13.48 45.25 23.67
N THR B 252 13.75 46.52 23.97
CA THR B 252 12.71 47.49 23.99
C THR B 252 12.20 47.79 22.57
N ASN B 253 13.12 47.79 21.61
CA ASN B 253 12.83 47.97 20.25
C ASN B 253 13.57 46.91 19.40
N GLY B 254 12.87 46.43 18.36
CA GLY B 254 13.51 45.66 17.31
C GLY B 254 14.24 46.57 16.33
N ASN B 255 14.71 45.96 15.24
CA ASN B 255 15.45 46.62 14.19
C ASN B 255 15.06 45.99 12.84
N CYS B 256 14.45 46.82 11.98
CA CYS B 256 13.98 46.44 10.63
C CYS B 256 15.18 46.14 9.71
N ASP B 257 16.33 46.76 9.97
CA ASP B 257 17.38 46.87 8.96
C ASP B 257 18.73 46.30 9.40
N ALA B 258 18.76 45.60 10.53
CA ALA B 258 20.01 45.04 11.05
C ALA B 258 19.67 43.95 12.05
N PRO B 259 20.56 42.96 12.25
CA PRO B 259 20.34 41.88 13.21
C PRO B 259 20.39 42.44 14.64
N ILE B 260 19.50 41.91 15.46
CA ILE B 260 19.60 42.01 16.90
C ILE B 260 20.32 40.74 17.35
N THR B 261 21.47 40.89 17.97
CA THR B 261 22.32 39.76 18.27
C THR B 261 22.14 39.36 19.73
N GLY B 262 22.80 38.25 20.07
CA GLY B 262 22.86 37.66 21.37
C GLY B 262 22.23 36.30 21.41
N GLY B 263 22.13 35.78 22.63
CA GLY B 263 21.53 34.49 22.85
C GLY B 263 22.59 33.41 22.94
N SER B 264 22.27 32.32 23.63
CA SER B 264 23.18 31.22 23.84
C SER B 264 22.38 29.94 24.05
N PRO B 265 22.85 28.77 23.58
CA PRO B 265 24.15 28.52 22.97
C PRO B 265 24.12 28.30 21.45
N ASP B 266 22.95 28.41 20.82
CA ASP B 266 22.85 27.99 19.43
C ASP B 266 22.50 29.15 18.52
N PRO B 267 23.05 29.13 17.29
CA PRO B 267 22.92 30.26 16.39
C PRO B 267 21.62 30.40 15.60
N GLY B 268 20.72 29.42 15.65
CA GLY B 268 19.51 29.54 14.86
C GLY B 268 18.72 28.25 14.77
N VAL B 269 17.48 28.40 14.30
CA VAL B 269 16.59 27.31 14.00
C VAL B 269 15.71 27.82 12.86
N LYS B 270 15.25 26.91 12.01
CA LYS B 270 14.28 27.33 11.00
C LYS B 270 12.96 27.74 11.69
N GLY B 271 12.32 28.81 11.19
CA GLY B 271 11.06 29.25 11.72
C GLY B 271 10.32 30.01 10.65
N PHE B 272 9.27 30.69 11.05
CA PHE B 272 8.34 31.31 10.09
C PHE B 272 7.55 32.40 10.77
N ALA B 273 6.85 33.19 9.94
CA ALA B 273 5.87 34.07 10.39
C ALA B 273 4.93 34.34 9.22
N PHE B 274 3.72 34.76 9.56
CA PHE B 274 2.79 35.36 8.59
C PHE B 274 2.65 36.85 8.89
N LEU B 275 2.85 37.68 7.88
CA LEU B 275 2.97 39.12 8.01
C LEU B 275 1.95 39.81 7.12
N ASP B 276 0.93 40.33 7.76
CA ASP B 276 -0.16 40.96 7.06
C ASP B 276 -0.74 42.08 7.92
N GLY B 277 0.05 43.12 8.17
CA GLY B 277 -0.38 44.24 9.04
C GLY B 277 -0.86 43.79 10.42
N GLU B 278 -2.08 44.15 10.76
CA GLU B 278 -2.69 43.78 12.06
C GLU B 278 -2.77 42.26 12.22
N ASN B 279 -2.94 41.57 11.08
CA ASN B 279 -3.16 40.13 10.97
C ASN B 279 -1.82 39.40 10.87
N SER B 280 -0.91 39.62 11.85
CA SER B 280 0.43 39.10 11.75
C SER B 280 0.70 38.16 12.91
N TRP B 281 1.28 37.01 12.61
CA TRP B 281 1.56 36.02 13.59
C TRP B 281 3.00 35.52 13.50
N LEU B 282 3.66 35.42 14.66
CA LEU B 282 5.01 34.97 14.74
C LEU B 282 5.04 33.69 15.57
N GLY B 283 5.76 32.68 15.06
CA GLY B 283 5.98 31.50 15.82
C GLY B 283 7.37 31.55 16.41
N ARG B 284 7.54 30.92 17.57
CA ARG B 284 8.89 30.69 18.10
C ARG B 284 8.82 29.57 19.13
N THR B 285 10.00 29.04 19.46
CA THR B 285 10.15 28.17 20.58
C THR B 285 9.87 28.98 21.86
N ILE B 286 9.34 28.30 22.86
CA ILE B 286 9.07 29.00 24.12
C ILE B 286 10.39 29.31 24.83
N SER B 287 11.28 28.32 24.94
CA SER B 287 12.57 28.55 25.47
C SER B 287 13.33 29.53 24.56
N LYS B 288 14.04 30.50 25.14
N LYS B 288 14.03 30.49 25.17
CA LYS B 288 14.89 31.36 24.32
CA LYS B 288 14.90 31.38 24.43
C LYS B 288 16.24 30.63 23.96
C LYS B 288 16.19 30.61 23.94
N ASP B 289 16.51 29.56 24.76
CA ASP B 289 17.83 28.88 24.68
C ASP B 289 17.75 27.66 23.74
N SER B 290 16.72 26.83 23.94
N SER B 290 16.72 26.83 23.97
CA SER B 290 16.64 25.50 23.31
CA SER B 290 16.59 25.48 23.39
C SER B 290 15.36 25.34 22.51
C SER B 290 15.37 25.38 22.47
N ARG B 291 15.37 24.31 21.67
CA ARG B 291 14.26 23.96 20.82
C ARG B 291 13.24 23.19 21.67
N SER B 292 12.59 23.95 22.56
N SER B 292 12.65 23.91 22.63
CA SER B 292 11.70 23.46 23.62
CA SER B 292 11.66 23.34 23.54
C SER B 292 10.45 24.35 23.51
C SER B 292 10.47 24.29 23.61
N GLY B 293 9.27 23.72 23.47
CA GLY B 293 8.03 24.44 23.44
C GLY B 293 7.83 25.09 22.10
N TYR B 294 6.61 25.53 21.86
CA TYR B 294 6.31 26.31 20.64
C TYR B 294 5.08 27.17 20.89
N GLU B 295 5.17 28.45 20.54
CA GLU B 295 4.06 29.36 20.81
C GLU B 295 3.81 30.15 19.55
N MET B 296 2.54 30.46 19.28
CA MET B 296 2.19 31.45 18.27
C MET B 296 1.83 32.76 18.96
N LEU B 297 2.34 33.87 18.41
CA LEU B 297 2.12 35.21 18.98
C LEU B 297 1.55 36.12 17.88
N LYS B 298 0.40 36.71 18.19
CA LYS B 298 -0.19 37.65 17.32
C LYS B 298 0.47 38.99 17.59
N VAL B 299 1.21 39.51 16.62
CA VAL B 299 2.04 40.70 16.83
C VAL B 299 1.69 41.67 15.72
N PRO B 300 0.68 42.51 15.94
CA PRO B 300 0.22 43.42 14.89
C PRO B 300 1.38 44.27 14.37
N ASN B 301 1.46 44.38 13.03
CA ASN B 301 2.46 45.17 12.38
C ASN B 301 3.90 44.74 12.74
N ALA B 302 4.12 43.48 13.06
CA ALA B 302 5.47 42.98 13.30
C ALA B 302 6.45 43.28 12.15
N GLU B 303 5.97 43.32 10.90
CA GLU B 303 6.83 43.55 9.74
C GLU B 303 7.33 44.99 9.68
N THR B 304 6.63 45.96 10.28
CA THR B 304 6.93 47.36 10.04
C THR B 304 7.23 48.12 11.34
N ASP B 305 6.89 47.57 12.52
CA ASP B 305 6.87 48.36 13.77
C ASP B 305 7.85 47.76 14.79
N ILE B 306 8.93 48.50 15.08
CA ILE B 306 10.00 47.98 15.97
C ILE B 306 9.47 47.92 17.40
N GLN B 307 8.29 48.51 17.69
CA GLN B 307 7.76 48.50 19.04
C GLN B 307 6.65 47.46 19.16
N SER B 308 6.32 46.77 18.07
CA SER B 308 5.20 45.84 18.08
C SER B 308 5.47 44.70 19.08
N GLY B 309 4.46 44.43 19.90
CA GLY B 309 4.52 43.22 20.76
C GLY B 309 3.27 42.36 20.66
N PRO B 310 3.21 41.24 21.41
CA PRO B 310 2.08 40.32 21.27
C PRO B 310 0.78 40.80 21.94
N ILE B 311 -0.34 40.57 21.23
CA ILE B 311 -1.69 40.87 21.76
C ILE B 311 -2.45 39.57 22.05
N SER B 312 -2.02 38.46 21.47
CA SER B 312 -2.60 37.14 21.70
C SER B 312 -1.50 36.08 21.67
N ASN B 313 -1.77 34.94 22.29
CA ASN B 313 -0.83 33.87 22.18
C ASN B 313 -1.59 32.54 22.15
N GLN B 314 -0.97 31.52 21.55
CA GLN B 314 -1.45 30.14 21.63
C GLN B 314 -0.25 29.20 21.78
N VAL B 315 -0.26 28.45 22.87
CA VAL B 315 0.74 27.44 23.08
C VAL B 315 0.47 26.23 22.17
N ILE B 316 1.41 25.94 21.30
CA ILE B 316 1.27 24.81 20.35
C ILE B 316 1.91 23.55 20.95
N VAL B 317 3.06 23.68 21.60
CA VAL B 317 3.76 22.61 22.27
C VAL B 317 4.21 23.20 23.62
N ASN B 318 3.84 22.59 24.73
CA ASN B 318 4.24 23.11 26.03
C ASN B 318 5.78 23.04 26.17
N ASN B 319 6.27 23.87 27.12
CA ASN B 319 7.70 24.06 27.23
C ASN B 319 8.31 22.89 28.00
N GLN B 320 7.54 21.85 28.33
CA GLN B 320 8.13 20.63 28.89
C GLN B 320 8.41 19.62 27.76
N ASN B 321 8.19 20.00 26.51
CA ASN B 321 8.33 19.07 25.37
C ASN B 321 9.23 19.67 24.30
N TRP B 322 9.89 18.80 23.54
CA TRP B 322 10.81 19.22 22.50
C TRP B 322 10.07 19.69 21.25
N SER B 323 10.54 20.80 20.63
CA SER B 323 10.04 21.21 19.35
C SER B 323 11.20 21.02 18.38
N GLY B 324 11.48 22.00 17.55
CA GLY B 324 12.35 21.82 16.39
C GLY B 324 12.01 22.86 15.33
N TYR B 325 12.36 22.57 14.10
CA TYR B 325 12.01 23.42 12.95
C TYR B 325 10.53 23.74 12.92
N SER B 326 10.21 24.86 12.29
CA SER B 326 8.83 25.16 11.99
C SER B 326 8.80 25.89 10.66
N GLY B 327 7.66 25.78 9.95
CA GLY B 327 7.59 26.34 8.63
C GLY B 327 6.17 26.60 8.21
N ALA B 328 6.07 27.42 7.15
CA ALA B 328 4.81 27.82 6.58
C ALA B 328 4.41 26.92 5.40
N PHE B 329 3.11 26.74 5.23
CA PHE B 329 2.52 26.28 3.98
C PHE B 329 1.09 26.76 3.92
N ILE B 330 0.51 26.78 2.71
CA ILE B 330 -0.89 27.10 2.57
C ILE B 330 -1.49 26.10 1.59
N ASP B 331 -2.72 25.71 1.82
CA ASP B 331 -3.49 25.03 0.81
C ASP B 331 -4.07 26.08 -0.12
N TYR B 332 -3.28 26.40 -1.16
CA TYR B 332 -3.63 27.43 -2.13
C TYR B 332 -4.81 26.99 -2.99
N TRP B 333 -5.23 25.73 -2.92
CA TRP B 333 -6.32 25.21 -3.76
C TRP B 333 -7.59 24.98 -2.95
N ALA B 334 -7.62 25.49 -1.71
CA ALA B 334 -8.84 25.44 -0.88
C ALA B 334 -9.98 26.24 -1.53
N ASN B 335 -11.20 25.86 -1.13
CA ASN B 335 -12.38 26.44 -1.68
C ASN B 335 -12.79 27.59 -0.75
N LYS B 336 -12.02 28.69 -0.78
CA LYS B 336 -12.09 29.82 0.11
C LYS B 336 -11.67 31.06 -0.69
N GLU B 337 -12.13 32.24 -0.29
CA GLU B 337 -11.86 33.51 -0.95
C GLU B 337 -10.51 34.07 -0.51
N CYS B 338 -9.91 33.45 0.51
CA CYS B 338 -8.64 33.89 1.03
C CYS B 338 -7.76 32.67 1.18
N PHE B 339 -6.45 32.91 1.22
CA PHE B 339 -5.47 31.91 1.50
C PHE B 339 -5.27 31.78 3.03
N ASN B 340 -5.46 30.59 3.58
CA ASN B 340 -5.43 30.43 5.02
C ASN B 340 -4.05 29.99 5.46
N PRO B 341 -3.35 30.78 6.30
CA PRO B 341 -2.09 30.35 6.86
C PRO B 341 -2.13 28.98 7.56
N CYS B 342 -1.10 28.17 7.29
CA CYS B 342 -0.85 26.92 8.04
C CYS B 342 0.61 26.89 8.38
N PHE B 343 0.94 26.07 9.38
CA PHE B 343 2.32 25.84 9.76
C PHE B 343 2.44 24.45 10.36
N TYR B 344 3.70 24.02 10.46
CA TYR B 344 4.01 22.81 11.11
C TYR B 344 5.09 23.09 12.13
N VAL B 345 5.19 22.16 13.06
CA VAL B 345 6.28 22.14 13.98
C VAL B 345 6.83 20.72 13.92
N GLU B 346 8.16 20.63 13.75
CA GLU B 346 8.93 19.44 13.85
C GLU B 346 9.16 19.15 15.33
N LEU B 347 8.81 17.95 15.76
CA LEU B 347 8.95 17.58 17.14
C LEU B 347 10.12 16.61 17.25
N ILE B 348 11.30 17.15 17.59
CA ILE B 348 12.48 16.37 17.55
C ILE B 348 12.59 15.50 18.78
N ARG B 349 12.88 14.22 18.58
CA ARG B 349 13.12 13.30 19.66
C ARG B 349 14.51 12.68 19.49
N GLY B 350 15.11 12.29 20.62
CA GLY B 350 16.40 11.72 20.59
C GLY B 350 17.49 12.77 20.71
N ARG B 351 18.59 12.54 20.01
CA ARG B 351 19.83 13.28 20.30
C ARG B 351 19.69 14.68 19.71
N PRO B 352 20.32 15.73 20.26
CA PRO B 352 21.22 15.63 21.41
C PRO B 352 20.54 15.79 22.76
N LYS B 353 19.29 16.23 22.78
CA LYS B 353 18.62 16.57 24.05
C LYS B 353 18.24 15.33 24.86
N GLU B 354 17.95 14.21 24.18
CA GLU B 354 17.67 12.91 24.82
C GLU B 354 18.74 11.91 24.41
N SER B 355 19.79 11.81 25.22
CA SER B 355 20.98 11.09 24.85
C SER B 355 20.92 9.63 25.29
N SER B 356 19.83 9.18 25.88
CA SER B 356 19.65 7.79 26.25
C SER B 356 19.31 6.88 25.06
N VAL B 357 19.09 7.46 23.89
CA VAL B 357 18.98 6.74 22.67
C VAL B 357 20.10 7.18 21.71
N LEU B 358 20.32 6.39 20.65
CA LEU B 358 21.44 6.54 19.78
C LEU B 358 21.04 7.37 18.56
N TRP B 359 19.75 7.64 18.43
CA TRP B 359 19.16 8.19 17.20
C TRP B 359 18.67 9.64 17.41
N THR B 360 18.29 10.26 16.27
CA THR B 360 17.61 11.46 16.23
C THR B 360 16.54 11.35 15.18
N SER B 361 15.31 11.65 15.58
CA SER B 361 14.21 11.68 14.61
C SER B 361 13.19 12.72 15.02
N ASN B 362 12.03 12.73 14.37
CA ASN B 362 10.99 13.66 14.73
C ASN B 362 9.58 13.11 14.37
N SER B 363 8.56 13.81 14.87
CA SER B 363 7.21 13.62 14.38
C SER B 363 6.74 14.99 13.94
N ILE B 364 5.52 15.08 13.42
CA ILE B 364 5.01 16.33 12.85
C ILE B 364 3.67 16.67 13.52
N VAL B 365 3.45 17.97 13.78
CA VAL B 365 2.10 18.53 14.04
C VAL B 365 1.93 19.69 13.09
N ALA B 366 0.74 19.89 12.57
CA ALA B 366 0.45 20.98 11.71
C ALA B 366 -0.90 21.58 12.11
N LEU B 367 -1.04 22.92 11.95
CA LEU B 367 -2.22 23.69 12.33
C LEU B 367 -2.47 24.75 11.26
N CYS B 368 -3.72 25.15 11.09
CA CYS B 368 -4.05 26.22 10.22
C CYS B 368 -4.83 27.27 11.01
N GLY B 369 -4.97 28.43 10.38
CA GLY B 369 -5.69 29.57 11.01
C GLY B 369 -7.20 29.34 11.10
N SER B 370 -7.78 29.89 12.18
CA SER B 370 -9.18 30.04 12.37
C SER B 370 -9.49 31.51 12.66
N LYS B 371 -10.60 32.01 12.14
N LYS B 371 -10.63 31.99 12.16
CA LYS B 371 -11.12 33.32 12.53
CA LYS B 371 -11.17 33.30 12.50
C LYS B 371 -11.84 33.26 13.90
C LYS B 371 -11.84 33.26 13.88
N LYS B 372 -12.16 32.05 14.36
CA LYS B 372 -12.82 31.87 15.66
C LYS B 372 -11.76 31.91 16.76
N ARG B 373 -12.22 31.96 18.00
CA ARG B 373 -11.32 31.93 19.15
C ARG B 373 -11.39 30.52 19.72
N LEU B 374 -10.55 29.62 19.20
CA LEU B 374 -10.56 28.24 19.57
C LEU B 374 -9.68 28.03 20.80
N GLY B 375 -10.12 27.14 21.66
CA GLY B 375 -9.27 26.60 22.74
C GLY B 375 -8.08 25.83 22.22
N SER B 376 -7.11 25.63 23.08
CA SER B 376 -5.88 24.97 22.61
C SER B 376 -5.36 24.01 23.68
N TRP B 377 -4.58 23.02 23.24
CA TRP B 377 -3.74 22.20 24.15
C TRP B 377 -2.45 21.92 23.39
N SER B 378 -1.54 21.31 24.11
CA SER B 378 -0.20 20.99 23.61
C SER B 378 -0.27 19.76 22.71
N TRP B 379 0.36 19.87 21.54
CA TRP B 379 0.45 18.84 20.57
C TRP B 379 1.87 18.30 20.51
N HIS B 380 2.38 17.87 21.67
CA HIS B 380 3.69 17.33 21.77
C HIS B 380 3.76 15.94 21.14
N ASP B 381 5.00 15.48 20.96
CA ASP B 381 5.27 14.28 20.21
C ASP B 381 4.50 13.08 20.79
N GLY B 382 4.61 12.84 22.11
CA GLY B 382 3.82 11.88 22.82
C GLY B 382 4.52 10.54 23.06
N ALA B 383 5.75 10.35 22.56
CA ALA B 383 6.44 9.10 22.80
C ALA B 383 7.12 9.16 24.15
N GLU B 384 7.26 7.98 24.78
CA GLU B 384 7.99 7.78 26.03
C GLU B 384 9.38 7.28 25.68
N ILE B 385 10.39 8.11 25.97
CA ILE B 385 11.76 7.77 25.56
C ILE B 385 12.21 6.51 26.31
N ILE B 386 11.65 6.26 27.50
N ILE B 386 11.66 6.27 27.52
CA ILE B 386 12.01 5.08 28.28
CA ILE B 386 12.01 5.11 28.31
C ILE B 386 11.74 3.81 27.46
C ILE B 386 11.66 3.81 27.56
N TYR B 387 10.70 3.85 26.62
CA TYR B 387 10.35 2.64 25.87
C TYR B 387 11.45 2.32 24.85
N PHE B 388 12.25 3.31 24.48
CA PHE B 388 13.29 3.10 23.51
C PHE B 388 14.64 2.80 24.17
N GLU B 389 14.64 2.67 25.48
CA GLU B 389 15.91 2.38 26.19
C GLU B 389 16.12 0.90 26.39
N ARG C 1 -16.19 -1.88 -21.86
CA ARG C 1 -16.50 -3.14 -21.13
C ARG C 1 -17.82 -3.74 -21.60
N THR C 2 -17.85 -5.07 -21.64
CA THR C 2 -19.03 -5.81 -22.09
C THR C 2 -19.08 -7.16 -21.36
N PHE C 3 -20.22 -7.82 -21.37
CA PHE C 3 -20.27 -9.15 -20.78
C PHE C 3 -19.36 -10.11 -21.56
N LEU C 4 -18.59 -10.93 -20.84
CA LEU C 4 -17.91 -12.01 -21.49
C LEU C 4 -18.87 -13.05 -22.10
N ASN C 5 -18.59 -13.44 -23.37
CA ASN C 5 -19.22 -14.53 -24.07
C ASN C 5 -18.17 -15.61 -24.31
N LEU C 6 -18.50 -16.90 -24.05
CA LEU C 6 -17.53 -17.98 -24.13
C LEU C 6 -17.44 -18.48 -25.57
N THR C 7 -17.07 -17.58 -26.48
CA THR C 7 -17.19 -17.86 -27.91
C THR C 7 -15.99 -18.69 -28.40
N LYS C 8 -14.88 -18.67 -27.68
CA LYS C 8 -13.65 -19.22 -28.21
C LYS C 8 -13.48 -20.68 -27.81
N PRO C 9 -12.74 -21.47 -28.62
CA PRO C 9 -12.37 -22.82 -28.23
C PRO C 9 -11.19 -22.75 -27.28
N LEU C 10 -10.88 -23.90 -26.65
CA LEU C 10 -9.70 -24.03 -25.85
C LEU C 10 -8.49 -24.06 -26.76
N CYS C 11 -7.39 -23.47 -26.25
CA CYS C 11 -6.13 -23.52 -26.97
C CYS C 11 -5.58 -24.95 -26.92
N GLU C 12 -4.81 -25.29 -27.95
CA GLU C 12 -4.05 -26.50 -27.95
C GLU C 12 -3.02 -26.40 -26.84
N VAL C 13 -2.84 -27.47 -26.06
CA VAL C 13 -1.82 -27.50 -24.95
C VAL C 13 -0.92 -28.74 -25.03
N ASN C 14 0.39 -28.54 -25.19
CA ASN C 14 1.37 -29.60 -25.25
C ASN C 14 2.22 -29.62 -24.00
N SER C 15 2.28 -28.48 -23.31
CA SER C 15 3.06 -28.38 -22.06
C SER C 15 2.53 -27.19 -21.24
N TRP C 16 3.09 -26.99 -20.04
CA TRP C 16 2.63 -25.93 -19.17
C TRP C 16 3.79 -25.01 -18.77
N HIS C 17 3.55 -23.70 -18.87
CA HIS C 17 4.49 -22.66 -18.54
C HIS C 17 4.11 -22.01 -17.22
N ILE C 18 5.11 -21.49 -16.54
CA ILE C 18 4.87 -20.86 -15.23
C ILE C 18 4.20 -19.50 -15.45
N LEU C 19 3.11 -19.28 -14.71
CA LEU C 19 2.39 -18.04 -14.71
C LEU C 19 2.75 -17.25 -13.43
N SER C 20 2.56 -17.85 -12.25
CA SER C 20 2.81 -17.09 -11.02
C SER C 20 3.17 -18.05 -9.90
N LYS C 21 3.77 -17.52 -8.88
CA LYS C 21 4.16 -18.27 -7.69
C LYS C 21 4.40 -17.24 -6.57
N ASP C 22 3.72 -17.40 -5.43
CA ASP C 22 3.79 -16.34 -4.43
C ASP C 22 4.79 -16.63 -3.32
N ASN C 23 5.25 -17.85 -3.13
CA ASN C 23 6.30 -18.10 -2.13
C ASN C 23 5.87 -17.57 -0.74
N ALA C 24 4.57 -17.71 -0.43
CA ALA C 24 3.95 -17.12 0.73
C ALA C 24 4.55 -17.66 2.03
N ILE C 25 4.85 -18.96 2.10
CA ILE C 25 5.29 -19.52 3.34
C ILE C 25 6.72 -19.08 3.61
N ARG C 26 7.59 -19.12 2.59
CA ARG C 26 8.94 -18.61 2.71
C ARG C 26 8.91 -17.15 3.20
N ILE C 27 8.10 -16.32 2.53
CA ILE C 27 8.14 -14.88 2.87
C ILE C 27 7.53 -14.67 4.29
N GLY C 28 6.43 -15.39 4.53
CA GLY C 28 5.68 -15.33 5.79
C GLY C 28 6.43 -15.85 6.99
N GLU C 29 7.60 -16.41 6.79
CA GLU C 29 8.39 -16.83 7.97
C GLU C 29 8.88 -15.59 8.73
N ASP C 30 8.86 -14.43 8.07
CA ASP C 30 9.38 -13.19 8.71
C ASP C 30 8.44 -12.03 8.43
N ALA C 31 7.85 -11.99 7.24
CA ALA C 31 6.96 -10.84 6.97
C ALA C 31 5.55 -11.12 7.49
N HIS C 32 4.66 -10.18 7.36
CA HIS C 32 3.34 -10.40 7.99
C HIS C 32 2.42 -10.98 6.92
N ILE C 33 2.38 -12.29 6.80
CA ILE C 33 1.61 -12.92 5.73
C ILE C 33 0.45 -13.63 6.40
N LEU C 34 -0.75 -13.45 5.88
CA LEU C 34 -1.95 -14.10 6.39
C LEU C 34 -1.87 -15.62 6.19
N VAL C 35 -2.33 -16.36 7.21
CA VAL C 35 -2.63 -17.79 7.06
C VAL C 35 -3.82 -17.94 6.12
N THR C 36 -3.70 -18.84 5.14
CA THR C 36 -4.73 -19.12 4.16
C THR C 36 -4.90 -20.62 3.95
N ARG C 37 -5.91 -20.95 3.14
CA ARG C 37 -6.08 -22.26 2.48
C ARG C 37 -7.15 -22.03 1.44
N GLU C 38 -7.41 -23.06 0.62
CA GLU C 38 -8.36 -23.00 -0.45
C GLU C 38 -8.11 -21.79 -1.34
N PRO C 39 -6.88 -21.67 -1.93
CA PRO C 39 -6.58 -20.58 -2.84
C PRO C 39 -7.11 -20.83 -4.25
N TYR C 40 -7.16 -19.77 -5.04
CA TYR C 40 -7.40 -19.93 -6.44
C TYR C 40 -6.95 -18.67 -7.15
N LEU C 41 -7.13 -18.64 -8.48
CA LEU C 41 -6.95 -17.41 -9.23
C LEU C 41 -8.18 -17.15 -10.08
N SER C 42 -8.37 -15.89 -10.41
CA SER C 42 -9.50 -15.49 -11.24
C SER C 42 -9.10 -14.20 -11.92
N CYS C 43 -9.48 -14.12 -13.17
CA CYS C 43 -9.07 -12.98 -13.99
C CYS C 43 -10.25 -12.06 -14.31
N ASP C 44 -9.90 -10.95 -14.89
CA ASP C 44 -10.88 -9.94 -15.33
C ASP C 44 -10.27 -9.20 -16.52
N PRO C 45 -10.95 -8.20 -17.08
CA PRO C 45 -10.37 -7.47 -18.19
C PRO C 45 -8.97 -6.88 -17.99
N GLN C 46 -8.63 -6.48 -16.76
CA GLN C 46 -7.33 -5.86 -16.45
C GLN C 46 -6.25 -6.88 -16.13
N GLY C 47 -6.62 -8.07 -15.71
CA GLY C 47 -5.55 -9.04 -15.46
C GLY C 47 -6.03 -10.16 -14.55
N CYS C 48 -5.12 -10.71 -13.76
CA CYS C 48 -5.48 -11.83 -12.90
C CYS C 48 -5.15 -11.54 -11.44
N ARG C 49 -5.96 -12.09 -10.55
CA ARG C 49 -5.75 -11.97 -9.12
C ARG C 49 -5.71 -13.34 -8.45
N MET C 50 -4.96 -13.38 -7.33
CA MET C 50 -4.99 -14.49 -6.44
C MET C 50 -6.13 -14.29 -5.40
N PHE C 51 -6.73 -15.42 -4.98
CA PHE C 51 -7.75 -15.50 -4.03
C PHE C 51 -7.48 -16.64 -3.04
N ALA C 52 -8.02 -16.50 -1.81
CA ALA C 52 -7.89 -17.56 -0.84
C ALA C 52 -8.80 -17.22 0.34
N LEU C 53 -9.02 -18.24 1.17
CA LEU C 53 -9.70 -18.01 2.44
C LEU C 53 -8.67 -17.79 3.52
N SER C 54 -8.61 -16.55 3.99
CA SER C 54 -7.83 -16.21 5.13
C SER C 54 -8.35 -16.98 6.34
N GLN C 55 -7.49 -17.17 7.33
CA GLN C 55 -7.85 -17.59 8.65
C GLN C 55 -7.83 -16.43 9.65
N GLY C 56 -7.65 -15.19 9.19
CA GLY C 56 -7.74 -14.06 10.13
C GLY C 56 -6.64 -14.02 11.19
N THR C 57 -5.42 -14.36 10.77
CA THR C 57 -4.21 -14.34 11.58
C THR C 57 -3.02 -14.34 10.61
N THR C 58 -1.88 -13.90 11.11
CA THR C 58 -0.65 -14.06 10.30
C THR C 58 -0.01 -15.41 10.65
N LEU C 59 0.90 -15.84 9.79
CA LEU C 59 1.51 -17.13 9.87
C LEU C 59 2.42 -17.26 11.09
N ARG C 60 3.18 -16.21 11.40
CA ARG C 60 4.00 -16.20 12.58
C ARG C 60 3.23 -15.80 13.83
N GLY C 61 2.01 -15.32 13.70
CA GLY C 61 1.19 -14.96 14.86
C GLY C 61 0.84 -16.18 15.73
N ARG C 62 0.61 -15.91 17.01
CA ARG C 62 0.19 -16.97 17.93
C ARG C 62 -1.17 -17.55 17.50
N HIS C 63 -2.01 -16.75 16.81
CA HIS C 63 -3.32 -17.24 16.40
C HIS C 63 -3.26 -18.20 15.20
N ALA C 64 -2.07 -18.40 14.59
CA ALA C 64 -1.92 -19.41 13.59
C ALA C 64 -2.13 -20.81 14.23
N ASN C 65 -1.95 -20.91 15.54
CA ASN C 65 -2.11 -22.18 16.29
C ASN C 65 -3.57 -22.62 16.14
N GLY C 66 -3.79 -23.81 15.53
CA GLY C 66 -5.13 -24.32 15.36
C GLY C 66 -5.74 -24.01 14.00
N THR C 67 -4.96 -23.50 13.03
CA THR C 67 -5.50 -23.18 11.73
C THR C 67 -5.72 -24.42 10.84
N ILE C 68 -5.46 -25.65 11.30
CA ILE C 68 -5.95 -26.82 10.55
C ILE C 68 -7.48 -26.76 10.38
N HIS C 69 -8.19 -26.12 11.32
CA HIS C 69 -9.66 -26.10 11.32
C HIS C 69 -10.15 -25.34 10.07
N ASP C 70 -11.15 -25.91 9.42
CA ASP C 70 -11.64 -25.37 8.17
C ASP C 70 -12.62 -24.20 8.32
N ARG C 71 -13.42 -24.21 9.40
CA ARG C 71 -14.51 -23.21 9.51
C ARG C 71 -14.44 -22.46 10.84
N SER C 72 -14.37 -21.13 10.76
CA SER C 72 -14.42 -20.27 11.94
C SER C 72 -15.06 -18.95 11.52
N PRO C 73 -15.44 -18.12 12.51
CA PRO C 73 -15.95 -16.76 12.21
C PRO C 73 -14.85 -15.75 11.81
N PHE C 74 -13.61 -16.22 11.70
CA PHE C 74 -12.44 -15.39 11.47
C PHE C 74 -11.94 -15.53 10.04
N ARG C 75 -12.61 -16.36 9.22
CA ARG C 75 -12.18 -16.59 7.89
C ARG C 75 -12.91 -15.62 6.98
N ALA C 76 -12.26 -15.34 5.85
CA ALA C 76 -12.81 -14.48 4.81
C ALA C 76 -12.14 -14.79 3.48
N LEU C 77 -12.89 -14.52 2.41
CA LEU C 77 -12.25 -14.58 1.08
C LEU C 77 -11.50 -13.27 0.86
N ILE C 78 -10.22 -13.40 0.50
CA ILE C 78 -9.37 -12.26 0.22
C ILE C 78 -8.84 -12.42 -1.21
N SER C 79 -8.63 -11.29 -1.88
CA SER C 79 -7.95 -11.31 -3.14
C SER C 79 -6.75 -10.38 -3.09
N TRP C 80 -5.80 -10.59 -4.02
CA TRP C 80 -4.69 -9.73 -4.07
C TRP C 80 -4.02 -9.82 -5.45
N GLU C 81 -3.15 -8.85 -5.71
CA GLU C 81 -2.40 -8.81 -6.98
C GLU C 81 -1.59 -10.10 -7.16
N MET C 82 -1.83 -10.74 -8.29
CA MET C 82 -1.20 -11.99 -8.66
C MET C 82 0.30 -11.90 -8.47
N GLY C 83 0.83 -12.87 -7.73
CA GLY C 83 2.26 -13.03 -7.52
C GLY C 83 2.72 -12.53 -6.16
N GLN C 84 2.03 -11.48 -5.63
CA GLN C 84 2.35 -11.07 -4.25
C GLN C 84 1.91 -12.18 -3.31
N ALA C 85 2.47 -12.16 -2.07
CA ALA C 85 2.01 -12.98 -0.98
C ALA C 85 0.89 -12.21 -0.28
N PRO C 86 -0.09 -12.93 0.34
CA PRO C 86 -1.23 -12.27 0.98
C PRO C 86 -0.83 -11.72 2.36
N SER C 87 -0.79 -10.41 2.48
CA SER C 87 -0.51 -9.73 3.76
C SER C 87 -1.79 -9.02 4.21
N PRO C 88 -1.83 -8.54 5.46
CA PRO C 88 -2.91 -7.64 5.89
C PRO C 88 -2.94 -6.29 5.16
N TYR C 89 -1.88 -5.99 4.41
CA TYR C 89 -1.70 -4.66 3.83
C TYR C 89 -2.05 -4.59 2.34
N ASN C 90 -2.10 -5.73 1.65
CA ASN C 90 -2.26 -5.77 0.19
C ASN C 90 -3.50 -6.58 -0.23
N THR C 91 -4.41 -6.94 0.71
CA THR C 91 -5.46 -7.91 0.42
C THR C 91 -6.82 -7.24 0.51
N ARG C 92 -7.69 -7.55 -0.44
CA ARG C 92 -9.08 -7.02 -0.47
C ARG C 92 -10.00 -8.09 0.09
N VAL C 93 -10.83 -7.75 1.12
CA VAL C 93 -11.78 -8.70 1.59
C VAL C 93 -12.95 -8.69 0.59
N GLU C 94 -13.17 -9.85 -0.05
CA GLU C 94 -14.26 -10.04 -1.00
C GLU C 94 -15.57 -10.33 -0.28
N CYS C 95 -15.54 -11.14 0.77
CA CYS C 95 -16.74 -11.49 1.50
C CYS C 95 -16.27 -12.28 2.71
N ILE C 96 -17.15 -12.51 3.71
CA ILE C 96 -16.74 -13.18 4.95
C ILE C 96 -17.27 -14.60 4.91
N GLY C 97 -16.44 -15.54 5.36
CA GLY C 97 -16.86 -16.90 5.40
C GLY C 97 -15.72 -17.87 5.09
N TRP C 98 -16.13 -19.16 4.97
CA TRP C 98 -15.22 -20.30 5.01
C TRP C 98 -15.39 -21.22 3.83
N SER C 99 -16.11 -20.78 2.78
CA SER C 99 -16.20 -21.46 1.50
C SER C 99 -16.55 -20.37 0.48
N SER C 100 -15.94 -20.35 -0.71
CA SER C 100 -16.13 -19.24 -1.62
C SER C 100 -16.11 -19.65 -3.09
N THR C 101 -16.63 -18.76 -3.93
CA THR C 101 -16.27 -18.73 -5.29
C THR C 101 -16.26 -17.28 -5.75
N SER C 102 -15.69 -17.02 -6.95
CA SER C 102 -15.61 -15.71 -7.48
C SER C 102 -15.41 -15.80 -8.98
N CYS C 103 -16.02 -14.85 -9.73
CA CYS C 103 -15.82 -14.76 -11.13
C CYS C 103 -16.23 -13.36 -11.58
N HIS C 104 -15.59 -12.94 -12.67
CA HIS C 104 -15.90 -11.69 -13.34
C HIS C 104 -16.71 -11.96 -14.61
N ASP C 105 -17.78 -11.22 -14.81
CA ASP C 105 -18.61 -11.45 -15.99
C ASP C 105 -18.27 -10.55 -17.19
N GLY C 106 -17.19 -9.75 -17.12
CA GLY C 106 -16.74 -8.81 -18.11
C GLY C 106 -17.08 -7.38 -17.68
N MET C 107 -18.12 -7.19 -16.84
CA MET C 107 -18.47 -5.90 -16.28
C MET C 107 -17.94 -5.77 -14.86
N SER C 108 -18.33 -6.71 -13.99
CA SER C 108 -18.02 -6.66 -12.55
C SER C 108 -17.79 -8.06 -12.02
N ARG C 109 -17.17 -8.14 -10.84
CA ARG C 109 -16.85 -9.38 -10.18
C ARG C 109 -17.97 -9.78 -9.20
N MET C 110 -18.38 -11.06 -9.30
CA MET C 110 -19.23 -11.67 -8.35
C MET C 110 -18.39 -12.51 -7.39
N SER C 111 -18.61 -12.30 -6.09
CA SER C 111 -17.95 -13.14 -5.08
C SER C 111 -19.00 -13.69 -4.13
N ILE C 112 -18.87 -14.96 -3.72
CA ILE C 112 -19.81 -15.60 -2.85
C ILE C 112 -19.00 -16.26 -1.72
N CYS C 113 -19.47 -16.09 -0.48
CA CYS C 113 -18.92 -16.72 0.67
C CYS C 113 -20.07 -17.30 1.50
N MET C 114 -19.84 -18.50 2.03
CA MET C 114 -20.71 -19.13 3.00
C MET C 114 -20.07 -18.93 4.38
N SER C 115 -20.94 -18.70 5.36
CA SER C 115 -20.49 -18.60 6.74
C SER C 115 -21.61 -19.17 7.62
N GLY C 116 -21.30 -19.36 8.88
CA GLY C 116 -22.27 -19.76 9.83
C GLY C 116 -21.91 -21.11 10.46
N PRO C 117 -22.74 -21.58 11.38
CA PRO C 117 -22.57 -22.89 11.99
C PRO C 117 -22.92 -23.97 10.93
N ASN C 118 -22.49 -25.21 11.22
CA ASN C 118 -22.74 -26.33 10.32
C ASN C 118 -24.21 -26.49 9.92
N ASN C 119 -25.12 -26.28 10.88
CA ASN C 119 -26.52 -26.61 10.66
C ASN C 119 -27.30 -25.40 10.18
N ASN C 120 -26.65 -24.28 9.89
CA ASN C 120 -27.40 -23.06 9.63
C ASN C 120 -26.52 -22.03 8.87
N ALA C 121 -25.74 -22.53 7.92
CA ALA C 121 -24.90 -21.67 7.12
C ALA C 121 -25.75 -20.90 6.12
N SER C 122 -25.14 -19.85 5.58
CA SER C 122 -25.76 -19.04 4.53
C SER C 122 -24.67 -18.57 3.59
N ALA C 123 -25.07 -18.31 2.34
CA ALA C 123 -24.21 -17.63 1.42
C ALA C 123 -24.65 -16.17 1.32
N VAL C 124 -23.66 -15.29 1.13
CA VAL C 124 -23.88 -13.93 0.69
C VAL C 124 -23.18 -13.76 -0.67
N VAL C 125 -23.94 -13.27 -1.65
CA VAL C 125 -23.50 -13.11 -2.98
C VAL C 125 -23.26 -11.61 -3.23
N TRP C 126 -22.03 -11.26 -3.58
CA TRP C 126 -21.61 -9.93 -3.79
C TRP C 126 -21.38 -9.67 -5.30
N TYR C 127 -21.66 -8.46 -5.73
CA TYR C 127 -21.40 -8.08 -7.09
C TYR C 127 -20.89 -6.62 -7.13
N GLY C 128 -19.73 -6.44 -7.78
CA GLY C 128 -19.15 -5.14 -7.89
C GLY C 128 -18.84 -4.57 -6.52
N GLY C 129 -18.60 -5.45 -5.54
CA GLY C 129 -18.20 -5.01 -4.20
C GLY C 129 -19.36 -4.73 -3.24
N ARG C 130 -20.58 -4.97 -3.69
CA ARG C 130 -21.76 -4.73 -2.84
C ARG C 130 -22.51 -6.05 -2.64
N PRO C 131 -23.10 -6.28 -1.46
CA PRO C 131 -23.87 -7.49 -1.21
C PRO C 131 -25.23 -7.40 -1.95
N ILE C 132 -25.59 -8.46 -2.68
CA ILE C 132 -26.80 -8.43 -3.54
C ILE C 132 -27.89 -9.38 -3.02
N THR C 133 -27.48 -10.61 -2.69
CA THR C 133 -28.38 -11.73 -2.46
C THR C 133 -27.87 -12.56 -1.28
N GLU C 134 -28.79 -13.12 -0.49
CA GLU C 134 -28.40 -14.07 0.54
C GLU C 134 -29.12 -15.40 0.24
N ILE C 135 -28.51 -16.51 0.66
CA ILE C 135 -29.04 -17.86 0.36
C ILE C 135 -28.89 -18.73 1.59
N PRO C 136 -29.98 -19.07 2.28
CA PRO C 136 -29.86 -19.92 3.45
C PRO C 136 -29.62 -21.39 3.03
N SER C 137 -28.91 -22.12 3.90
CA SER C 137 -28.75 -23.53 3.80
C SER C 137 -30.13 -24.18 3.56
N TRP C 138 -30.17 -25.11 2.60
CA TRP C 138 -31.38 -25.88 2.26
C TRP C 138 -31.38 -27.27 2.89
N ALA C 139 -30.22 -27.75 3.33
CA ALA C 139 -30.15 -29.12 3.91
C ALA C 139 -29.51 -29.13 5.30
N GLY C 140 -29.18 -27.97 5.84
CA GLY C 140 -28.70 -27.87 7.23
C GLY C 140 -27.41 -28.61 7.49
N ASN C 141 -26.47 -28.61 6.53
CA ASN C 141 -25.23 -29.33 6.73
C ASN C 141 -24.12 -28.80 5.80
N ILE C 142 -23.52 -27.70 6.27
CA ILE C 142 -22.34 -27.05 5.70
C ILE C 142 -22.59 -26.67 4.24
N LEU C 143 -23.55 -25.78 4.00
CA LEU C 143 -23.70 -25.19 2.67
C LEU C 143 -22.32 -24.70 2.20
N ARG C 144 -21.89 -25.06 0.98
CA ARG C 144 -20.53 -24.91 0.58
C ARG C 144 -20.43 -24.90 -0.96
N THR C 145 -19.29 -24.40 -1.47
CA THR C 145 -19.17 -24.23 -2.93
C THR C 145 -17.77 -24.56 -3.45
N GLN C 146 -17.42 -23.93 -4.56
CA GLN C 146 -16.39 -24.45 -5.45
C GLN C 146 -14.96 -24.37 -4.88
N GLU C 147 -14.62 -23.29 -4.18
CA GLU C 147 -13.23 -22.99 -3.78
C GLU C 147 -12.34 -22.71 -5.00
N SER C 148 -12.95 -22.40 -6.15
CA SER C 148 -12.20 -21.84 -7.27
C SER C 148 -13.21 -21.08 -8.11
N GLU C 149 -12.78 -20.51 -9.23
CA GLU C 149 -13.62 -19.52 -9.88
C GLU C 149 -14.82 -20.15 -10.58
N CYS C 150 -15.88 -19.37 -10.63
CA CYS C 150 -17.00 -19.60 -11.46
C CYS C 150 -16.73 -19.05 -12.87
N VAL C 151 -17.72 -19.19 -13.77
CA VAL C 151 -17.51 -18.85 -15.15
C VAL C 151 -18.79 -18.17 -15.62
N CYS C 152 -18.69 -17.14 -16.47
CA CYS C 152 -19.88 -16.40 -16.88
C CYS C 152 -20.00 -16.43 -18.39
N HIS C 153 -21.22 -16.27 -18.89
CA HIS C 153 -21.48 -16.18 -20.30
C HIS C 153 -22.69 -15.31 -20.52
N LYS C 154 -22.52 -14.21 -21.24
CA LYS C 154 -23.63 -13.27 -21.53
C LYS C 154 -24.28 -12.81 -20.22
N GLY C 155 -23.45 -12.68 -19.18
CA GLY C 155 -23.84 -12.13 -17.88
C GLY C 155 -24.36 -13.18 -16.92
N VAL C 156 -24.54 -14.41 -17.40
CA VAL C 156 -25.00 -15.51 -16.57
C VAL C 156 -23.81 -16.33 -16.05
N CYS C 157 -23.71 -16.45 -14.73
CA CYS C 157 -22.63 -17.12 -14.11
C CYS C 157 -23.19 -18.23 -13.24
N PRO C 158 -23.15 -19.47 -13.73
CA PRO C 158 -23.54 -20.61 -12.91
C PRO C 158 -22.51 -20.89 -11.82
N VAL C 159 -23.03 -21.33 -10.66
CA VAL C 159 -22.27 -21.73 -9.53
C VAL C 159 -22.81 -23.04 -8.99
N VAL C 160 -21.91 -23.96 -8.67
CA VAL C 160 -22.28 -25.23 -8.07
C VAL C 160 -22.09 -25.15 -6.55
N MET C 161 -23.16 -25.47 -5.83
CA MET C 161 -23.21 -25.53 -4.39
C MET C 161 -23.77 -26.88 -3.91
N THR C 162 -23.24 -27.33 -2.75
CA THR C 162 -23.67 -28.49 -2.12
C THR C 162 -24.02 -28.18 -0.66
N ASP C 163 -25.02 -28.90 -0.16
CA ASP C 163 -25.43 -28.82 1.25
C ASP C 163 -25.84 -30.25 1.60
N GLY C 164 -25.29 -30.79 2.69
CA GLY C 164 -25.52 -32.11 3.00
C GLY C 164 -24.25 -32.82 3.46
N PRO C 165 -24.34 -34.13 3.73
CA PRO C 165 -23.20 -34.89 4.19
C PRO C 165 -21.97 -34.91 3.27
N ALA C 166 -20.82 -35.04 3.90
CA ALA C 166 -19.54 -35.23 3.22
C ALA C 166 -19.38 -36.69 2.80
N ASN C 167 -20.08 -37.59 3.50
CA ASN C 167 -19.82 -39.04 3.44
C ASN C 167 -21.12 -39.76 3.03
N ASN C 168 -22.01 -39.10 2.31
CA ASN C 168 -23.28 -39.71 1.95
C ASN C 168 -23.92 -38.80 0.93
N ARG C 169 -25.06 -39.21 0.41
CA ARG C 169 -25.80 -38.41 -0.52
C ARG C 169 -26.06 -37.01 0.07
N ALA C 170 -25.85 -35.99 -0.75
CA ALA C 170 -26.03 -34.58 -0.36
C ALA C 170 -26.92 -33.91 -1.41
N ALA C 171 -27.30 -32.65 -1.20
CA ALA C 171 -28.17 -31.90 -2.05
C ALA C 171 -27.40 -30.78 -2.78
N THR C 172 -27.01 -31.08 -4.01
CA THR C 172 -26.29 -30.19 -4.82
C THR C 172 -27.27 -29.41 -5.70
N LYS C 173 -26.92 -28.14 -5.89
N LYS C 173 -26.96 -28.13 -5.88
CA LYS C 173 -27.67 -27.27 -6.79
CA LYS C 173 -27.75 -27.23 -6.73
C LYS C 173 -26.71 -26.51 -7.69
C LYS C 173 -26.81 -26.40 -7.61
N ILE C 174 -27.27 -26.13 -8.84
CA ILE C 174 -26.62 -25.20 -9.73
C ILE C 174 -27.46 -23.94 -9.68
N ILE C 175 -26.82 -22.83 -9.26
CA ILE C 175 -27.53 -21.59 -9.18
C ILE C 175 -26.96 -20.64 -10.21
N TYR C 176 -27.84 -20.11 -11.02
CA TYR C 176 -27.44 -19.31 -12.15
C TYR C 176 -27.65 -17.84 -11.78
N PHE C 177 -26.59 -17.04 -11.73
CA PHE C 177 -26.65 -15.66 -11.31
C PHE C 177 -26.47 -14.71 -12.47
N LYS C 178 -27.02 -13.52 -12.35
CA LYS C 178 -26.75 -12.41 -13.23
C LYS C 178 -26.75 -11.15 -12.37
N GLU C 179 -25.61 -10.43 -12.35
CA GLU C 179 -25.39 -9.24 -11.48
C GLU C 179 -25.70 -9.59 -10.02
N GLY C 180 -25.38 -10.82 -9.65
CA GLY C 180 -25.51 -11.32 -8.29
C GLY C 180 -26.92 -11.70 -7.91
N LYS C 181 -27.90 -11.63 -8.83
CA LYS C 181 -29.29 -11.98 -8.60
C LYS C 181 -29.57 -13.37 -9.20
N ILE C 182 -30.42 -14.12 -8.52
CA ILE C 182 -30.66 -15.53 -8.92
C ILE C 182 -31.60 -15.51 -10.11
N GLN C 183 -31.19 -16.13 -11.21
CA GLN C 183 -32.00 -16.25 -12.40
C GLN C 183 -32.73 -17.58 -12.39
N LYS C 184 -32.12 -18.60 -11.79
CA LYS C 184 -32.66 -19.96 -11.85
C LYS C 184 -31.88 -20.82 -10.87
N ILE C 185 -32.56 -21.81 -10.32
CA ILE C 185 -31.93 -22.78 -9.47
C ILE C 185 -32.30 -24.17 -10.01
N GLU C 186 -31.30 -25.03 -10.17
CA GLU C 186 -31.53 -26.41 -10.59
C GLU C 186 -30.99 -27.37 -9.52
N GLU C 187 -31.74 -28.44 -9.22
N GLU C 187 -31.74 -28.44 -9.26
CA GLU C 187 -31.17 -29.55 -8.47
CA GLU C 187 -31.23 -29.59 -8.54
C GLU C 187 -30.22 -30.32 -9.41
C GLU C 187 -30.21 -30.30 -9.44
N LEU C 188 -29.16 -30.87 -8.83
CA LEU C 188 -28.21 -31.67 -9.61
C LEU C 188 -28.99 -32.83 -10.27
N ALA C 189 -28.74 -33.01 -11.57
CA ALA C 189 -29.27 -34.14 -12.36
C ALA C 189 -28.13 -35.04 -12.83
N GLY C 190 -28.46 -36.22 -13.37
CA GLY C 190 -27.48 -37.03 -13.99
C GLY C 190 -26.84 -38.02 -13.05
N ASN C 191 -25.70 -38.56 -13.48
CA ASN C 191 -25.16 -39.77 -12.91
C ASN C 191 -24.05 -39.55 -11.88
N ALA C 192 -23.60 -38.32 -11.67
CA ALA C 192 -22.68 -38.05 -10.58
C ALA C 192 -23.40 -38.28 -9.24
N GLN C 193 -22.76 -38.95 -8.31
CA GLN C 193 -23.45 -39.37 -7.10
C GLN C 193 -23.19 -38.43 -5.92
N HIS C 194 -22.14 -37.62 -5.98
CA HIS C 194 -21.72 -36.67 -4.96
C HIS C 194 -20.85 -35.62 -5.64
N ILE C 195 -21.06 -34.36 -5.23
CA ILE C 195 -20.46 -33.21 -5.87
C ILE C 195 -19.95 -32.25 -4.78
N GLU C 196 -18.67 -31.99 -4.83
CA GLU C 196 -18.05 -30.90 -4.09
C GLU C 196 -17.01 -30.18 -4.95
N GLU C 197 -16.71 -28.94 -4.52
CA GLU C 197 -15.48 -28.24 -4.90
C GLU C 197 -15.27 -28.27 -6.41
N CYS C 198 -16.28 -27.92 -7.19
CA CYS C 198 -16.11 -28.00 -8.63
C CYS C 198 -15.10 -26.96 -9.13
N SER C 199 -14.31 -27.41 -10.11
CA SER C 199 -13.33 -26.60 -10.84
C SER C 199 -13.86 -26.43 -12.27
N CYS C 200 -14.20 -25.22 -12.64
CA CYS C 200 -15.00 -24.98 -13.84
C CYS C 200 -14.26 -24.07 -14.83
N TYR C 201 -14.55 -24.25 -16.15
CA TYR C 201 -13.99 -23.39 -17.21
C TYR C 201 -14.98 -23.43 -18.37
N GLY C 202 -14.87 -22.47 -19.26
CA GLY C 202 -15.77 -22.29 -20.37
C GLY C 202 -15.02 -22.34 -21.68
N ALA C 203 -15.70 -22.84 -22.73
CA ALA C 203 -15.17 -22.91 -24.10
C ALA C 203 -16.32 -23.24 -25.03
N GLY C 204 -16.38 -22.51 -26.14
CA GLY C 204 -17.41 -22.69 -27.14
C GLY C 204 -18.82 -22.80 -26.55
N GLY C 205 -19.17 -21.86 -25.65
CA GLY C 205 -20.54 -21.76 -25.07
C GLY C 205 -20.93 -22.88 -24.09
N VAL C 206 -19.96 -23.70 -23.68
CA VAL C 206 -20.14 -24.77 -22.71
C VAL C 206 -19.24 -24.52 -21.52
N ILE C 207 -19.81 -24.67 -20.31
CA ILE C 207 -19.02 -24.72 -19.08
C ILE C 207 -18.92 -26.14 -18.57
N LYS C 208 -17.73 -26.55 -18.21
CA LYS C 208 -17.50 -27.90 -17.69
C LYS C 208 -16.88 -27.73 -16.32
N CYS C 209 -17.46 -28.42 -15.35
CA CYS C 209 -17.04 -28.43 -14.01
C CYS C 209 -16.58 -29.84 -13.65
N ILE C 210 -15.35 -29.95 -13.14
CA ILE C 210 -14.73 -31.18 -12.74
C ILE C 210 -14.61 -31.13 -11.23
N CYS C 211 -15.23 -32.10 -10.52
CA CYS C 211 -15.51 -31.91 -9.14
C CYS C 211 -14.90 -33.04 -8.35
N ARG C 212 -15.26 -33.05 -7.06
CA ARG C 212 -14.80 -34.00 -6.04
C ARG C 212 -16.01 -34.80 -5.57
N ASP C 213 -16.00 -36.13 -5.82
CA ASP C 213 -16.91 -37.05 -5.18
C ASP C 213 -16.30 -37.49 -3.86
N ASN C 214 -16.78 -36.92 -2.73
CA ASN C 214 -16.20 -37.20 -1.43
C ASN C 214 -16.80 -38.46 -0.85
N TRP C 215 -17.85 -38.99 -1.47
CA TRP C 215 -18.60 -40.14 -0.90
C TRP C 215 -18.02 -41.48 -1.35
N LYS C 216 -17.95 -41.69 -2.67
CA LYS C 216 -17.66 -42.98 -3.25
C LYS C 216 -16.44 -42.93 -4.18
N GLY C 217 -16.53 -42.11 -5.21
CA GLY C 217 -15.65 -42.28 -6.36
C GLY C 217 -14.27 -41.67 -6.21
N ALA C 218 -13.29 -42.35 -6.84
CA ALA C 218 -11.91 -41.86 -6.99
C ALA C 218 -11.75 -41.28 -8.38
N ASN C 219 -12.70 -41.58 -9.24
CA ASN C 219 -12.92 -40.87 -10.51
C ASN C 219 -13.67 -39.60 -10.19
N ARG C 220 -13.42 -38.56 -10.98
CA ARG C 220 -14.04 -37.26 -10.67
C ARG C 220 -15.33 -37.09 -11.43
N PRO C 221 -16.39 -36.58 -10.80
CA PRO C 221 -17.59 -36.20 -11.53
C PRO C 221 -17.31 -35.02 -12.45
N VAL C 222 -18.14 -34.95 -13.50
CA VAL C 222 -18.09 -33.91 -14.42
C VAL C 222 -19.52 -33.42 -14.64
N ILE C 223 -19.70 -32.09 -14.47
CA ILE C 223 -20.97 -31.45 -14.75
C ILE C 223 -20.76 -30.60 -16.00
N THR C 224 -21.66 -30.72 -16.98
CA THR C 224 -21.60 -29.96 -18.18
C THR C 224 -22.79 -29.01 -18.16
N ILE C 225 -22.52 -27.70 -18.22
CA ILE C 225 -23.53 -26.69 -18.03
C ILE C 225 -23.69 -25.89 -19.29
N ASP C 226 -24.94 -25.68 -19.67
CA ASP C 226 -25.33 -24.77 -20.78
C ASP C 226 -25.82 -23.49 -20.13
N PRO C 227 -25.03 -22.41 -20.18
CA PRO C 227 -25.34 -21.18 -19.44
C PRO C 227 -26.39 -20.33 -20.16
N GLU C 228 -26.75 -20.69 -21.40
CA GLU C 228 -27.83 -19.99 -22.10
C GLU C 228 -29.17 -20.62 -21.75
N MET C 229 -29.30 -21.95 -21.91
CA MET C 229 -30.55 -22.67 -21.56
C MET C 229 -30.64 -22.81 -20.05
N MET C 230 -29.51 -22.61 -19.38
CA MET C 230 -29.39 -22.80 -17.93
C MET C 230 -29.89 -24.20 -17.57
N THR C 231 -29.23 -25.17 -18.22
CA THR C 231 -29.49 -26.58 -17.97
C THR C 231 -28.12 -27.25 -17.84
N HIS C 232 -28.12 -28.49 -17.33
CA HIS C 232 -26.89 -29.20 -17.16
C HIS C 232 -27.09 -30.71 -17.25
N THR C 233 -25.97 -31.41 -17.44
CA THR C 233 -25.93 -32.86 -17.29
C THR C 233 -24.76 -33.21 -16.36
N SER C 234 -24.72 -34.43 -15.84
CA SER C 234 -23.59 -34.86 -15.05
C SER C 234 -23.30 -36.35 -15.28
N LYS C 235 -22.03 -36.70 -15.03
CA LYS C 235 -21.54 -38.09 -15.08
C LYS C 235 -20.16 -38.09 -14.42
N TYR C 236 -19.31 -39.09 -14.74
CA TYR C 236 -17.97 -39.14 -14.24
C TYR C 236 -17.03 -39.03 -15.42
N LEU C 237 -15.83 -38.59 -15.13
CA LEU C 237 -14.76 -38.70 -16.09
C LEU C 237 -14.63 -40.18 -16.48
N CYS C 238 -14.56 -40.46 -17.79
CA CYS C 238 -14.52 -41.85 -18.32
C CYS C 238 -13.16 -42.53 -18.07
N SER C 239 -12.08 -41.76 -18.12
CA SER C 239 -10.77 -42.32 -18.17
C SER C 239 -10.49 -43.24 -16.98
N LYS C 240 -9.69 -44.29 -17.25
CA LYS C 240 -9.13 -45.15 -16.23
C LYS C 240 -8.09 -44.44 -15.38
N VAL C 241 -7.58 -43.27 -15.82
CA VAL C 241 -6.63 -42.49 -15.06
C VAL C 241 -7.40 -41.73 -13.97
N LEU C 242 -7.36 -42.27 -12.76
CA LEU C 242 -8.17 -41.82 -11.65
C LEU C 242 -7.47 -40.58 -11.07
N THR C 243 -8.24 -39.57 -10.76
CA THR C 243 -7.62 -38.30 -10.40
C THR C 243 -8.01 -37.70 -9.05
N ASP C 244 -8.85 -38.34 -8.27
CA ASP C 244 -9.08 -37.84 -6.93
C ASP C 244 -7.98 -38.39 -6.05
N THR C 245 -7.94 -37.93 -4.81
CA THR C 245 -7.04 -38.50 -3.79
C THR C 245 -7.82 -38.66 -2.49
N SER C 246 -7.84 -39.84 -1.80
CA SER C 246 -7.04 -41.01 -2.12
C SER C 246 -7.71 -41.76 -3.26
N ARG C 247 -6.96 -42.62 -3.93
CA ARG C 247 -7.51 -43.43 -5.00
C ARG C 247 -6.81 -44.77 -5.02
N PRO C 248 -7.44 -45.79 -5.64
CA PRO C 248 -6.75 -47.06 -5.84
C PRO C 248 -5.84 -46.87 -7.05
N ASN C 249 -5.10 -47.93 -7.38
CA ASN C 249 -4.37 -48.02 -8.65
C ASN C 249 -5.36 -47.79 -9.80
N ASP C 250 -4.87 -47.20 -10.87
CA ASP C 250 -5.70 -47.04 -12.05
C ASP C 250 -6.11 -48.43 -12.51
N PRO C 251 -7.42 -48.66 -12.73
CA PRO C 251 -7.91 -49.94 -13.26
C PRO C 251 -7.72 -50.06 -14.79
N THR C 252 -8.05 -51.21 -15.38
N THR C 252 -8.09 -51.22 -15.35
CA THR C 252 -7.83 -51.41 -16.82
CA THR C 252 -7.88 -51.51 -16.77
C THR C 252 -8.80 -50.48 -17.61
C THR C 252 -8.76 -50.47 -17.62
N ASN C 253 -10.01 -50.26 -16.95
CA ASN C 253 -11.01 -49.42 -17.55
C ASN C 253 -11.61 -48.45 -16.52
N GLY C 254 -11.88 -47.21 -16.95
CA GLY C 254 -12.63 -46.28 -16.13
C GLY C 254 -14.13 -46.58 -16.20
N ASN C 255 -14.94 -45.65 -15.66
CA ASN C 255 -16.38 -45.77 -15.61
C ASN C 255 -17.00 -44.38 -15.77
N CYS C 256 -17.68 -44.13 -16.89
CA CYS C 256 -18.29 -42.85 -17.25
C CYS C 256 -19.50 -42.53 -16.34
N ASP C 257 -20.12 -43.57 -15.74
CA ASP C 257 -21.46 -43.39 -15.21
C ASP C 257 -21.64 -43.88 -13.78
N ALA C 258 -20.57 -44.24 -13.10
CA ALA C 258 -20.64 -44.68 -11.72
C ALA C 258 -19.30 -44.43 -11.06
N PRO C 259 -19.30 -44.16 -9.74
CA PRO C 259 -18.04 -43.99 -9.02
C PRO C 259 -17.26 -45.31 -8.95
N ILE C 260 -15.94 -45.20 -9.03
CA ILE C 260 -15.01 -46.28 -8.77
C ILE C 260 -14.47 -46.06 -7.38
N THR C 261 -14.69 -47.03 -6.53
CA THR C 261 -14.43 -46.83 -5.16
C THR C 261 -12.99 -47.23 -4.91
N GLY C 262 -12.56 -46.93 -3.71
CA GLY C 262 -11.35 -47.48 -3.14
C GLY C 262 -10.39 -46.35 -2.87
N GLY C 263 -9.16 -46.73 -2.48
CA GLY C 263 -8.20 -45.71 -2.07
C GLY C 263 -8.34 -45.45 -0.60
N SER C 264 -7.23 -45.06 0.01
CA SER C 264 -7.19 -44.68 1.39
C SER C 264 -5.96 -43.78 1.63
N PRO C 265 -6.01 -42.97 2.68
CA PRO C 265 -7.05 -42.91 3.71
C PRO C 265 -8.06 -41.76 3.57
N ASP C 266 -7.84 -40.90 2.55
N ASP C 266 -7.98 -40.99 2.49
CA ASP C 266 -8.54 -39.58 2.24
CA ASP C 266 -8.76 -39.78 2.43
C ASP C 266 -9.75 -39.87 1.29
C ASP C 266 -9.78 -39.85 1.30
N PRO C 267 -10.98 -39.29 1.61
CA PRO C 267 -12.11 -39.46 0.71
C PRO C 267 -12.06 -38.56 -0.50
N GLY C 268 -11.21 -37.54 -0.52
CA GLY C 268 -11.28 -36.64 -1.65
C GLY C 268 -10.37 -35.42 -1.51
N VAL C 269 -10.15 -34.73 -2.63
CA VAL C 269 -9.42 -33.51 -2.71
C VAL C 269 -10.00 -32.74 -3.91
N LYS C 270 -10.03 -31.45 -3.81
CA LYS C 270 -10.41 -30.63 -4.97
C LYS C 270 -9.39 -30.83 -6.07
N GLY C 271 -9.88 -30.96 -7.29
CA GLY C 271 -9.01 -31.10 -8.49
C GLY C 271 -9.73 -30.55 -9.69
N PHE C 272 -9.18 -30.86 -10.86
CA PHE C 272 -9.65 -30.26 -12.10
C PHE C 272 -9.17 -31.09 -13.29
N ALA C 273 -9.74 -30.75 -14.46
CA ALA C 273 -9.29 -31.26 -15.73
C ALA C 273 -9.77 -30.34 -16.84
N PHE C 274 -9.02 -30.35 -17.93
CA PHE C 274 -9.50 -29.71 -19.12
C PHE C 274 -9.80 -30.84 -20.08
N LEU C 275 -10.99 -30.79 -20.69
CA LEU C 275 -11.53 -31.91 -21.46
C LEU C 275 -11.92 -31.37 -22.84
N ASP C 276 -11.14 -31.77 -23.83
CA ASP C 276 -11.29 -31.19 -25.14
C ASP C 276 -10.83 -32.22 -26.17
N GLY C 277 -11.47 -33.38 -26.12
CA GLY C 277 -11.11 -34.47 -27.05
C GLY C 277 -9.65 -34.86 -26.92
N GLU C 278 -8.90 -34.77 -28.02
CA GLU C 278 -7.50 -35.16 -27.98
C GLU C 278 -6.70 -34.23 -27.08
N ASN C 279 -7.18 -33.00 -26.99
CA ASN C 279 -6.55 -31.93 -26.23
C ASN C 279 -7.05 -31.95 -24.78
N SER C 280 -6.91 -33.07 -24.04
CA SER C 280 -7.45 -33.18 -22.74
C SER C 280 -6.32 -33.42 -21.74
N TRP C 281 -6.38 -32.69 -20.62
CA TRP C 281 -5.38 -32.80 -19.60
C TRP C 281 -6.01 -33.01 -18.23
N LEU C 282 -5.43 -33.93 -17.49
CA LEU C 282 -5.92 -34.28 -16.19
C LEU C 282 -4.81 -33.93 -15.21
N GLY C 283 -5.16 -33.16 -14.16
CA GLY C 283 -4.26 -32.98 -13.00
C GLY C 283 -4.51 -34.06 -11.99
N ARG C 284 -3.48 -34.39 -11.22
CA ARG C 284 -3.74 -35.17 -9.99
C ARG C 284 -2.49 -35.09 -9.10
N THR C 285 -2.64 -35.44 -7.83
CA THR C 285 -1.51 -35.68 -6.97
C THR C 285 -0.69 -36.87 -7.46
N ILE C 286 0.63 -36.81 -7.27
CA ILE C 286 1.44 -37.97 -7.71
C ILE C 286 1.13 -39.15 -6.80
N SER C 287 1.14 -38.91 -5.50
CA SER C 287 0.74 -39.94 -4.55
C SER C 287 -0.73 -40.32 -4.77
N LYS C 288 -1.02 -41.62 -4.70
N LYS C 288 -1.01 -41.62 -4.70
CA LYS C 288 -2.46 -42.03 -4.77
CA LYS C 288 -2.36 -42.17 -4.74
C LYS C 288 -3.11 -41.92 -3.38
C LYS C 288 -3.08 -41.96 -3.40
N ASP C 289 -2.28 -41.83 -2.33
CA ASP C 289 -2.78 -41.86 -0.94
C ASP C 289 -2.96 -40.45 -0.39
N SER C 290 -2.00 -39.58 -0.69
N SER C 290 -1.95 -39.60 -0.58
CA SER C 290 -1.73 -38.32 0.06
CA SER C 290 -1.82 -38.32 0.11
C SER C 290 -1.66 -37.16 -0.93
C SER C 290 -1.65 -37.18 -0.89
N ARG C 291 -1.79 -35.95 -0.39
CA ARG C 291 -1.64 -34.73 -1.11
C ARG C 291 -0.16 -34.38 -1.22
N SER C 292 0.52 -35.18 -2.01
CA SER C 292 1.94 -35.20 -2.22
C SER C 292 2.16 -35.23 -3.72
N GLY C 293 2.95 -34.27 -4.22
CA GLY C 293 3.32 -34.16 -5.59
C GLY C 293 2.13 -33.69 -6.42
N TYR C 294 2.42 -33.34 -7.66
CA TYR C 294 1.32 -32.93 -8.57
C TYR C 294 1.77 -33.13 -10.00
N GLU C 295 0.92 -33.72 -10.85
CA GLU C 295 1.36 -34.05 -12.21
C GLU C 295 0.22 -33.65 -13.15
N MET C 296 0.56 -33.18 -14.33
CA MET C 296 -0.35 -33.03 -15.43
C MET C 296 -0.14 -34.20 -16.43
N LEU C 297 -1.26 -34.83 -16.82
CA LEU C 297 -1.28 -35.97 -17.72
C LEU C 297 -2.16 -35.61 -18.91
N LYS C 298 -1.56 -35.71 -20.09
CA LYS C 298 -2.35 -35.53 -21.28
C LYS C 298 -3.01 -36.87 -21.62
N VAL C 299 -4.35 -36.88 -21.56
CA VAL C 299 -5.15 -38.09 -21.64
C VAL C 299 -6.20 -37.84 -22.73
N PRO C 300 -5.84 -38.08 -23.99
CA PRO C 300 -6.77 -37.86 -25.11
C PRO C 300 -8.07 -38.63 -24.84
N ASN C 301 -9.19 -37.93 -25.06
CA ASN C 301 -10.56 -38.48 -24.93
C ASN C 301 -10.83 -39.05 -23.52
N ALA C 302 -10.21 -38.49 -22.49
CA ALA C 302 -10.51 -38.81 -21.09
C ALA C 302 -12.01 -38.69 -20.76
N GLU C 303 -12.72 -37.76 -21.42
CA GLU C 303 -14.04 -37.47 -21.14
C GLU C 303 -14.98 -38.55 -21.70
N THR C 304 -14.52 -39.31 -22.69
CA THR C 304 -15.41 -40.20 -23.43
C THR C 304 -14.96 -41.65 -23.46
N ASP C 305 -13.69 -41.96 -23.19
CA ASP C 305 -13.13 -43.27 -23.48
C ASP C 305 -12.60 -43.90 -22.17
N ILE C 306 -13.22 -45.00 -21.75
CA ILE C 306 -12.83 -45.68 -20.51
C ILE C 306 -11.45 -46.25 -20.61
N GLN C 307 -10.90 -46.45 -21.81
CA GLN C 307 -9.56 -47.01 -21.94
C GLN C 307 -8.48 -45.94 -22.10
N SER C 308 -8.88 -44.66 -22.13
CA SER C 308 -7.91 -43.59 -22.36
C SER C 308 -6.84 -43.58 -21.27
N GLY C 309 -5.58 -43.44 -21.71
CA GLY C 309 -4.47 -43.26 -20.82
C GLY C 309 -3.53 -42.11 -21.24
N PRO C 310 -2.49 -41.85 -20.44
CA PRO C 310 -1.62 -40.69 -20.64
C PRO C 310 -0.68 -40.87 -21.84
N ILE C 311 -0.50 -39.83 -22.62
CA ILE C 311 0.47 -39.85 -23.70
C ILE C 311 1.63 -38.93 -23.40
N SER C 312 1.47 -38.02 -22.43
N SER C 312 1.45 -38.02 -22.43
CA SER C 312 2.58 -37.23 -21.95
CA SER C 312 2.47 -37.07 -22.02
C SER C 312 2.30 -36.86 -20.50
C SER C 312 2.27 -36.78 -20.53
N ASN C 313 3.34 -36.33 -19.84
CA ASN C 313 3.25 -35.99 -18.44
C ASN C 313 4.13 -34.75 -18.22
N GLN C 314 3.72 -33.94 -17.29
CA GLN C 314 4.59 -32.86 -16.72
C GLN C 314 4.47 -32.85 -15.19
N VAL C 315 5.62 -33.06 -14.51
CA VAL C 315 5.64 -32.94 -13.10
C VAL C 315 5.60 -31.46 -12.72
N ILE C 316 4.60 -31.08 -11.93
CA ILE C 316 4.41 -29.70 -11.48
C ILE C 316 5.05 -29.50 -10.10
N VAL C 317 4.83 -30.46 -9.22
CA VAL C 317 5.38 -30.56 -7.88
C VAL C 317 5.87 -31.98 -7.62
N ASN C 318 7.17 -32.13 -7.32
CA ASN C 318 7.71 -33.46 -7.22
C ASN C 318 7.04 -34.17 -6.02
N ASN C 319 7.20 -35.51 -5.98
CA ASN C 319 6.48 -36.32 -4.95
C ASN C 319 7.28 -36.34 -3.65
N GLN C 320 8.26 -35.45 -3.49
CA GLN C 320 8.92 -35.23 -2.17
C GLN C 320 8.34 -33.94 -1.53
N ASN C 321 7.36 -33.32 -2.18
CA ASN C 321 6.79 -32.07 -1.71
C ASN C 321 5.28 -32.18 -1.62
N TRP C 322 4.70 -31.38 -0.73
CA TRP C 322 3.32 -31.41 -0.41
C TRP C 322 2.61 -30.57 -1.47
N SER C 323 1.46 -31.04 -1.91
CA SER C 323 0.56 -30.29 -2.73
C SER C 323 -0.72 -30.01 -1.92
N GLY C 324 -1.91 -30.15 -2.54
CA GLY C 324 -3.19 -29.74 -1.95
C GLY C 324 -4.23 -29.64 -3.05
N TYR C 325 -5.14 -28.69 -2.89
CA TYR C 325 -6.16 -28.44 -3.87
C TYR C 325 -5.53 -28.00 -5.18
N SER C 326 -6.29 -28.21 -6.27
CA SER C 326 -5.92 -27.66 -7.57
C SER C 326 -7.20 -27.27 -8.27
N GLY C 327 -7.15 -26.28 -9.14
CA GLY C 327 -8.31 -25.80 -9.76
C GLY C 327 -8.00 -25.11 -11.05
N ALA C 328 -9.07 -24.94 -11.85
CA ALA C 328 -9.01 -24.31 -13.16
C ALA C 328 -9.32 -22.83 -13.09
N PHE C 329 -8.64 -22.10 -13.98
CA PHE C 329 -9.07 -20.77 -14.38
C PHE C 329 -8.54 -20.45 -15.76
N ILE C 330 -9.16 -19.43 -16.40
CA ILE C 330 -8.69 -18.96 -17.69
C ILE C 330 -8.71 -17.44 -17.70
N ASP C 331 -7.72 -16.83 -18.33
CA ASP C 331 -7.76 -15.42 -18.62
C ASP C 331 -8.62 -15.27 -19.88
N TYR C 332 -9.95 -15.18 -19.69
CA TYR C 332 -10.88 -15.08 -20.78
C TYR C 332 -10.75 -13.79 -21.56
N TRP C 333 -9.96 -12.84 -21.05
CA TRP C 333 -9.81 -11.53 -21.70
C TRP C 333 -8.40 -11.38 -22.35
N ALA C 334 -7.67 -12.49 -22.46
CA ALA C 334 -6.37 -12.51 -23.22
C ALA C 334 -6.59 -12.15 -24.68
N ASN C 335 -5.53 -11.63 -25.31
CA ASN C 335 -5.56 -11.29 -26.67
C ASN C 335 -5.11 -12.50 -27.49
N LYS C 336 -5.93 -13.54 -27.50
CA LYS C 336 -5.76 -14.70 -28.30
C LYS C 336 -7.11 -15.14 -28.87
N GLU C 337 -7.03 -15.98 -29.90
CA GLU C 337 -8.17 -16.44 -30.60
C GLU C 337 -8.75 -17.66 -29.92
N CYS C 338 -8.04 -18.20 -28.94
CA CYS C 338 -8.51 -19.33 -28.14
C CYS C 338 -8.35 -19.00 -26.63
N PHE C 339 -9.10 -19.72 -25.80
CA PHE C 339 -9.03 -19.59 -24.40
C PHE C 339 -7.97 -20.57 -23.90
N ASN C 340 -6.97 -20.07 -23.20
CA ASN C 340 -5.81 -20.89 -22.79
C ASN C 340 -6.00 -21.45 -21.41
N PRO C 341 -6.07 -22.79 -21.24
CA PRO C 341 -6.20 -23.39 -19.91
C PRO C 341 -5.10 -22.91 -18.96
N CYS C 342 -5.53 -22.61 -17.72
CA CYS C 342 -4.63 -22.34 -16.63
C CYS C 342 -5.07 -23.14 -15.42
N PHE C 343 -4.14 -23.42 -14.51
CA PHE C 343 -4.52 -24.08 -13.29
C PHE C 343 -3.58 -23.59 -12.16
N TYR C 344 -4.00 -23.82 -10.90
CA TYR C 344 -3.12 -23.61 -9.74
C TYR C 344 -3.03 -24.90 -8.96
N VAL C 345 -2.01 -24.97 -8.14
CA VAL C 345 -1.87 -25.92 -7.13
C VAL C 345 -1.62 -25.16 -5.83
N GLU C 346 -2.37 -25.56 -4.81
CA GLU C 346 -2.21 -25.14 -3.48
C GLU C 346 -1.12 -26.02 -2.85
N LEU C 347 -0.12 -25.38 -2.28
CA LEU C 347 0.97 -26.07 -1.67
C LEU C 347 0.85 -25.94 -0.16
N ILE C 348 0.28 -26.96 0.48
CA ILE C 348 -0.14 -26.88 1.84
C ILE C 348 1.08 -27.22 2.70
N ARG C 349 1.34 -26.37 3.69
CA ARG C 349 2.39 -26.63 4.65
C ARG C 349 1.79 -26.68 6.05
N GLY C 350 2.46 -27.40 6.95
CA GLY C 350 2.00 -27.57 8.28
C GLY C 350 1.06 -28.76 8.42
N ARG C 351 0.09 -28.62 9.33
CA ARG C 351 -0.70 -29.72 9.73
C ARG C 351 -1.64 -30.15 8.62
N PRO C 352 -1.95 -31.47 8.56
CA PRO C 352 -1.48 -32.50 9.48
C PRO C 352 -0.16 -33.17 9.07
N LYS C 353 0.31 -32.93 7.85
CA LYS C 353 1.40 -33.73 7.38
C LYS C 353 2.70 -33.28 8.06
N GLU C 354 2.78 -31.99 8.42
CA GLU C 354 3.97 -31.49 9.11
C GLU C 354 3.58 -31.07 10.52
N SER C 355 3.64 -32.01 11.46
CA SER C 355 3.05 -31.75 12.77
C SER C 355 4.05 -31.10 13.76
N SER C 356 5.22 -30.71 13.29
CA SER C 356 6.18 -29.99 14.16
C SER C 356 5.82 -28.49 14.30
N VAL C 357 4.84 -27.99 13.57
CA VAL C 357 4.24 -26.66 13.77
C VAL C 357 2.76 -26.83 14.14
N LEU C 358 2.14 -25.74 14.61
CA LEU C 358 0.80 -25.73 15.19
C LEU C 358 -0.23 -25.26 14.17
N TRP C 359 0.25 -24.85 13.00
CA TRP C 359 -0.57 -24.15 12.01
C TRP C 359 -0.68 -24.97 10.72
N THR C 360 -1.59 -24.55 9.84
CA THR C 360 -1.75 -25.05 8.53
C THR C 360 -1.94 -23.84 7.63
N SER C 361 -1.14 -23.77 6.56
CA SER C 361 -1.28 -22.72 5.60
C SER C 361 -0.87 -23.23 4.22
N ASN C 362 -0.69 -22.32 3.24
CA ASN C 362 -0.34 -22.74 1.93
C ASN C 362 0.38 -21.60 1.20
N SER C 363 1.05 -21.99 0.10
CA SER C 363 1.40 -21.05 -0.94
C SER C 363 0.73 -21.50 -2.24
N ILE C 364 0.91 -20.70 -3.32
CA ILE C 364 0.29 -20.96 -4.57
C ILE C 364 1.35 -21.06 -5.67
N VAL C 365 1.13 -21.97 -6.63
CA VAL C 365 1.79 -21.91 -7.92
C VAL C 365 0.72 -22.02 -9.01
N ALA C 366 0.84 -21.26 -10.10
CA ALA C 366 -0.10 -21.31 -11.21
C ALA C 366 0.67 -21.43 -12.53
N LEU C 367 0.09 -22.18 -13.48
CA LEU C 367 0.68 -22.36 -14.79
C LEU C 367 -0.42 -22.34 -15.84
N CYS C 368 -0.05 -22.05 -17.08
CA CYS C 368 -0.99 -22.02 -18.19
C CYS C 368 -0.42 -22.87 -19.31
N GLY C 369 -1.29 -23.17 -20.29
CA GLY C 369 -0.85 -23.95 -21.40
C GLY C 369 0.12 -23.24 -22.33
N SER C 370 0.96 -24.08 -22.92
CA SER C 370 1.81 -23.76 -24.04
C SER C 370 1.59 -24.81 -25.15
N LYS C 371 1.67 -24.34 -26.39
CA LYS C 371 1.71 -25.23 -27.56
C LYS C 371 3.10 -25.78 -27.78
N LYS C 372 4.09 -25.13 -27.20
CA LYS C 372 5.45 -25.54 -27.33
C LYS C 372 5.72 -26.70 -26.38
N ARG C 373 6.88 -27.31 -26.56
CA ARG C 373 7.30 -28.40 -25.69
C ARG C 373 8.31 -27.81 -24.70
N LEU C 374 7.81 -27.31 -23.56
CA LEU C 374 8.68 -26.64 -22.61
C LEU C 374 9.27 -27.65 -21.64
N GLY C 375 10.49 -27.40 -21.25
CA GLY C 375 11.04 -28.08 -20.11
C GLY C 375 10.32 -27.68 -18.83
N SER C 376 10.62 -28.41 -17.77
CA SER C 376 9.91 -28.17 -16.54
C SER C 376 10.79 -28.48 -15.35
N TRP C 377 10.42 -27.92 -14.18
CA TRP C 377 10.91 -28.39 -12.92
C TRP C 377 9.81 -28.25 -11.88
N SER C 378 10.10 -28.76 -10.69
CA SER C 378 9.19 -28.76 -9.58
C SER C 378 9.04 -27.37 -9.00
N TRP C 379 7.80 -26.94 -8.80
CA TRP C 379 7.46 -25.63 -8.22
C TRP C 379 6.91 -25.79 -6.83
N HIS C 380 7.67 -26.51 -6.01
CA HIS C 380 7.26 -26.73 -4.68
C HIS C 380 7.32 -25.44 -3.88
N ASP C 381 6.70 -25.49 -2.70
CA ASP C 381 6.55 -24.35 -1.85
C ASP C 381 7.88 -23.66 -1.53
N GLY C 382 8.83 -24.45 -1.00
CA GLY C 382 10.21 -24.04 -0.82
C GLY C 382 10.56 -23.53 0.55
N ALA C 383 9.60 -23.55 1.50
CA ALA C 383 9.95 -23.18 2.86
C ALA C 383 10.58 -24.39 3.57
N GLU C 384 11.43 -24.09 4.54
N GLU C 384 11.46 -24.10 4.53
CA GLU C 384 12.03 -25.05 5.43
CA GLU C 384 12.08 -25.04 5.43
C GLU C 384 11.25 -25.06 6.72
C GLU C 384 11.28 -25.07 6.73
N ILE C 385 10.60 -26.19 6.99
CA ILE C 385 9.73 -26.27 8.19
C ILE C 385 10.58 -26.09 9.47
N ILE C 386 11.85 -26.49 9.44
CA ILE C 386 12.71 -26.37 10.63
C ILE C 386 12.82 -24.91 11.08
N TYR C 387 12.67 -23.95 10.14
CA TYR C 387 12.81 -22.57 10.50
C TYR C 387 11.61 -22.10 11.33
N PHE C 388 10.51 -22.82 11.26
CA PHE C 388 9.29 -22.48 11.99
C PHE C 388 9.20 -23.22 13.33
N GLU C 389 10.18 -24.07 13.64
CA GLU C 389 10.22 -24.81 14.91
C GLU C 389 10.90 -23.95 15.96
N ARG D 1 -22.40 12.18 -10.33
CA ARG D 1 -22.51 12.31 -8.85
C ARG D 1 -23.54 13.37 -8.52
N THR D 2 -24.33 13.08 -7.51
CA THR D 2 -25.39 14.01 -7.13
C THR D 2 -25.60 13.96 -5.63
N PHE D 3 -26.26 14.95 -5.08
CA PHE D 3 -26.51 14.90 -3.62
C PHE D 3 -27.48 13.75 -3.36
N LEU D 4 -27.22 12.98 -2.30
CA LEU D 4 -28.10 11.95 -1.83
C LEU D 4 -29.39 12.56 -1.26
N ASN D 5 -30.53 12.06 -1.76
CA ASN D 5 -31.85 12.39 -1.25
C ASN D 5 -32.42 11.13 -0.59
N LEU D 6 -33.01 11.28 0.57
CA LEU D 6 -33.43 10.13 1.34
C LEU D 6 -34.84 9.70 0.93
N THR D 7 -35.01 9.45 -0.36
CA THR D 7 -36.31 9.25 -1.00
C THR D 7 -36.90 7.87 -0.67
N LYS D 8 -36.05 6.91 -0.28
CA LYS D 8 -36.46 5.50 -0.29
C LYS D 8 -36.89 5.07 1.10
N PRO D 9 -37.78 4.03 1.21
CA PRO D 9 -38.16 3.47 2.51
C PRO D 9 -37.08 2.49 2.98
N LEU D 10 -37.12 2.17 4.27
CA LEU D 10 -36.27 1.11 4.78
C LEU D 10 -36.69 -0.22 4.13
N CYS D 11 -35.71 -1.09 3.86
CA CYS D 11 -36.00 -2.44 3.41
C CYS D 11 -36.56 -3.25 4.58
N GLU D 12 -37.41 -4.22 4.25
CA GLU D 12 -37.86 -5.19 5.20
C GLU D 12 -36.65 -6.01 5.67
N VAL D 13 -36.58 -6.28 6.97
CA VAL D 13 -35.52 -7.02 7.62
C VAL D 13 -36.10 -8.12 8.50
N ASN D 14 -35.77 -9.36 8.13
CA ASN D 14 -36.19 -10.52 8.94
C ASN D 14 -35.01 -11.17 9.65
N SER D 15 -33.80 -10.94 9.17
CA SER D 15 -32.57 -11.47 9.78
C SER D 15 -31.40 -10.63 9.28
N TRP D 16 -30.21 -10.93 9.75
CA TRP D 16 -29.03 -10.12 9.44
C TRP D 16 -27.94 -11.02 8.84
N HIS D 17 -27.34 -10.53 7.75
CA HIS D 17 -26.27 -11.22 7.04
C HIS D 17 -24.95 -10.54 7.40
N ILE D 18 -23.87 -11.32 7.36
CA ILE D 18 -22.56 -10.82 7.63
C ILE D 18 -22.11 -9.93 6.44
N LEU D 19 -21.67 -8.72 6.74
CA LEU D 19 -21.11 -7.77 5.76
C LEU D 19 -19.58 -7.75 5.80
N SER D 20 -19.01 -7.61 7.00
CA SER D 20 -17.58 -7.45 7.17
C SER D 20 -17.17 -7.83 8.59
N LYS D 21 -15.91 -8.22 8.72
CA LYS D 21 -15.28 -8.45 10.00
C LYS D 21 -13.78 -8.27 9.78
N ASP D 22 -13.10 -7.51 10.66
CA ASP D 22 -11.68 -7.19 10.38
C ASP D 22 -10.72 -8.02 11.21
N ASN D 23 -11.21 -8.68 12.25
CA ASN D 23 -10.28 -9.59 12.98
C ASN D 23 -9.01 -8.83 13.41
N ALA D 24 -9.19 -7.56 13.82
CA ALA D 24 -8.10 -6.64 14.04
C ALA D 24 -7.19 -7.12 15.17
N ILE D 25 -7.76 -7.64 16.24
CA ILE D 25 -6.97 -8.01 17.40
C ILE D 25 -6.21 -9.32 17.16
N ARG D 26 -6.86 -10.33 16.57
CA ARG D 26 -6.10 -11.51 16.15
C ARG D 26 -4.88 -11.14 15.27
N ILE D 27 -5.14 -10.32 14.24
CA ILE D 27 -4.07 -9.97 13.30
C ILE D 27 -2.97 -9.16 14.01
N GLY D 28 -3.42 -8.19 14.81
CA GLY D 28 -2.60 -7.21 15.51
C GLY D 28 -1.75 -7.83 16.58
N GLU D 29 -1.96 -9.09 16.94
CA GLU D 29 -1.12 -9.78 17.85
C GLU D 29 0.28 -9.82 17.27
N ASP D 30 0.41 -9.77 15.94
CA ASP D 30 1.73 -9.98 15.29
C ASP D 30 1.97 -8.88 14.25
N ALA D 31 0.99 -8.50 13.49
CA ALA D 31 1.14 -7.52 12.45
C ALA D 31 1.03 -6.12 13.09
N HIS D 32 1.32 -5.10 12.31
CA HIS D 32 1.36 -3.72 12.88
C HIS D 32 -0.03 -3.09 12.75
N ILE D 33 -0.88 -3.29 13.75
CA ILE D 33 -2.25 -2.81 13.72
C ILE D 33 -2.38 -1.71 14.80
N LEU D 34 -3.06 -0.62 14.42
CA LEU D 34 -3.25 0.50 15.30
C LEU D 34 -4.23 0.10 16.40
N VAL D 35 -3.95 0.59 17.61
CA VAL D 35 -4.96 0.61 18.67
C VAL D 35 -6.07 1.58 18.30
N THR D 36 -7.33 1.19 18.52
CA THR D 36 -8.45 1.97 18.18
C THR D 36 -9.50 1.86 19.29
N ARG D 37 -10.56 2.65 19.14
CA ARG D 37 -11.87 2.43 19.74
C ARG D 37 -12.84 3.32 19.00
N GLU D 38 -14.11 3.24 19.40
CA GLU D 38 -15.18 4.04 18.75
C GLU D 38 -15.16 3.88 17.22
N PRO D 39 -15.29 2.63 16.72
CA PRO D 39 -15.33 2.33 15.29
C PRO D 39 -16.71 2.56 14.74
N TYR D 40 -16.74 2.67 13.43
CA TYR D 40 -18.01 2.66 12.71
C TYR D 40 -17.76 2.33 11.26
N LEU D 41 -18.82 2.33 10.44
CA LEU D 41 -18.65 2.27 9.03
C LEU D 41 -19.48 3.38 8.42
N SER D 42 -19.05 3.76 7.23
CA SER D 42 -19.75 4.73 6.48
C SER D 42 -19.54 4.44 5.01
N CYS D 43 -20.56 4.70 4.19
CA CYS D 43 -20.48 4.39 2.76
C CYS D 43 -20.55 5.62 1.88
N ASP D 44 -20.34 5.37 0.61
CA ASP D 44 -20.40 6.45 -0.39
C ASP D 44 -20.77 5.82 -1.74
N PRO D 45 -20.79 6.55 -2.85
CA PRO D 45 -21.10 5.92 -4.12
C PRO D 45 -20.26 4.70 -4.55
N GLN D 46 -19.03 4.58 -4.08
CA GLN D 46 -18.07 3.53 -4.50
C GLN D 46 -18.15 2.32 -3.57
N GLY D 47 -18.62 2.50 -2.35
CA GLY D 47 -18.67 1.34 -1.44
C GLY D 47 -18.75 1.79 0.01
N CYS D 48 -18.20 0.99 0.91
CA CYS D 48 -18.21 1.33 2.35
C CYS D 48 -16.79 1.22 2.90
N ARG D 49 -16.52 2.01 3.96
CA ARG D 49 -15.25 2.06 4.65
C ARG D 49 -15.44 1.89 6.14
N MET D 50 -14.40 1.36 6.80
CA MET D 50 -14.34 1.32 8.19
C MET D 50 -13.69 2.61 8.69
N PHE D 51 -14.13 3.02 9.87
CA PHE D 51 -13.67 4.23 10.57
C PHE D 51 -13.44 3.90 12.04
N ALA D 52 -12.52 4.62 12.69
CA ALA D 52 -12.32 4.49 14.12
C ALA D 52 -11.39 5.60 14.61
N LEU D 53 -11.38 5.79 15.91
CA LEU D 53 -10.41 6.69 16.55
C LEU D 53 -9.16 5.91 16.95
N SER D 54 -8.09 6.13 16.17
CA SER D 54 -6.80 5.64 16.55
C SER D 54 -6.37 6.20 17.90
N GLN D 55 -5.47 5.45 18.59
CA GLN D 55 -4.78 5.90 19.74
C GLN D 55 -3.32 6.30 19.43
N GLY D 56 -2.98 6.37 18.14
CA GLY D 56 -1.63 6.73 17.71
C GLY D 56 -0.53 5.84 18.27
N THR D 57 -0.73 4.53 18.20
CA THR D 57 0.24 3.53 18.59
C THR D 57 -0.25 2.23 17.98
N THR D 58 0.66 1.27 17.79
CA THR D 58 0.20 -0.09 17.45
C THR D 58 -0.16 -0.88 18.71
N LEU D 59 -0.88 -2.01 18.52
CA LEU D 59 -1.38 -2.81 19.59
C LEU D 59 -0.24 -3.47 20.37
N ARG D 60 0.77 -3.99 19.67
CA ARG D 60 1.87 -4.65 20.34
C ARG D 60 2.92 -3.62 20.76
N GLY D 61 2.74 -2.37 20.36
CA GLY D 61 3.70 -1.31 20.74
C GLY D 61 3.67 -1.02 22.25
N ARG D 62 4.80 -0.51 22.78
CA ARG D 62 4.83 -0.17 24.20
C ARG D 62 3.84 0.97 24.49
N HIS D 63 3.49 1.80 23.49
CA HIS D 63 2.56 2.90 23.71
C HIS D 63 1.12 2.46 23.83
N ALA D 64 0.84 1.17 23.61
CA ALA D 64 -0.47 0.69 23.82
C ALA D 64 -0.80 0.74 25.34
N ASN D 65 0.23 0.77 26.17
CA ASN D 65 0.04 0.92 27.59
C ASN D 65 -0.67 2.25 27.88
N GLY D 66 -1.84 2.15 28.51
CA GLY D 66 -2.58 3.36 28.94
C GLY D 66 -3.68 3.74 27.98
N THR D 67 -3.95 2.91 26.95
CA THR D 67 -4.97 3.21 25.93
C THR D 67 -6.40 2.99 26.40
N ILE D 68 -6.62 2.62 27.67
CA ILE D 68 -8.02 2.76 28.21
C ILE D 68 -8.47 4.23 28.10
N HIS D 69 -7.51 5.17 28.16
CA HIS D 69 -7.85 6.60 28.31
C HIS D 69 -8.54 7.05 27.03
N ASP D 70 -9.59 7.85 27.18
CA ASP D 70 -10.40 8.21 26.04
C ASP D 70 -9.84 9.36 25.19
N ARG D 71 -9.10 10.28 25.82
CA ARG D 71 -8.82 11.52 25.13
C ARG D 71 -7.33 11.82 25.25
N SER D 72 -6.66 12.05 24.14
CA SER D 72 -5.25 12.45 24.18
C SER D 72 -5.01 13.25 22.90
N PRO D 73 -3.84 13.89 22.80
CA PRO D 73 -3.46 14.58 21.58
C PRO D 73 -2.95 13.63 20.50
N PHE D 74 -3.02 12.31 20.73
CA PHE D 74 -2.43 11.34 19.84
C PHE D 74 -3.53 10.55 19.11
N ARG D 75 -4.79 10.95 19.32
CA ARG D 75 -5.88 10.26 18.71
C ARG D 75 -6.25 10.99 17.42
N ALA D 76 -6.83 10.24 16.51
CA ALA D 76 -7.30 10.74 15.20
C ALA D 76 -8.37 9.82 14.65
N LEU D 77 -9.28 10.38 13.85
CA LEU D 77 -10.17 9.57 13.07
C LEU D 77 -9.44 9.07 11.83
N ILE D 78 -9.43 7.74 11.70
CA ILE D 78 -8.88 7.06 10.58
C ILE D 78 -9.97 6.29 9.84
N SER D 79 -9.77 6.12 8.53
CA SER D 79 -10.66 5.35 7.71
C SER D 79 -9.82 4.34 6.91
N TRP D 80 -10.45 3.26 6.45
CA TRP D 80 -9.73 2.28 5.72
C TRP D 80 -10.71 1.38 4.97
N GLU D 81 -10.15 0.60 4.04
CA GLU D 81 -10.93 -0.25 3.20
C GLU D 81 -11.66 -1.31 4.04
N MET D 82 -12.97 -1.44 3.81
CA MET D 82 -13.81 -2.30 4.64
C MET D 82 -13.24 -3.73 4.66
N GLY D 83 -13.04 -4.27 5.87
CA GLY D 83 -12.66 -5.62 6.04
C GLY D 83 -11.18 -5.78 6.33
N GLN D 84 -10.35 -4.86 5.84
CA GLN D 84 -8.99 -4.85 6.31
C GLN D 84 -8.95 -4.45 7.79
N ALA D 85 -7.86 -4.80 8.45
CA ALA D 85 -7.57 -4.29 9.77
C ALA D 85 -6.82 -2.96 9.62
N PRO D 86 -6.92 -2.09 10.62
CA PRO D 86 -6.35 -0.75 10.52
C PRO D 86 -4.87 -0.76 10.91
N SER D 87 -4.00 -0.61 9.93
CA SER D 87 -2.58 -0.52 10.19
C SER D 87 -2.10 0.92 9.90
N PRO D 88 -0.84 1.25 10.23
CA PRO D 88 -0.26 2.54 9.85
C PRO D 88 -0.10 2.69 8.33
N TYR D 89 -0.37 1.60 7.57
CA TYR D 89 0.04 1.53 6.19
C TYR D 89 -1.15 1.70 5.26
N ASN D 90 -2.35 1.42 5.75
CA ASN D 90 -3.55 1.35 4.89
C ASN D 90 -4.64 2.28 5.44
N THR D 91 -4.32 3.23 6.34
CA THR D 91 -5.33 4.09 7.03
C THR D 91 -5.17 5.56 6.59
N ARG D 92 -6.32 6.18 6.28
CA ARG D 92 -6.41 7.55 5.92
C ARG D 92 -6.77 8.33 7.19
N VAL D 93 -6.00 9.37 7.48
CA VAL D 93 -6.39 10.24 8.61
C VAL D 93 -7.45 11.24 8.12
N GLU D 94 -8.65 11.20 8.72
CA GLU D 94 -9.79 12.03 8.32
C GLU D 94 -9.67 13.39 9.02
N CYS D 95 -9.26 13.36 10.29
CA CYS D 95 -9.21 14.56 11.12
C CYS D 95 -8.54 14.16 12.42
N ILE D 96 -8.11 15.15 13.22
CA ILE D 96 -7.36 14.86 14.45
C ILE D 96 -8.31 15.05 15.64
N GLY D 97 -8.33 14.12 16.57
CA GLY D 97 -9.18 14.29 17.78
C GLY D 97 -9.65 13.00 18.36
N TRP D 98 -10.55 13.11 19.35
CA TRP D 98 -10.92 12.03 20.21
C TRP D 98 -12.45 11.87 20.31
N SER D 99 -13.20 12.43 19.33
CA SER D 99 -14.64 12.23 19.14
C SER D 99 -14.95 12.59 17.68
N SER D 100 -15.72 11.77 16.98
CA SER D 100 -15.90 12.05 15.57
C SER D 100 -17.28 11.66 15.04
N THR D 101 -17.50 12.13 13.81
CA THR D 101 -18.55 11.63 12.91
C THR D 101 -18.11 11.84 11.50
N SER D 102 -18.77 11.15 10.57
CA SER D 102 -18.45 11.27 9.19
C SER D 102 -19.63 10.82 8.35
N CYS D 103 -19.83 11.46 7.21
CA CYS D 103 -20.83 11.04 6.28
C CYS D 103 -20.54 11.61 4.90
N HIS D 104 -21.07 10.94 3.87
CA HIS D 104 -20.96 11.35 2.52
C HIS D 104 -22.31 11.90 2.05
N ASP D 105 -22.29 13.00 1.30
CA ASP D 105 -23.53 13.67 0.92
C ASP D 105 -23.93 13.31 -0.51
N GLY D 106 -23.20 12.40 -1.12
CA GLY D 106 -23.39 12.01 -2.54
C GLY D 106 -22.31 12.60 -3.43
N MET D 107 -21.80 13.77 -3.02
CA MET D 107 -20.70 14.47 -3.72
C MET D 107 -19.37 14.20 -3.02
N SER D 108 -19.28 14.51 -1.72
CA SER D 108 -18.02 14.41 -0.97
C SER D 108 -18.30 14.02 0.45
N ARG D 109 -17.22 13.67 1.15
CA ARG D 109 -17.27 13.21 2.50
C ARG D 109 -17.01 14.35 3.49
N MET D 110 -17.91 14.47 4.48
CA MET D 110 -17.74 15.36 5.60
C MET D 110 -17.20 14.53 6.77
N SER D 111 -16.14 15.00 7.44
CA SER D 111 -15.65 14.34 8.64
C SER D 111 -15.44 15.39 9.75
N ILE D 112 -15.81 15.07 10.97
CA ILE D 112 -15.71 16.04 12.05
C ILE D 112 -14.95 15.35 13.19
N CYS D 113 -14.01 16.05 13.76
CA CYS D 113 -13.27 15.57 14.95
C CYS D 113 -13.19 16.69 16.00
N MET D 114 -13.45 16.34 17.26
CA MET D 114 -13.19 17.23 18.36
C MET D 114 -11.84 16.90 18.97
N SER D 115 -11.13 17.95 19.41
CA SER D 115 -9.91 17.77 20.12
C SER D 115 -9.77 18.88 21.15
N GLY D 116 -8.77 18.73 22.00
CA GLY D 116 -8.42 19.75 22.92
C GLY D 116 -8.69 19.31 24.36
N PRO D 117 -8.42 20.21 25.32
CA PRO D 117 -8.54 19.83 26.73
C PRO D 117 -10.04 19.84 27.09
N ASN D 118 -10.40 19.24 28.23
CA ASN D 118 -11.84 19.07 28.59
C ASN D 118 -12.58 20.40 28.59
N ASN D 119 -11.91 21.47 29.04
CA ASN D 119 -12.59 22.73 29.25
C ASN D 119 -12.51 23.65 28.01
N ASN D 120 -11.95 23.18 26.92
CA ASN D 120 -11.64 24.14 25.82
C ASN D 120 -11.49 23.37 24.49
N ALA D 121 -12.36 22.37 24.29
CA ALA D 121 -12.31 21.53 23.13
C ALA D 121 -12.89 22.30 21.95
N SER D 122 -12.61 21.80 20.73
CA SER D 122 -13.15 22.40 19.51
C SER D 122 -13.36 21.29 18.47
N ALA D 123 -14.31 21.51 17.58
CA ALA D 123 -14.53 20.64 16.42
C ALA D 123 -13.84 21.30 15.23
N VAL D 124 -13.24 20.47 14.36
CA VAL D 124 -12.89 20.90 13.02
C VAL D 124 -13.69 20.04 12.02
N VAL D 125 -14.35 20.73 11.10
CA VAL D 125 -15.25 20.13 10.17
C VAL D 125 -14.58 20.15 8.81
N TRP D 126 -14.36 18.96 8.25
CA TRP D 126 -13.67 18.73 6.97
C TRP D 126 -14.70 18.35 5.90
N TYR D 127 -14.44 18.76 4.66
CA TYR D 127 -15.26 18.33 3.56
C TYR D 127 -14.36 18.14 2.35
N GLY D 128 -14.52 17.00 1.67
CA GLY D 128 -13.61 16.67 0.56
C GLY D 128 -12.16 16.65 0.95
N GLY D 129 -11.85 16.25 2.19
CA GLY D 129 -10.49 16.15 2.67
C GLY D 129 -9.84 17.48 3.01
N ARG D 130 -10.62 18.58 3.13
CA ARG D 130 -10.09 19.91 3.47
C ARG D 130 -10.87 20.48 4.64
N PRO D 131 -10.21 21.16 5.60
CA PRO D 131 -10.93 21.76 6.72
C PRO D 131 -11.73 22.99 6.27
N ILE D 132 -12.98 23.07 6.75
CA ILE D 132 -13.92 24.06 6.28
C ILE D 132 -14.31 25.01 7.43
N THR D 133 -14.67 24.44 8.58
CA THR D 133 -15.29 25.15 9.67
C THR D 133 -14.65 24.68 10.98
N GLU D 134 -14.61 25.58 11.96
CA GLU D 134 -14.21 25.19 13.32
C GLU D 134 -15.31 25.65 14.28
N ILE D 135 -15.55 24.87 15.30
CA ILE D 135 -16.61 25.16 16.32
C ILE D 135 -15.98 25.03 17.69
N PRO D 136 -15.91 26.13 18.46
CA PRO D 136 -15.47 26.07 19.84
C PRO D 136 -16.54 25.50 20.77
N SER D 137 -16.08 24.82 21.82
CA SER D 137 -16.88 24.39 22.96
C SER D 137 -17.75 25.56 23.40
N TRP D 138 -19.03 25.25 23.66
CA TRP D 138 -20.01 26.19 24.13
C TRP D 138 -20.32 26.01 25.60
N ALA D 139 -19.94 24.86 26.18
CA ALA D 139 -20.23 24.64 27.58
C ALA D 139 -18.97 24.27 28.37
N GLY D 140 -17.81 24.19 27.74
CA GLY D 140 -16.56 24.03 28.54
C GLY D 140 -16.45 22.67 29.19
N ASN D 141 -17.00 21.60 28.55
CA ASN D 141 -16.95 20.28 29.16
C ASN D 141 -17.12 19.18 28.12
N ILE D 142 -16.00 18.88 27.43
CA ILE D 142 -15.83 17.79 26.50
C ILE D 142 -16.87 17.86 25.38
N LEU D 143 -16.79 18.91 24.56
CA LEU D 143 -17.56 18.90 23.33
C LEU D 143 -17.27 17.60 22.56
N ARG D 144 -18.34 16.93 22.10
CA ARG D 144 -18.28 15.56 21.64
C ARG D 144 -19.46 15.30 20.72
N THR D 145 -19.41 14.18 19.99
CA THR D 145 -20.41 13.90 18.95
C THR D 145 -20.67 12.39 18.85
N GLN D 146 -21.12 11.99 17.68
CA GLN D 146 -21.84 10.71 17.47
C GLN D 146 -21.00 9.43 17.69
N GLU D 147 -19.77 9.38 17.18
CA GLU D 147 -18.96 8.19 17.08
C GLU D 147 -19.59 7.16 16.14
N SER D 148 -20.45 7.60 15.21
CA SER D 148 -20.88 6.79 14.06
C SER D 148 -21.34 7.78 13.02
N GLU D 149 -21.77 7.29 11.85
CA GLU D 149 -21.96 8.16 10.70
C GLU D 149 -23.15 9.09 10.91
N CYS D 150 -23.02 10.25 10.27
CA CYS D 150 -24.11 11.22 10.09
C CYS D 150 -24.83 10.85 8.80
N VAL D 151 -25.85 11.62 8.43
CA VAL D 151 -26.66 11.29 7.28
C VAL D 151 -26.98 12.58 6.57
N CYS D 152 -27.12 12.55 5.26
CA CYS D 152 -27.30 13.74 4.49
C CYS D 152 -28.54 13.61 3.62
N HIS D 153 -29.12 14.77 3.28
CA HIS D 153 -30.29 14.84 2.45
C HIS D 153 -30.24 16.16 1.69
N LYS D 154 -30.14 16.09 0.35
CA LYS D 154 -30.13 17.29 -0.52
C LYS D 154 -28.97 18.20 -0.11
N GLY D 155 -27.89 17.58 0.38
CA GLY D 155 -26.66 18.27 0.74
C GLY D 155 -26.57 18.70 2.22
N VAL D 156 -27.66 18.53 2.99
CA VAL D 156 -27.71 18.96 4.35
C VAL D 156 -27.49 17.76 5.24
N CYS D 157 -26.41 17.83 6.04
CA CYS D 157 -26.06 16.75 6.89
C CYS D 157 -26.15 17.21 8.34
N PRO D 158 -27.24 16.88 9.07
CA PRO D 158 -27.33 17.22 10.48
C PRO D 158 -26.37 16.34 11.29
N VAL D 159 -25.84 16.91 12.37
CA VAL D 159 -24.96 16.25 13.28
C VAL D 159 -25.37 16.61 14.69
N VAL D 160 -25.41 15.62 15.58
CA VAL D 160 -25.81 15.86 16.94
C VAL D 160 -24.54 15.94 17.78
N MET D 161 -24.42 17.04 18.53
CA MET D 161 -23.25 17.28 19.39
C MET D 161 -23.69 17.62 20.81
N THR D 162 -22.85 17.27 21.78
CA THR D 162 -23.17 17.53 23.17
C THR D 162 -21.92 18.09 23.84
N ASP D 163 -22.17 19.00 24.78
CA ASP D 163 -21.10 19.65 25.55
C ASP D 163 -21.70 19.90 26.91
N GLY D 164 -20.99 19.46 27.95
CA GLY D 164 -21.55 19.49 29.25
C GLY D 164 -21.30 18.17 29.97
N PRO D 165 -21.83 18.05 31.19
CA PRO D 165 -21.61 16.89 32.03
C PRO D 165 -22.05 15.58 31.35
N ALA D 166 -21.36 14.51 31.74
CA ALA D 166 -21.75 13.17 31.39
C ALA D 166 -22.88 12.67 32.28
N ASN D 167 -23.03 13.29 33.47
CA ASN D 167 -23.78 12.70 34.60
C ASN D 167 -24.80 13.72 35.09
N ASN D 168 -25.23 14.63 34.22
CA ASN D 168 -26.17 15.65 34.57
C ASN D 168 -26.60 16.28 33.24
N ARG D 169 -27.60 17.13 33.29
CA ARG D 169 -28.06 17.86 32.15
C ARG D 169 -26.88 18.50 31.43
N ALA D 170 -26.88 18.35 30.11
CA ALA D 170 -25.81 18.87 29.23
C ALA D 170 -26.44 19.73 28.15
N ALA D 171 -25.59 20.35 27.31
CA ALA D 171 -26.08 21.26 26.26
C ALA D 171 -25.89 20.59 24.90
N THR D 172 -26.97 20.05 24.35
CA THR D 172 -26.90 19.33 23.08
C THR D 172 -27.39 20.29 21.99
N LYS D 173 -26.77 20.19 20.81
N LYS D 173 -26.76 20.20 20.82
CA LYS D 173 -27.15 20.98 19.68
CA LYS D 173 -27.13 20.98 19.68
C LYS D 173 -27.17 20.08 18.46
C LYS D 173 -27.15 20.08 18.44
N ILE D 174 -28.02 20.44 17.49
CA ILE D 174 -28.06 19.82 16.23
C ILE D 174 -27.55 20.88 15.30
N ILE D 175 -26.46 20.54 14.60
CA ILE D 175 -25.83 21.48 13.68
C ILE D 175 -26.00 20.92 12.28
N TYR D 176 -26.58 21.74 11.39
CA TYR D 176 -26.90 21.35 10.05
C TYR D 176 -25.84 21.87 9.10
N PHE D 177 -25.13 20.96 8.47
CA PHE D 177 -24.03 21.34 7.61
C PHE D 177 -24.37 21.16 6.14
N LYS D 178 -23.77 21.98 5.29
CA LYS D 178 -23.75 21.73 3.90
C LYS D 178 -22.40 22.13 3.31
N GLU D 179 -21.73 21.20 2.63
CA GLU D 179 -20.35 21.37 2.14
C GLU D 179 -19.44 21.83 3.28
N GLY D 180 -19.72 21.30 4.47
CA GLY D 180 -18.95 21.57 5.69
C GLY D 180 -19.22 22.93 6.30
N LYS D 181 -20.15 23.73 5.73
CA LYS D 181 -20.50 25.03 6.30
C LYS D 181 -21.80 24.93 7.12
N ILE D 182 -21.87 25.68 8.23
CA ILE D 182 -23.01 25.69 9.12
C ILE D 182 -24.18 26.40 8.44
N GLN D 183 -25.30 25.69 8.31
CA GLN D 183 -26.52 26.24 7.77
C GLN D 183 -27.44 26.67 8.90
N LYS D 184 -27.37 25.99 10.02
CA LYS D 184 -28.29 26.28 11.13
C LYS D 184 -27.78 25.53 12.36
N ILE D 185 -28.01 26.14 13.51
CA ILE D 185 -27.71 25.49 14.75
C ILE D 185 -29.02 25.48 15.57
N GLU D 186 -29.38 24.31 16.11
CA GLU D 186 -30.54 24.23 17.02
C GLU D 186 -30.11 23.67 18.36
N GLU D 187 -30.67 24.23 19.44
N GLU D 187 -30.67 24.22 19.45
CA GLU D 187 -30.59 23.60 20.74
CA GLU D 187 -30.57 23.62 20.77
C GLU D 187 -31.53 22.39 20.76
C GLU D 187 -31.54 22.44 20.81
N LEU D 188 -31.11 21.34 21.44
CA LEU D 188 -31.97 20.16 21.63
C LEU D 188 -33.28 20.62 22.27
N ALA D 189 -34.38 20.16 21.69
CA ALA D 189 -35.71 20.30 22.32
C ALA D 189 -36.35 18.94 22.52
N GLY D 190 -37.49 18.95 23.25
CA GLY D 190 -38.32 17.77 23.45
C GLY D 190 -37.97 17.06 24.76
N ASN D 191 -38.29 15.77 24.85
CA ASN D 191 -38.38 15.03 26.10
C ASN D 191 -37.11 14.22 26.43
N ALA D 192 -36.16 14.05 25.50
CA ALA D 192 -34.93 13.44 25.83
C ALA D 192 -34.18 14.29 26.89
N GLN D 193 -33.67 13.68 27.97
CA GLN D 193 -33.10 14.41 29.13
C GLN D 193 -31.57 14.52 29.04
N HIS D 194 -30.96 13.68 28.19
CA HIS D 194 -29.50 13.66 28.00
C HIS D 194 -29.26 12.91 26.69
N ILE D 195 -28.34 13.44 25.89
CA ILE D 195 -28.06 12.94 24.60
C ILE D 195 -26.57 12.84 24.41
N GLU D 196 -26.14 11.64 24.06
CA GLU D 196 -24.78 11.35 23.60
C GLU D 196 -24.80 10.34 22.45
N GLU D 197 -23.75 10.40 21.62
CA GLU D 197 -23.35 9.28 20.78
C GLU D 197 -24.49 8.78 19.93
N CYS D 198 -25.17 9.66 19.23
CA CYS D 198 -26.30 9.30 18.42
C CYS D 198 -25.94 8.40 17.24
N SER D 199 -26.76 7.36 17.01
CA SER D 199 -26.65 6.47 15.87
C SER D 199 -27.80 6.79 14.93
N CYS D 200 -27.48 7.35 13.75
CA CYS D 200 -28.52 7.94 12.91
C CYS D 200 -28.64 7.21 11.57
N TYR D 201 -29.85 7.25 10.97
CA TYR D 201 -30.06 6.76 9.64
C TYR D 201 -31.22 7.54 9.05
N GLY D 202 -31.33 7.46 7.72
CA GLY D 202 -32.35 8.19 6.98
C GLY D 202 -33.25 7.25 6.21
N ALA D 203 -34.54 7.61 6.11
CA ALA D 203 -35.50 6.89 5.28
C ALA D 203 -36.72 7.77 5.09
N GLY D 204 -37.26 7.75 3.86
CA GLY D 204 -38.49 8.45 3.57
C GLY D 204 -38.45 9.90 4.06
N GLY D 205 -37.32 10.58 3.82
CA GLY D 205 -37.18 12.02 4.09
C GLY D 205 -36.95 12.37 5.56
N VAL D 206 -36.72 11.39 6.41
CA VAL D 206 -36.68 11.58 7.86
C VAL D 206 -35.37 10.97 8.36
N ILE D 207 -34.63 11.68 9.23
CA ILE D 207 -33.49 11.10 9.90
C ILE D 207 -33.85 10.77 11.34
N LYS D 208 -33.51 9.57 11.79
CA LYS D 208 -33.76 9.18 13.13
C LYS D 208 -32.43 8.86 13.77
N CYS D 209 -32.22 9.44 14.96
CA CYS D 209 -31.02 9.25 15.72
C CYS D 209 -31.38 8.61 17.04
N ILE D 210 -30.75 7.48 17.34
CA ILE D 210 -31.04 6.72 18.52
C ILE D 210 -29.79 6.80 19.36
N CYS D 211 -29.90 7.32 20.57
CA CYS D 211 -28.77 7.83 21.25
C CYS D 211 -28.59 7.16 22.61
N ARG D 212 -27.71 7.78 23.40
CA ARG D 212 -27.33 7.29 24.72
C ARG D 212 -27.64 8.37 25.75
N ASP D 213 -28.56 8.09 26.68
CA ASP D 213 -28.80 8.92 27.85
C ASP D 213 -27.86 8.44 28.93
N ASN D 214 -26.82 9.24 29.21
CA ASN D 214 -25.81 8.82 30.16
C ASN D 214 -26.17 9.27 31.58
N TRP D 215 -27.26 10.01 31.73
CA TRP D 215 -27.62 10.61 32.99
C TRP D 215 -28.65 9.75 33.76
N LYS D 216 -29.72 9.35 33.07
CA LYS D 216 -30.82 8.66 33.71
C LYS D 216 -31.23 7.36 32.99
N GLY D 217 -31.68 7.50 31.76
CA GLY D 217 -32.43 6.47 31.08
C GLY D 217 -31.64 5.23 30.67
N ALA D 218 -32.24 4.06 30.86
CA ALA D 218 -31.77 2.78 30.29
C ALA D 218 -32.54 2.47 29.00
N ASN D 219 -33.59 3.27 28.74
CA ASN D 219 -34.22 3.40 27.43
C ASN D 219 -33.44 4.48 26.70
N ARG D 220 -33.36 4.34 25.36
CA ARG D 220 -32.56 5.19 24.55
C ARG D 220 -33.42 6.34 24.05
N PRO D 221 -32.90 7.57 24.12
CA PRO D 221 -33.56 8.67 23.46
C PRO D 221 -33.56 8.56 21.93
N VAL D 222 -34.53 9.20 21.30
CA VAL D 222 -34.66 9.18 19.91
C VAL D 222 -34.91 10.62 19.47
N ILE D 223 -34.04 11.11 18.58
CA ILE D 223 -34.21 12.38 17.93
C ILE D 223 -34.71 12.15 16.51
N THR D 224 -35.75 12.89 16.14
CA THR D 224 -36.37 12.74 14.77
C THR D 224 -36.13 14.08 14.06
N ILE D 225 -35.35 14.05 12.98
CA ILE D 225 -34.87 15.28 12.30
C ILE D 225 -35.48 15.37 10.92
N ASP D 226 -36.04 16.57 10.61
CA ASP D 226 -36.53 16.96 9.28
C ASP D 226 -35.38 17.75 8.64
N PRO D 227 -34.58 17.12 7.76
CA PRO D 227 -33.41 17.77 7.21
C PRO D 227 -33.77 18.82 6.17
N GLU D 228 -35.03 18.98 5.77
CA GLU D 228 -35.35 20.07 4.86
C GLU D 228 -35.70 21.36 5.63
N MET D 229 -36.61 21.23 6.59
N MET D 229 -36.58 21.25 6.61
CA MET D 229 -37.01 22.32 7.49
CA MET D 229 -36.94 22.40 7.44
C MET D 229 -35.88 22.59 8.52
C MET D 229 -35.89 22.60 8.54
N MET D 230 -34.99 21.61 8.72
CA MET D 230 -33.89 21.67 9.72
C MET D 230 -34.46 21.89 11.13
N THR D 231 -35.40 21.00 11.49
CA THR D 231 -36.06 21.00 12.79
C THR D 231 -36.04 19.58 13.32
N HIS D 232 -36.33 19.45 14.61
CA HIS D 232 -36.32 18.14 15.18
C HIS D 232 -37.32 18.06 16.34
N THR D 233 -37.56 16.82 16.80
CA THR D 233 -38.28 16.52 18.03
C THR D 233 -37.42 15.47 18.76
N SER D 234 -37.60 15.30 20.07
CA SER D 234 -36.97 14.22 20.80
C SER D 234 -37.92 13.60 21.81
N LYS D 235 -37.68 12.32 22.07
CA LYS D 235 -38.36 11.56 23.14
C LYS D 235 -37.51 10.32 23.44
N TYR D 236 -38.11 9.30 24.03
CA TYR D 236 -37.46 8.05 24.23
C TYR D 236 -38.14 6.98 23.38
N LEU D 237 -37.37 5.95 23.05
CA LEU D 237 -37.92 4.67 22.60
C LEU D 237 -39.03 4.22 23.55
N CYS D 238 -40.22 3.98 23.03
CA CYS D 238 -41.44 3.63 23.84
C CYS D 238 -41.29 2.25 24.49
N SER D 239 -40.66 1.33 23.78
CA SER D 239 -40.68 -0.06 24.11
C SER D 239 -40.12 -0.34 25.51
N LYS D 240 -40.75 -1.31 26.16
CA LYS D 240 -40.30 -1.86 27.47
C LYS D 240 -38.98 -2.61 27.33
N VAL D 241 -38.58 -2.91 26.08
CA VAL D 241 -37.31 -3.59 25.86
C VAL D 241 -36.20 -2.52 25.97
N LEU D 242 -35.47 -2.52 27.10
CA LEU D 242 -34.47 -1.51 27.40
C LEU D 242 -33.18 -1.90 26.68
N THR D 243 -32.56 -0.92 26.01
CA THR D 243 -31.40 -1.23 25.16
C THR D 243 -30.11 -0.47 25.50
N ASP D 244 -30.02 0.23 26.64
CA ASP D 244 -28.78 0.78 27.06
C ASP D 244 -28.11 -0.22 27.99
N THR D 245 -26.84 0.04 28.35
CA THR D 245 -26.08 -0.79 29.30
C THR D 245 -25.34 0.18 30.20
N SER D 246 -25.50 0.10 31.53
CA SER D 246 -26.23 -0.93 32.23
C SER D 246 -27.71 -0.55 32.26
N ARG D 247 -28.53 -1.56 32.51
CA ARG D 247 -29.97 -1.44 32.54
C ARG D 247 -30.53 -2.38 33.60
N PRO D 248 -31.72 -2.05 34.15
CA PRO D 248 -32.47 -2.97 35.00
C PRO D 248 -33.21 -3.96 34.08
N ASN D 249 -33.87 -4.95 34.69
CA ASN D 249 -34.76 -5.83 33.97
C ASN D 249 -35.75 -4.96 33.19
N ASP D 250 -36.17 -5.46 32.02
CA ASP D 250 -37.19 -4.81 31.25
C ASP D 250 -38.45 -4.72 32.10
N PRO D 251 -39.08 -3.53 32.21
CA PRO D 251 -40.32 -3.43 32.96
C PRO D 251 -41.54 -3.97 32.17
N THR D 252 -42.72 -3.90 32.85
CA THR D 252 -43.99 -4.22 32.20
C THR D 252 -44.36 -3.28 31.07
N ASN D 253 -44.07 -1.98 31.21
CA ASN D 253 -44.20 -1.05 30.09
C ASN D 253 -42.98 -0.12 30.06
N GLY D 254 -42.65 0.32 28.83
CA GLY D 254 -41.67 1.36 28.68
C GLY D 254 -42.28 2.73 28.93
N ASN D 255 -41.50 3.75 28.59
CA ASN D 255 -41.95 5.12 28.65
C ASN D 255 -41.43 5.89 27.44
N CYS D 256 -42.33 6.47 26.66
CA CYS D 256 -42.00 7.20 25.45
C CYS D 256 -41.43 8.59 25.77
N ASP D 257 -41.76 9.12 26.95
CA ASP D 257 -41.50 10.59 27.17
C ASP D 257 -40.62 10.84 28.42
N ALA D 258 -40.02 9.80 28.98
CA ALA D 258 -39.23 9.98 30.19
C ALA D 258 -38.31 8.80 30.30
N PRO D 259 -37.19 8.95 31.03
CA PRO D 259 -36.25 7.87 31.19
C PRO D 259 -36.75 6.80 32.13
N ILE D 260 -36.45 5.55 31.79
N ILE D 260 -36.48 5.54 31.80
CA ILE D 260 -36.59 4.44 32.70
CA ILE D 260 -36.63 4.41 32.69
C ILE D 260 -35.23 4.24 33.35
C ILE D 260 -35.26 4.18 33.34
N THR D 261 -35.15 4.47 34.65
CA THR D 261 -33.87 4.44 35.32
C THR D 261 -33.65 3.07 36.00
N GLY D 262 -32.33 2.95 36.35
CA GLY D 262 -31.81 1.84 37.15
C GLY D 262 -30.71 1.13 36.37
N GLY D 263 -30.30 -0.04 36.85
CA GLY D 263 -29.16 -0.69 36.26
C GLY D 263 -27.87 -0.32 36.98
N SER D 264 -26.89 -1.22 36.90
CA SER D 264 -25.61 -1.10 37.63
C SER D 264 -24.57 -1.93 36.87
N PRO D 265 -23.32 -1.49 36.77
CA PRO D 265 -22.79 -0.30 37.42
C PRO D 265 -22.54 0.90 36.49
N ASP D 266 -22.88 0.77 35.21
CA ASP D 266 -22.45 1.77 34.25
C ASP D 266 -23.62 2.53 33.65
N PRO D 267 -23.41 3.84 33.36
CA PRO D 267 -24.52 4.71 32.98
C PRO D 267 -24.91 4.71 31.50
N GLY D 268 -24.14 4.05 30.63
CA GLY D 268 -24.55 4.02 29.23
C GLY D 268 -23.48 3.43 28.31
N VAL D 269 -23.93 3.12 27.09
CA VAL D 269 -23.09 2.67 25.98
C VAL D 269 -23.72 3.25 24.72
N LYS D 270 -22.92 3.50 23.68
CA LYS D 270 -23.49 3.88 22.43
C LYS D 270 -24.22 2.65 21.84
N GLY D 271 -25.42 2.89 21.27
CA GLY D 271 -26.17 1.89 20.57
C GLY D 271 -27.06 2.46 19.48
N PHE D 272 -28.01 1.65 19.05
CA PHE D 272 -28.78 2.02 17.86
C PHE D 272 -30.07 1.20 17.82
N ALA D 273 -30.97 1.63 16.92
CA ALA D 273 -32.10 0.87 16.55
C ALA D 273 -32.55 1.35 15.18
N PHE D 274 -33.23 0.46 14.45
CA PHE D 274 -34.00 0.87 13.29
C PHE D 274 -35.49 0.80 13.62
N LEU D 275 -36.21 1.86 13.29
CA LEU D 275 -37.56 2.09 13.77
C LEU D 275 -38.46 2.37 12.57
N ASP D 276 -39.31 1.40 12.26
CA ASP D 276 -40.07 1.41 11.05
C ASP D 276 -41.30 0.55 11.29
N GLY D 277 -42.15 0.95 12.27
CA GLY D 277 -43.38 0.24 12.52
C GLY D 277 -43.11 -1.22 12.78
N GLU D 278 -43.76 -2.13 12.04
CA GLU D 278 -43.59 -3.55 12.33
C GLU D 278 -42.13 -3.94 12.09
N ASN D 279 -41.47 -3.22 11.19
CA ASN D 279 -40.12 -3.51 10.69
C ASN D 279 -39.09 -2.81 11.59
N SER D 280 -39.12 -3.11 12.92
CA SER D 280 -38.32 -2.40 13.88
C SER D 280 -37.40 -3.39 14.57
N TRP D 281 -36.11 -3.00 14.63
CA TRP D 281 -35.09 -3.81 15.23
C TRP D 281 -34.29 -2.99 16.25
N LEU D 282 -34.06 -3.60 17.43
CA LEU D 282 -33.31 -3.00 18.53
C LEU D 282 -32.10 -3.89 18.76
N GLY D 283 -30.92 -3.25 18.79
CA GLY D 283 -29.72 -3.96 19.26
C GLY D 283 -29.51 -3.74 20.74
N ARG D 284 -28.87 -4.69 21.44
CA ARG D 284 -28.39 -4.39 22.73
C ARG D 284 -27.39 -5.44 23.14
N THR D 285 -26.61 -5.12 24.15
CA THR D 285 -25.76 -6.12 24.78
C THR D 285 -26.62 -7.19 25.41
N ILE D 286 -26.10 -8.41 25.47
CA ILE D 286 -26.92 -9.47 26.03
C ILE D 286 -26.92 -9.32 27.54
N SER D 287 -25.73 -9.08 28.12
CA SER D 287 -25.71 -8.71 29.53
C SER D 287 -26.46 -7.39 29.79
N LYS D 288 -27.24 -7.34 30.91
CA LYS D 288 -27.82 -6.09 31.34
C LYS D 288 -26.81 -5.18 32.06
N ASP D 289 -25.72 -5.76 32.54
CA ASP D 289 -24.77 -5.03 33.38
C ASP D 289 -23.54 -4.55 32.61
N SER D 290 -22.99 -5.42 31.76
N SER D 290 -22.97 -5.44 31.79
N SER D 290 -22.98 -5.41 31.76
CA SER D 290 -21.68 -5.26 31.16
CA SER D 290 -21.69 -5.21 31.14
CA SER D 290 -21.72 -5.15 31.11
C SER D 290 -21.81 -5.33 29.62
C SER D 290 -21.85 -5.21 29.61
C SER D 290 -21.88 -5.21 29.59
N ARG D 291 -20.77 -4.74 28.94
CA ARG D 291 -20.70 -4.75 27.52
C ARG D 291 -20.24 -6.15 27.04
N SER D 292 -21.16 -7.08 27.17
CA SER D 292 -20.97 -8.53 26.96
C SER D 292 -22.11 -8.99 26.06
N GLY D 293 -21.76 -9.71 24.99
CA GLY D 293 -22.74 -10.26 24.05
C GLY D 293 -23.33 -9.17 23.23
N TYR D 294 -24.09 -9.53 22.21
CA TYR D 294 -24.87 -8.57 21.42
C TYR D 294 -26.00 -9.35 20.73
N GLU D 295 -27.23 -8.82 20.79
CA GLU D 295 -28.40 -9.46 20.20
C GLU D 295 -29.18 -8.39 19.44
N MET D 296 -29.83 -8.82 18.35
CA MET D 296 -30.76 -8.00 17.60
C MET D 296 -32.16 -8.56 17.90
N LEU D 297 -33.07 -7.70 18.34
CA LEU D 297 -34.41 -8.09 18.66
C LEU D 297 -35.39 -7.36 17.75
N LYS D 298 -36.28 -8.10 17.12
CA LYS D 298 -37.27 -7.50 16.28
C LYS D 298 -38.44 -7.14 17.20
N VAL D 299 -38.70 -5.85 17.34
CA VAL D 299 -39.65 -5.35 18.33
C VAL D 299 -40.63 -4.48 17.56
N PRO D 300 -41.68 -5.07 16.98
CA PRO D 300 -42.68 -4.29 16.23
C PRO D 300 -43.12 -3.07 17.06
N ASN D 301 -43.19 -1.90 16.41
CA ASN D 301 -43.69 -0.68 16.97
C ASN D 301 -42.92 -0.28 18.23
N ALA D 302 -41.64 -0.64 18.31
CA ALA D 302 -40.82 -0.23 19.47
C ALA D 302 -40.86 1.30 19.63
N GLU D 303 -41.03 2.03 18.54
CA GLU D 303 -40.95 3.48 18.61
C GLU D 303 -42.20 4.08 19.26
N THR D 304 -43.36 3.43 19.14
CA THR D 304 -44.67 4.04 19.54
C THR D 304 -45.37 3.28 20.68
N ASP D 305 -45.04 2.00 20.93
CA ASP D 305 -45.83 1.16 21.79
C ASP D 305 -45.03 0.73 23.03
N ILE D 306 -45.47 1.21 24.22
CA ILE D 306 -44.74 0.94 25.44
C ILE D 306 -44.78 -0.54 25.80
N GLN D 307 -45.77 -1.31 25.25
CA GLN D 307 -45.93 -2.74 25.56
C GLN D 307 -45.17 -3.64 24.58
N SER D 308 -44.54 -3.06 23.57
CA SER D 308 -43.92 -3.84 22.54
C SER D 308 -42.74 -4.67 23.08
N GLY D 309 -42.74 -5.95 22.67
CA GLY D 309 -41.77 -6.94 23.05
C GLY D 309 -41.14 -7.60 21.81
N PRO D 310 -40.12 -8.45 21.98
CA PRO D 310 -39.47 -9.09 20.83
C PRO D 310 -40.32 -10.20 20.16
N ILE D 311 -40.33 -10.26 18.82
CA ILE D 311 -40.97 -11.39 18.12
C ILE D 311 -39.92 -12.31 17.50
N SER D 312 -38.68 -11.86 17.48
CA SER D 312 -37.61 -12.68 16.98
C SER D 312 -36.28 -12.10 17.45
N ASN D 313 -35.23 -12.94 17.43
CA ASN D 313 -33.96 -12.49 17.88
C ASN D 313 -32.85 -13.13 17.08
N GLN D 314 -31.73 -12.42 17.01
CA GLN D 314 -30.54 -12.97 16.41
C GLN D 314 -29.34 -12.62 17.28
N VAL D 315 -28.68 -13.67 17.80
CA VAL D 315 -27.45 -13.44 18.56
C VAL D 315 -26.33 -13.04 17.60
N ILE D 316 -25.71 -11.89 17.85
CA ILE D 316 -24.61 -11.40 16.98
C ILE D 316 -23.27 -11.76 17.60
N VAL D 317 -23.19 -11.62 18.90
CA VAL D 317 -22.00 -11.96 19.72
C VAL D 317 -22.51 -12.71 20.94
N ASN D 318 -21.97 -13.91 21.22
CA ASN D 318 -22.48 -14.65 22.33
C ASN D 318 -22.07 -13.91 23.63
N ASN D 319 -22.77 -14.22 24.71
CA ASN D 319 -22.59 -13.57 26.00
C ASN D 319 -21.37 -14.12 26.73
N GLN D 320 -20.52 -14.95 26.08
CA GLN D 320 -19.24 -15.31 26.69
C GLN D 320 -18.14 -14.44 26.08
N ASN D 321 -18.52 -13.45 25.27
CA ASN D 321 -17.58 -12.60 24.56
C ASN D 321 -17.95 -11.14 24.70
N TRP D 322 -16.91 -10.28 24.62
CA TRP D 322 -17.01 -8.88 24.86
C TRP D 322 -17.60 -8.22 23.61
N SER D 323 -18.54 -7.30 23.81
CA SER D 323 -18.96 -6.37 22.78
C SER D 323 -18.43 -4.96 23.12
N GLY D 324 -19.29 -3.96 23.03
CA GLY D 324 -18.89 -2.55 23.05
C GLY D 324 -19.96 -1.74 22.35
N TYR D 325 -19.52 -0.66 21.76
CA TYR D 325 -20.36 0.24 21.04
C TYR D 325 -21.02 -0.47 19.86
N SER D 326 -22.17 0.09 19.42
CA SER D 326 -22.81 -0.33 18.21
C SER D 326 -23.47 0.89 17.57
N GLY D 327 -23.60 0.84 16.24
CA GLY D 327 -24.10 1.97 15.51
C GLY D 327 -24.72 1.58 14.22
N ALA D 328 -25.50 2.51 13.66
CA ALA D 328 -26.15 2.33 12.42
C ALA D 328 -25.35 2.93 11.25
N PHE D 329 -25.48 2.27 10.10
CA PHE D 329 -25.10 2.86 8.81
C PHE D 329 -25.94 2.24 7.72
N ILE D 330 -26.03 2.92 6.58
CA ILE D 330 -26.68 2.36 5.46
C ILE D 330 -25.88 2.66 4.19
N ASP D 331 -25.84 1.67 3.28
CA ASP D 331 -25.31 1.95 1.99
C ASP D 331 -26.42 2.59 1.16
N TYR D 332 -26.53 3.92 1.30
CA TYR D 332 -27.57 4.64 0.59
C TYR D 332 -27.40 4.61 -0.93
N TRP D 333 -26.27 4.09 -1.43
CA TRP D 333 -25.98 4.08 -2.86
C TRP D 333 -26.07 2.67 -3.43
N ALA D 334 -26.67 1.74 -2.68
CA ALA D 334 -26.92 0.33 -3.16
C ALA D 334 -27.92 0.36 -4.31
N ASN D 335 -27.89 -0.67 -5.16
CA ASN D 335 -28.80 -0.77 -6.29
C ASN D 335 -30.03 -1.51 -5.79
N LYS D 336 -30.81 -0.87 -4.94
N LYS D 336 -30.79 -0.87 -4.90
CA LYS D 336 -31.99 -1.42 -4.34
CA LYS D 336 -32.05 -1.35 -4.35
C LYS D 336 -33.06 -0.31 -4.31
C LYS D 336 -33.06 -0.21 -4.39
N GLU D 337 -34.32 -0.69 -4.27
N GLU D 337 -34.35 -0.53 -4.32
CA GLU D 337 -35.42 0.27 -4.26
CA GLU D 337 -35.37 0.49 -4.25
C GLU D 337 -35.71 0.75 -2.82
C GLU D 337 -35.75 0.79 -2.78
N CYS D 338 -35.02 0.15 -1.84
CA CYS D 338 -35.14 0.50 -0.42
C CYS D 338 -33.73 0.63 0.15
N PHE D 339 -33.65 1.37 1.27
CA PHE D 339 -32.47 1.52 2.04
C PHE D 339 -32.34 0.38 3.06
N ASN D 340 -31.25 -0.38 2.96
CA ASN D 340 -31.17 -1.60 3.78
C ASN D 340 -30.39 -1.31 5.06
N PRO D 341 -31.00 -1.46 6.26
CA PRO D 341 -30.25 -1.29 7.51
C PRO D 341 -28.97 -2.13 7.60
N CYS D 342 -27.90 -1.48 8.05
CA CYS D 342 -26.69 -2.14 8.53
C CYS D 342 -26.33 -1.65 9.91
N PHE D 343 -25.55 -2.45 10.64
CA PHE D 343 -25.00 -2.01 11.87
C PHE D 343 -23.63 -2.64 12.08
N TYR D 344 -22.89 -2.11 13.04
CA TYR D 344 -21.67 -2.66 13.47
C TYR D 344 -21.70 -2.84 14.98
N VAL D 345 -20.87 -3.79 15.47
CA VAL D 345 -20.57 -3.94 16.84
C VAL D 345 -19.07 -3.78 17.03
N GLU D 346 -18.73 -2.91 17.97
CA GLU D 346 -17.35 -2.80 18.44
C GLU D 346 -17.11 -3.95 19.42
N LEU D 347 -16.03 -4.68 19.16
CA LEU D 347 -15.62 -5.81 19.99
C LEU D 347 -14.40 -5.40 20.82
N ILE D 348 -14.65 -4.90 22.04
CA ILE D 348 -13.59 -4.32 22.86
C ILE D 348 -12.78 -5.44 23.52
N ARG D 349 -11.47 -5.39 23.38
CA ARG D 349 -10.57 -6.29 24.08
C ARG D 349 -9.68 -5.49 25.01
N GLY D 350 -9.17 -6.14 26.07
CA GLY D 350 -8.29 -5.46 26.98
C GLY D 350 -9.06 -4.71 28.06
N ARG D 351 -8.50 -3.60 28.54
CA ARG D 351 -9.01 -3.00 29.79
C ARG D 351 -10.35 -2.33 29.57
N PRO D 352 -11.23 -2.28 30.60
CA PRO D 352 -10.94 -2.79 31.93
C PRO D 352 -11.31 -4.24 32.17
N LYS D 353 -12.08 -4.85 31.26
CA LYS D 353 -12.64 -6.19 31.53
C LYS D 353 -11.55 -7.25 31.53
N GLU D 354 -10.50 -7.05 30.73
CA GLU D 354 -9.38 -7.97 30.64
C GLU D 354 -8.12 -7.26 31.11
N SER D 355 -7.86 -7.32 32.41
CA SER D 355 -6.81 -6.43 32.89
C SER D 355 -5.45 -7.12 32.93
N SER D 356 -5.30 -8.32 32.34
CA SER D 356 -3.99 -8.98 32.24
C SER D 356 -3.11 -8.29 31.16
N VAL D 357 -3.67 -7.33 30.42
CA VAL D 357 -2.94 -6.53 29.42
C VAL D 357 -3.08 -5.06 29.78
N LEU D 358 -2.20 -4.23 29.20
CA LEU D 358 -2.07 -2.80 29.59
C LEU D 358 -2.91 -1.91 28.68
N TRP D 359 -3.50 -2.49 27.63
CA TRP D 359 -4.10 -1.76 26.54
C TRP D 359 -5.61 -1.98 26.52
N THR D 360 -6.23 -1.13 25.72
CA THR D 360 -7.63 -1.25 25.34
C THR D 360 -7.73 -1.04 23.82
N SER D 361 -8.31 -2.00 23.10
CA SER D 361 -8.57 -1.80 21.68
C SER D 361 -9.87 -2.51 21.30
N ASN D 362 -10.10 -2.70 20.01
CA ASN D 362 -11.26 -3.32 19.56
C ASN D 362 -11.07 -3.93 18.17
N SER D 363 -11.99 -4.80 17.78
CA SER D 363 -12.16 -5.15 16.39
C SER D 363 -13.61 -4.81 15.99
N ILE D 364 -13.96 -5.07 14.74
CA ILE D 364 -15.24 -4.69 14.19
C ILE D 364 -15.90 -5.92 13.53
N VAL D 365 -17.21 -6.06 13.75
CA VAL D 365 -18.09 -6.83 12.90
C VAL D 365 -19.24 -5.93 12.47
N ALA D 366 -19.66 -6.11 11.24
CA ALA D 366 -20.80 -5.42 10.64
C ALA D 366 -21.71 -6.40 9.90
N LEU D 367 -23.04 -6.14 9.97
CA LEU D 367 -24.07 -6.98 9.35
C LEU D 367 -25.11 -6.05 8.72
N CYS D 368 -25.84 -6.54 7.73
CA CYS D 368 -26.87 -5.80 7.13
C CYS D 368 -28.11 -6.68 7.06
N GLY D 369 -29.24 -6.05 6.78
CA GLY D 369 -30.51 -6.74 6.77
C GLY D 369 -30.61 -7.75 5.63
N SER D 370 -31.37 -8.82 5.87
CA SER D 370 -31.88 -9.68 4.82
C SER D 370 -33.40 -9.84 4.99
N LYS D 371 -34.12 -9.97 3.89
CA LYS D 371 -35.54 -10.38 3.96
C LYS D 371 -35.70 -11.88 4.26
N LYS D 372 -34.65 -12.66 3.96
CA LYS D 372 -34.64 -14.09 4.25
C LYS D 372 -34.46 -14.33 5.75
N ARG D 373 -34.65 -15.59 6.12
CA ARG D 373 -34.42 -16.13 7.46
C ARG D 373 -33.08 -16.85 7.44
N LEU D 374 -32.02 -16.11 7.70
CA LEU D 374 -30.71 -16.67 7.67
C LEU D 374 -30.33 -17.20 9.04
N GLY D 375 -29.60 -18.31 9.03
CA GLY D 375 -28.91 -18.83 10.15
C GLY D 375 -27.94 -17.85 10.71
N SER D 376 -27.58 -18.02 11.97
CA SER D 376 -26.65 -17.13 12.58
C SER D 376 -25.63 -17.88 13.41
N TRP D 377 -24.50 -17.21 13.63
CA TRP D 377 -23.57 -17.61 14.67
C TRP D 377 -22.94 -16.36 15.28
N SER D 378 -22.12 -16.58 16.31
CA SER D 378 -21.45 -15.58 17.04
C SER D 378 -20.22 -15.11 16.25
N TRP D 379 -20.13 -13.80 16.07
CA TRP D 379 -18.99 -13.10 15.45
C TRP D 379 -18.15 -12.35 16.48
N HIS D 380 -17.71 -13.05 17.50
CA HIS D 380 -16.88 -12.49 18.51
C HIS D 380 -15.48 -12.19 17.94
N ASP D 381 -14.69 -11.46 18.73
CA ASP D 381 -13.46 -10.95 18.29
C ASP D 381 -12.51 -12.07 17.84
N GLY D 382 -12.31 -13.06 18.71
CA GLY D 382 -11.63 -14.33 18.42
C GLY D 382 -10.13 -14.29 18.74
N ALA D 383 -9.65 -13.22 19.40
CA ALA D 383 -8.31 -13.23 19.92
C ALA D 383 -8.27 -13.94 21.27
N GLU D 384 -7.12 -14.54 21.53
N GLU D 384 -7.07 -14.37 21.63
CA GLU D 384 -6.79 -15.15 22.75
CA GLU D 384 -6.77 -15.18 22.77
C GLU D 384 -5.97 -14.14 23.57
C GLU D 384 -5.90 -14.33 23.70
N ILE D 385 -6.55 -13.69 24.70
CA ILE D 385 -5.86 -12.68 25.52
C ILE D 385 -4.56 -13.26 26.08
N ILE D 386 -4.49 -14.57 26.33
CA ILE D 386 -3.29 -15.15 26.90
C ILE D 386 -2.08 -14.93 25.96
N TYR D 387 -2.34 -14.85 24.65
CA TYR D 387 -1.21 -14.64 23.75
C TYR D 387 -0.54 -13.26 23.93
N PHE D 388 -1.25 -12.33 24.57
CA PHE D 388 -0.81 -10.96 24.76
C PHE D 388 -0.22 -10.78 26.16
N GLU D 389 -0.22 -11.83 26.96
CA GLU D 389 0.38 -11.80 28.33
C GLU D 389 1.84 -12.19 28.23
#